data_5HJO
#
_entry.id   5HJO
#
_cell.length_a   127.050
_cell.length_b   176.440
_cell.length_c   103.480
_cell.angle_alpha   90.00
_cell.angle_beta   90.00
_cell.angle_gamma   90.00
#
_symmetry.space_group_name_H-M   'P 21 21 21'
#
loop_
_entity.id
_entity.type
_entity.pdbx_description
1 polymer 'Neutral alpha-glucosidase AB'
2 polymer 'Glucosidase 2 subunit beta'
3 branched alpha-D-mannopyranose-(1-3)-beta-D-mannopyranose-(1-4)-2-acetamido-2-deoxy-beta-D-glucopyranose-(1-4)-2-acetamido-2-deoxy-beta-D-glucopyranose
4 branched 2-deoxy-alpha-D-arabino-hexopyranose-(1-3)-D-glucal
5 non-polymer 'ACETATE ION'
6 non-polymer 1,2-ETHANEDIOL
7 non-polymer 'FORMIC ACID'
8 non-polymer D-glucal
9 non-polymer 'CALCIUM ION'
10 water water
#
loop_
_entity_poly.entity_id
_entity_poly.type
_entity_poly.pdbx_seq_one_letter_code
_entity_poly.pdbx_strand_id
1 'polypeptide(L)'
;VDRSNFKTCDESSFCKRQRSIRPGLSPYRALLDTLQLGPDALTVHLIHEVTKVLLVLELQGLQKNMTRIRIDELEPRRPR
YRVPDVLVADPPTARLSVSGRDDNSVELTVAEGPYKIILTAQPFRLDLLEDRSLLLSVNARGLMAFEHQRAPREPGAWEE
TFKTHSDSKPYGPTSVGLDFSLPGMEHVYGIPEHADSLRLKVTEGGEPYRLYNLDVFQYELNNPMALYGSVPVLLAHSFH
RDLGIFWLNAAETWVDISSNTPQTDIRWMSESGIIDVFLMLGPSVFDVFRQYASLTGTQALPPLFSLGYHQSRWNYRDEA
DVLEVDQGFDDHNMPCDVIWLDIEHADGKRYFTWDPTRFPQPLNMLEHLASKRRKLVAIVDPHIKVDSGYRVHEELRNHG
LYVKTRDGSDYEGWCWPGSASYPDFTNPRMRAWWSNMFSFDNYEGSAPNLYVWNDMNEPSVFNGPEVTMLKDAVHYGGWE
HRDIHNIYGLYVHMATADGLIQRSGGIERPFVLSRAFFSGSQRFGAVWTGDNTAEWDHLKISIPMCLSLALVGLSFCGAD
VGGFFKNPEPELLVRWYQMGAYQPFFRAHAHLDTGRREPWLLASQYQDAIRDALFQRYSLLPFWYTLFYQAHKEGFPVMR
PLWVQYPEDMSTFSIEDQFMLGDALLIHPVSDAGAHGVQVYLPGQEEVWYDIQSYQKHHGPQTLYLPVTLSSIPVFQRGG
TIVPRWMRVRRSSDCMKDDPITLFVALSPQGTAQGELFLDDGHTFNYQTRHEFLLRRFSFSGSTLVSSSADPKGHLETPI
WIERVVIMGAGKPAAVVLQTKGSPESRLSFQHDPETSVLILRKPGVSVASDWSIHLR
;
A,C
2 'polypeptide(L)'
;KPFTCLDGTATIPFDQVNDDYCDCKDGSDEPGTAACPNGSFHCTNTGYKPLYILSSRVNDGVCDCCDGTDEYNSGTVCEN
TCR
;
B,D
#
# COMPACT_ATOMS: atom_id res chain seq x y z
N VAL A 1 -18.04 -9.03 -16.33
CA VAL A 1 -18.99 -9.68 -15.43
C VAL A 1 -19.11 -11.19 -15.72
N ASP A 2 -19.31 -11.98 -14.65
CA ASP A 2 -19.57 -13.42 -14.75
C ASP A 2 -21.09 -13.54 -14.59
N ARG A 3 -21.84 -13.60 -15.71
CA ARG A 3 -23.30 -13.67 -15.67
C ARG A 3 -23.84 -14.91 -14.98
N SER A 4 -23.07 -16.01 -14.97
CA SER A 4 -23.51 -17.25 -14.33
C SER A 4 -23.66 -17.10 -12.81
N ASN A 5 -23.02 -16.08 -12.18
CA ASN A 5 -23.11 -15.82 -10.72
C ASN A 5 -24.42 -15.15 -10.34
N PHE A 6 -25.21 -14.66 -11.32
CA PHE A 6 -26.43 -13.92 -11.08
C PHE A 6 -27.60 -14.56 -11.80
N LYS A 7 -28.71 -14.69 -11.12
CA LYS A 7 -29.90 -15.34 -11.67
C LYS A 7 -30.55 -14.56 -12.77
N THR A 8 -30.93 -15.26 -13.83
CA THR A 8 -31.79 -14.75 -14.88
C THR A 8 -33.21 -15.03 -14.36
N CYS A 9 -34.23 -14.49 -15.01
CA CYS A 9 -35.60 -14.73 -14.56
C CYS A 9 -35.94 -16.21 -14.48
N ASP A 10 -35.50 -17.01 -15.45
CA ASP A 10 -35.75 -18.45 -15.43
C ASP A 10 -35.12 -19.19 -14.22
N GLU A 11 -34.05 -18.60 -13.62
CA GLU A 11 -33.35 -19.14 -12.46
C GLU A 11 -33.88 -18.67 -11.11
N SER A 12 -34.82 -17.74 -11.12
CA SER A 12 -35.50 -17.25 -9.94
C SER A 12 -36.89 -17.87 -10.05
N SER A 13 -37.20 -18.89 -9.23
CA SER A 13 -38.47 -19.62 -9.40
C SER A 13 -39.68 -18.74 -9.38
N PHE A 14 -39.73 -17.75 -8.49
CA PHE A 14 -40.89 -16.87 -8.44
C PHE A 14 -41.02 -16.04 -9.71
N CYS A 15 -39.88 -15.60 -10.30
CA CYS A 15 -39.94 -14.82 -11.55
C CYS A 15 -40.47 -15.71 -12.65
N LYS A 16 -39.95 -16.94 -12.74
CA LYS A 16 -40.38 -17.89 -13.76
C LYS A 16 -41.87 -18.19 -13.62
N ARG A 17 -42.37 -18.41 -12.39
CA ARG A 17 -43.81 -18.65 -12.17
C ARG A 17 -44.65 -17.46 -12.59
N GLN A 18 -44.29 -16.25 -12.14
CA GLN A 18 -45.06 -15.05 -12.48
C GLN A 18 -45.00 -14.78 -13.97
N ARG A 19 -43.80 -14.80 -14.56
CA ARG A 19 -43.64 -14.48 -15.98
C ARG A 19 -44.31 -15.51 -16.91
N SER A 20 -44.52 -16.75 -16.46
CA SER A 20 -45.22 -17.76 -17.26
C SER A 20 -46.71 -17.42 -17.47
N ILE A 21 -47.29 -16.54 -16.62
CA ILE A 21 -48.68 -16.13 -16.78
C ILE A 21 -48.67 -15.15 -17.95
N ARG A 22 -49.47 -15.44 -18.96
CA ARG A 22 -49.53 -14.62 -20.16
C ARG A 22 -50.84 -13.86 -20.22
N PRO A 23 -50.91 -12.77 -21.00
CA PRO A 23 -52.16 -12.00 -21.06
C PRO A 23 -53.40 -12.85 -21.31
N GLY A 24 -54.50 -12.47 -20.66
CA GLY A 24 -55.75 -13.20 -20.76
C GLY A 24 -56.78 -12.66 -19.80
N LEU A 25 -57.83 -13.45 -19.59
CA LEU A 25 -58.91 -13.09 -18.69
C LEU A 25 -58.43 -13.39 -17.29
N SER A 26 -58.44 -12.38 -16.42
CA SER A 26 -57.96 -12.57 -15.06
C SER A 26 -58.89 -13.50 -14.28
N PRO A 27 -58.36 -14.46 -13.48
CA PRO A 27 -59.25 -15.23 -12.61
C PRO A 27 -59.74 -14.45 -11.39
N TYR A 28 -59.23 -13.22 -11.15
CA TYR A 28 -59.66 -12.41 -10.02
C TYR A 28 -60.91 -11.62 -10.35
N ARG A 29 -61.83 -11.58 -9.39
CA ARG A 29 -63.03 -10.75 -9.48
C ARG A 29 -63.32 -10.09 -8.14
N ALA A 30 -63.85 -8.87 -8.17
CA ALA A 30 -64.22 -8.13 -6.96
C ALA A 30 -65.62 -8.57 -6.56
N LEU A 31 -65.85 -8.79 -5.26
CA LEU A 31 -67.15 -9.18 -4.73
C LEU A 31 -67.80 -7.88 -4.24
N LEU A 32 -68.59 -7.24 -5.12
CA LEU A 32 -69.14 -5.91 -4.82
C LEU A 32 -70.09 -5.85 -3.63
N ASP A 33 -70.67 -6.97 -3.17
CA ASP A 33 -71.49 -6.99 -1.97
C ASP A 33 -70.64 -6.70 -0.72
N THR A 34 -69.31 -6.98 -0.78
CA THR A 34 -68.37 -6.73 0.32
C THR A 34 -67.78 -5.31 0.30
N LEU A 35 -68.14 -4.48 -0.69
CA LEU A 35 -67.63 -3.12 -0.81
C LEU A 35 -68.01 -2.26 0.38
N GLN A 36 -67.01 -1.59 0.98
CA GLN A 36 -67.21 -0.67 2.09
C GLN A 36 -66.49 0.62 1.75
N LEU A 37 -67.15 1.75 1.93
CA LEU A 37 -66.59 3.03 1.62
C LEU A 37 -66.60 3.94 2.83
N GLY A 38 -65.42 4.44 3.18
CA GLY A 38 -65.21 5.37 4.28
C GLY A 38 -64.59 6.65 3.76
N PRO A 39 -64.38 7.64 4.63
CA PRO A 39 -63.77 8.91 4.16
C PRO A 39 -62.32 8.79 3.68
N ASP A 40 -61.56 7.79 4.20
CA ASP A 40 -60.15 7.57 3.85
C ASP A 40 -59.91 6.47 2.81
N ALA A 41 -60.78 5.47 2.71
CA ALA A 41 -60.56 4.36 1.78
C ALA A 41 -61.81 3.65 1.36
N LEU A 42 -61.70 2.93 0.25
CA LEU A 42 -62.69 1.99 -0.22
C LEU A 42 -62.04 0.64 -0.03
N THR A 43 -62.75 -0.34 0.55
CA THR A 43 -62.24 -1.70 0.67
C THR A 43 -63.22 -2.65 0.03
N VAL A 44 -62.73 -3.71 -0.57
CA VAL A 44 -63.57 -4.71 -1.22
C VAL A 44 -62.79 -6.00 -1.30
N HIS A 45 -63.49 -7.12 -1.18
CA HIS A 45 -62.85 -8.42 -1.26
C HIS A 45 -62.70 -8.80 -2.73
N LEU A 46 -61.59 -9.47 -3.05
CA LEU A 46 -61.33 -10.04 -4.37
C LEU A 46 -61.24 -11.53 -4.17
N ILE A 47 -61.64 -12.32 -5.15
CA ILE A 47 -61.52 -13.76 -5.04
C ILE A 47 -60.88 -14.33 -6.30
N HIS A 48 -60.01 -15.34 -6.15
CA HIS A 48 -59.44 -16.07 -7.29
C HIS A 48 -60.49 -17.13 -7.63
N GLU A 49 -61.00 -17.13 -8.86
CA GLU A 49 -62.09 -18.04 -9.24
C GLU A 49 -61.76 -19.54 -9.14
N VAL A 50 -60.51 -19.95 -9.27
CA VAL A 50 -60.14 -21.36 -9.21
C VAL A 50 -59.82 -21.77 -7.78
N THR A 51 -58.88 -21.07 -7.13
CA THR A 51 -58.42 -21.45 -5.78
C THR A 51 -59.37 -21.03 -4.67
N LYS A 52 -60.22 -20.04 -4.93
CA LYS A 52 -61.18 -19.46 -3.98
C LYS A 52 -60.49 -18.66 -2.87
N VAL A 53 -59.20 -18.29 -3.06
CA VAL A 53 -58.46 -17.48 -2.08
C VAL A 53 -59.07 -16.11 -2.07
N LEU A 54 -59.25 -15.53 -0.87
CA LEU A 54 -59.82 -14.20 -0.71
C LEU A 54 -58.73 -13.21 -0.39
N LEU A 55 -58.75 -12.08 -1.11
CA LEU A 55 -57.82 -10.98 -0.90
C LEU A 55 -58.65 -9.78 -0.57
N VAL A 56 -58.01 -8.75 -0.02
CA VAL A 56 -58.66 -7.48 0.28
C VAL A 56 -57.95 -6.40 -0.51
N LEU A 57 -58.71 -5.61 -1.27
CA LEU A 57 -58.25 -4.43 -1.97
C LEU A 57 -58.56 -3.20 -1.09
N GLU A 58 -57.56 -2.37 -0.77
CA GLU A 58 -57.76 -1.10 -0.08
C GLU A 58 -57.35 -0.04 -1.11
N LEU A 59 -58.36 0.67 -1.64
CA LEU A 59 -58.23 1.65 -2.69
C LEU A 59 -58.39 3.03 -2.09
N GLN A 60 -57.44 3.94 -2.33
CA GLN A 60 -57.53 5.26 -1.77
C GLN A 60 -57.19 6.35 -2.74
N GLY A 61 -58.00 7.38 -2.73
CA GLY A 61 -57.72 8.62 -3.41
C GLY A 61 -56.81 9.35 -2.45
N LEU A 62 -55.85 10.08 -2.97
CA LEU A 62 -54.94 10.86 -2.12
C LEU A 62 -54.86 12.27 -2.60
N GLN A 63 -54.51 13.16 -1.68
CA GLN A 63 -54.28 14.56 -2.02
C GLN A 63 -53.09 14.61 -2.99
N LYS A 64 -53.04 15.67 -3.79
CA LYS A 64 -51.99 15.94 -4.77
C LYS A 64 -52.04 14.96 -5.93
N ASN A 65 -53.24 14.61 -6.41
CA ASN A 65 -53.40 13.79 -7.62
C ASN A 65 -52.74 12.42 -7.59
N MET A 66 -52.90 11.69 -6.50
CA MET A 66 -52.36 10.34 -6.42
C MET A 66 -53.47 9.37 -6.01
N THR A 67 -53.19 8.09 -6.24
CA THR A 67 -54.07 7.00 -5.86
C THR A 67 -53.20 5.91 -5.29
N ARG A 68 -53.63 5.29 -4.21
CA ARG A 68 -52.90 4.17 -3.60
C ARG A 68 -53.74 2.92 -3.71
N ILE A 69 -53.10 1.83 -4.11
CA ILE A 69 -53.71 0.53 -4.20
C ILE A 69 -52.91 -0.44 -3.34
N ARG A 70 -53.57 -1.09 -2.38
CA ARG A 70 -52.97 -2.08 -1.54
C ARG A 70 -53.80 -3.34 -1.58
N ILE A 71 -53.18 -4.49 -1.85
CA ILE A 71 -53.85 -5.77 -1.88
C ILE A 71 -53.10 -6.72 -0.96
N ASP A 72 -53.83 -7.41 -0.08
CA ASP A 72 -53.26 -8.37 0.86
C ASP A 72 -54.27 -9.49 1.00
N GLU A 73 -53.84 -10.61 1.58
CA GLU A 73 -54.73 -11.74 1.86
C GLU A 73 -55.75 -11.34 2.93
N LEU A 74 -57.00 -11.82 2.79
CA LEU A 74 -58.03 -11.51 3.78
C LEU A 74 -57.74 -12.23 5.10
N GLU A 75 -57.35 -13.51 5.05
CA GLU A 75 -57.06 -14.29 6.24
C GLU A 75 -55.72 -15.01 6.07
N PRO A 76 -54.59 -14.28 6.24
CA PRO A 76 -53.28 -14.92 6.04
C PRO A 76 -52.85 -15.83 7.19
N ARG A 77 -52.07 -16.85 6.86
CA ARG A 77 -51.45 -17.76 7.84
C ARG A 77 -50.53 -16.96 8.74
N ARG A 78 -49.83 -16.00 8.16
CA ARG A 78 -48.96 -15.09 8.89
C ARG A 78 -48.91 -13.74 8.21
N PRO A 79 -48.71 -12.65 8.94
CA PRO A 79 -48.70 -11.32 8.29
C PRO A 79 -47.65 -11.18 7.20
N ARG A 80 -47.99 -10.46 6.15
CA ARG A 80 -47.06 -10.16 5.04
C ARG A 80 -46.33 -8.87 5.34
N TYR A 81 -45.13 -8.75 4.82
CA TYR A 81 -44.30 -7.57 5.03
C TYR A 81 -44.91 -6.33 4.37
N ARG A 82 -44.84 -5.20 5.08
CA ARG A 82 -45.24 -3.88 4.59
C ARG A 82 -44.03 -3.01 4.84
N VAL A 83 -43.52 -2.33 3.81
CA VAL A 83 -42.25 -1.61 3.92
C VAL A 83 -42.29 -0.46 4.92
N PRO A 84 -41.48 -0.53 5.97
CA PRO A 84 -41.40 0.58 6.92
C PRO A 84 -40.32 1.59 6.57
N ASP A 85 -40.34 2.76 7.24
CA ASP A 85 -39.32 3.82 7.21
C ASP A 85 -38.99 4.47 5.86
N VAL A 86 -39.72 4.16 4.80
CA VAL A 86 -39.49 4.77 3.50
C VAL A 86 -40.41 5.98 3.34
N LEU A 87 -41.70 5.78 3.67
CA LEU A 87 -42.68 6.86 3.63
C LEU A 87 -42.38 7.82 4.78
N VAL A 88 -42.40 9.14 4.51
CA VAL A 88 -42.10 10.16 5.54
C VAL A 88 -43.31 10.54 6.38
N ALA A 89 -44.50 10.20 5.90
CA ALA A 89 -45.75 10.50 6.60
C ALA A 89 -46.83 9.58 6.10
N ASP A 90 -47.97 9.58 6.80
CA ASP A 90 -49.14 8.82 6.37
C ASP A 90 -49.79 9.76 5.35
N PRO A 91 -49.81 9.39 4.06
CA PRO A 91 -50.25 10.36 3.04
C PRO A 91 -51.66 10.90 3.22
N PRO A 92 -51.87 12.24 3.17
CA PRO A 92 -53.24 12.76 3.29
C PRO A 92 -54.16 12.22 2.21
N THR A 93 -55.35 11.75 2.61
CA THR A 93 -56.30 11.16 1.68
C THR A 93 -57.27 12.17 1.06
N ALA A 94 -57.97 11.72 0.02
CA ALA A 94 -59.03 12.44 -0.66
C ALA A 94 -60.22 11.47 -0.70
N ARG A 95 -61.44 11.98 -0.43
CA ARG A 95 -62.63 11.15 -0.33
C ARG A 95 -63.09 10.60 -1.67
N LEU A 96 -63.45 9.32 -1.71
CA LEU A 96 -64.01 8.69 -2.90
C LEU A 96 -65.53 8.69 -2.75
N SER A 97 -66.26 9.14 -3.77
CA SER A 97 -67.72 9.16 -3.79
C SER A 97 -68.20 8.29 -4.94
N VAL A 98 -69.22 7.47 -4.70
CA VAL A 98 -69.79 6.66 -5.78
C VAL A 98 -70.60 7.58 -6.72
N SER A 99 -70.17 7.73 -7.98
CA SER A 99 -70.90 8.55 -8.96
C SER A 99 -71.63 7.69 -10.01
N GLY A 100 -71.45 6.38 -9.93
CA GLY A 100 -72.10 5.42 -10.84
C GLY A 100 -71.92 4.01 -10.33
N ARG A 101 -72.92 3.16 -10.55
CA ARG A 101 -72.85 1.79 -10.05
C ARG A 101 -73.82 0.87 -10.77
N ASP A 102 -73.36 -0.32 -11.19
CA ASP A 102 -74.20 -1.35 -11.79
C ASP A 102 -73.78 -2.71 -11.21
N ASP A 103 -74.23 -3.83 -11.81
CA ASP A 103 -73.89 -5.15 -11.27
C ASP A 103 -72.44 -5.53 -11.48
N ASN A 104 -71.72 -4.90 -12.44
CA ASN A 104 -70.32 -5.24 -12.68
C ASN A 104 -69.34 -4.07 -12.58
N SER A 105 -69.78 -2.89 -12.16
CA SER A 105 -68.88 -1.74 -12.14
C SER A 105 -69.28 -0.69 -11.13
N VAL A 106 -68.29 0.03 -10.61
CA VAL A 106 -68.49 1.14 -9.68
C VAL A 106 -67.60 2.26 -10.17
N GLU A 107 -68.17 3.47 -10.34
CA GLU A 107 -67.42 4.64 -10.76
C GLU A 107 -67.27 5.50 -9.53
N LEU A 108 -66.03 5.91 -9.21
CA LEU A 108 -65.75 6.70 -8.02
C LEU A 108 -65.18 8.02 -8.44
N THR A 109 -65.60 9.10 -7.78
CA THR A 109 -65.08 10.43 -8.04
C THR A 109 -64.17 10.72 -6.89
N VAL A 110 -63.01 11.33 -7.17
CA VAL A 110 -62.04 11.69 -6.17
C VAL A 110 -62.37 13.11 -5.76
N ALA A 111 -62.67 13.33 -4.47
CA ALA A 111 -63.03 14.65 -3.93
C ALA A 111 -64.14 15.28 -4.81
N GLU A 112 -63.95 16.51 -5.35
CA GLU A 112 -64.94 17.16 -6.21
C GLU A 112 -64.55 17.07 -7.69
N GLY A 113 -63.77 16.05 -8.05
CA GLY A 113 -63.31 15.89 -9.42
C GLY A 113 -62.07 16.72 -9.70
N PRO A 114 -61.50 16.63 -10.91
CA PRO A 114 -61.94 15.86 -12.10
C PRO A 114 -61.52 14.40 -12.16
N TYR A 115 -60.73 13.91 -11.19
CA TYR A 115 -60.26 12.53 -11.25
C TYR A 115 -61.33 11.55 -10.87
N LYS A 116 -61.34 10.41 -11.59
CA LYS A 116 -62.30 9.34 -11.36
C LYS A 116 -61.61 8.00 -11.46
N ILE A 117 -62.16 7.01 -10.75
CA ILE A 117 -61.67 5.64 -10.76
C ILE A 117 -62.83 4.72 -11.09
N ILE A 118 -62.66 3.85 -12.09
CA ILE A 118 -63.67 2.86 -12.42
C ILE A 118 -63.17 1.52 -11.94
N LEU A 119 -63.91 0.90 -11.02
CA LEU A 119 -63.65 -0.46 -10.54
C LEU A 119 -64.58 -1.41 -11.31
N THR A 120 -64.01 -2.33 -12.09
CA THR A 120 -64.79 -3.35 -12.78
C THR A 120 -64.65 -4.61 -11.93
N ALA A 121 -65.78 -5.26 -11.64
CA ALA A 121 -65.78 -6.45 -10.82
C ALA A 121 -65.26 -7.68 -11.51
N GLN A 122 -65.76 -8.00 -12.71
CA GLN A 122 -65.38 -9.23 -13.40
C GLN A 122 -65.05 -9.00 -14.88
N PRO A 123 -63.79 -9.27 -15.29
CA PRO A 123 -62.61 -9.56 -14.47
C PRO A 123 -62.20 -8.29 -13.70
N PHE A 124 -61.55 -8.46 -12.56
CA PHE A 124 -61.10 -7.33 -11.74
C PHE A 124 -60.22 -6.37 -12.55
N ARG A 125 -60.55 -5.09 -12.53
CA ARG A 125 -59.81 -4.06 -13.25
C ARG A 125 -60.02 -2.72 -12.55
N LEU A 126 -59.04 -1.82 -12.64
CA LEU A 126 -59.17 -0.44 -12.22
C LEU A 126 -58.77 0.45 -13.38
N ASP A 127 -59.55 1.49 -13.65
CA ASP A 127 -59.24 2.49 -14.68
C ASP A 127 -59.17 3.83 -13.99
N LEU A 128 -58.11 4.60 -14.25
CA LEU A 128 -57.94 5.92 -13.65
C LEU A 128 -58.07 6.96 -14.74
N LEU A 129 -58.98 7.92 -14.58
CA LEU A 129 -59.22 8.95 -15.57
C LEU A 129 -59.17 10.34 -14.96
N GLU A 130 -58.98 11.34 -15.82
CA GLU A 130 -59.15 12.75 -15.50
C GLU A 130 -60.27 13.13 -16.45
N ASP A 131 -61.47 13.41 -15.91
CA ASP A 131 -62.65 13.70 -16.70
C ASP A 131 -62.91 12.51 -17.66
N ARG A 132 -62.78 12.69 -18.98
CA ARG A 132 -63.01 11.61 -19.94
C ARG A 132 -61.70 11.05 -20.51
N SER A 133 -60.53 11.50 -19.99
CA SER A 133 -59.22 11.06 -20.46
C SER A 133 -58.74 9.89 -19.62
N LEU A 134 -58.59 8.72 -20.22
CA LEU A 134 -58.10 7.53 -19.53
C LEU A 134 -56.58 7.70 -19.38
N LEU A 135 -56.10 7.68 -18.12
CA LEU A 135 -54.68 7.84 -17.81
C LEU A 135 -53.95 6.52 -17.67
N LEU A 136 -54.56 5.58 -16.95
CA LEU A 136 -53.95 4.30 -16.67
C LEU A 136 -54.97 3.24 -16.31
N SER A 137 -54.69 1.98 -16.65
CA SER A 137 -55.50 0.84 -16.29
C SER A 137 -54.63 -0.12 -15.47
N VAL A 138 -55.25 -0.86 -14.57
CA VAL A 138 -54.60 -1.82 -13.68
C VAL A 138 -55.23 -3.17 -13.94
N ASN A 139 -54.40 -4.19 -14.16
CA ASN A 139 -54.82 -5.55 -14.49
C ASN A 139 -55.51 -5.67 -15.86
N ALA A 140 -55.24 -4.75 -16.79
CA ALA A 140 -55.83 -4.76 -18.12
C ALA A 140 -55.48 -6.01 -18.92
N ARG A 141 -54.26 -6.54 -18.74
CA ARG A 141 -53.81 -7.78 -19.42
C ARG A 141 -54.02 -9.03 -18.56
N GLY A 142 -54.70 -8.89 -17.43
CA GLY A 142 -55.01 -9.98 -16.52
C GLY A 142 -53.81 -10.67 -15.94
N LEU A 143 -52.73 -9.91 -15.66
CA LEU A 143 -51.49 -10.49 -15.15
C LEU A 143 -51.35 -10.42 -13.65
N MET A 144 -52.39 -9.91 -12.93
CA MET A 144 -52.36 -9.92 -11.47
C MET A 144 -52.14 -11.35 -11.00
N ALA A 145 -51.23 -11.53 -10.03
CA ALA A 145 -50.93 -12.84 -9.49
C ALA A 145 -50.52 -12.68 -8.04
N PHE A 146 -51.26 -13.32 -7.14
CA PHE A 146 -51.00 -13.21 -5.71
C PHE A 146 -50.92 -14.60 -5.18
N GLU A 147 -49.70 -15.09 -4.96
CA GLU A 147 -49.51 -16.43 -4.45
C GLU A 147 -49.81 -16.43 -2.96
N HIS A 148 -50.92 -17.03 -2.54
CA HIS A 148 -51.29 -17.06 -1.11
C HIS A 148 -50.31 -17.94 -0.33
N GLN A 149 -50.16 -17.65 0.97
CA GLN A 149 -49.28 -18.43 1.84
C GLN A 149 -49.91 -19.81 2.11
N ARG A 150 -49.23 -20.87 1.65
CA ARG A 150 -49.68 -22.26 1.81
C ARG A 150 -49.15 -22.83 3.14
N ALA A 151 -49.65 -24.02 3.58
CA ALA A 151 -49.20 -24.65 4.83
C ALA A 151 -47.66 -24.86 4.87
N GLU A 154 -44.20 -27.83 -9.83
CA GLU A 154 -43.75 -26.70 -9.02
C GLU A 154 -42.24 -26.80 -8.64
N PRO A 155 -41.33 -26.98 -9.63
CA PRO A 155 -39.89 -27.04 -9.31
C PRO A 155 -39.37 -25.72 -8.71
N GLY A 156 -38.73 -25.80 -7.55
CA GLY A 156 -38.19 -24.63 -6.87
C GLY A 156 -39.21 -23.76 -6.15
N ALA A 157 -40.49 -24.18 -6.08
CA ALA A 157 -41.51 -23.41 -5.36
C ALA A 157 -41.24 -23.38 -3.85
N TRP A 158 -40.74 -24.48 -3.30
CA TRP A 158 -40.35 -24.60 -1.89
C TRP A 158 -38.82 -24.53 -1.84
N GLU A 159 -38.12 -25.54 -1.31
CA GLU A 159 -36.64 -25.53 -1.26
C GLU A 159 -36.09 -25.29 -2.67
N GLU A 160 -35.04 -24.48 -2.78
CA GLU A 160 -34.51 -24.05 -4.08
C GLU A 160 -33.03 -23.82 -3.97
N THR A 161 -32.25 -24.35 -4.92
CA THR A 161 -30.78 -24.19 -4.90
C THR A 161 -30.35 -23.36 -6.09
N PHE A 162 -29.35 -22.52 -5.87
CA PHE A 162 -28.74 -21.69 -6.91
C PHE A 162 -27.27 -21.94 -6.76
N LYS A 163 -26.67 -22.61 -7.76
CA LYS A 163 -25.27 -23.01 -7.76
C LYS A 163 -25.07 -23.95 -6.55
N THR A 164 -24.33 -23.50 -5.50
CA THR A 164 -24.10 -24.33 -4.32
C THR A 164 -24.93 -23.90 -3.11
N HIS A 165 -25.79 -22.89 -3.26
CA HIS A 165 -26.54 -22.31 -2.14
C HIS A 165 -27.98 -22.78 -2.10
N SER A 166 -28.42 -23.32 -0.96
CA SER A 166 -29.78 -23.81 -0.78
C SER A 166 -30.60 -22.80 0.01
N ASP A 167 -31.73 -22.40 -0.54
CA ASP A 167 -32.71 -21.58 0.15
C ASP A 167 -33.75 -22.55 0.70
N SER A 168 -33.88 -22.66 2.02
CA SER A 168 -34.84 -23.57 2.65
C SER A 168 -36.30 -23.16 2.48
N LYS A 169 -36.54 -21.88 2.10
CA LYS A 169 -37.85 -21.36 1.74
C LYS A 169 -38.98 -21.90 2.62
N PRO A 170 -38.98 -21.59 3.93
CA PRO A 170 -40.00 -22.17 4.82
C PRO A 170 -41.44 -21.82 4.51
N TYR A 171 -41.68 -20.67 3.85
CA TYR A 171 -43.03 -20.22 3.57
C TYR A 171 -43.48 -20.50 2.14
N GLY A 172 -42.63 -21.15 1.34
CA GLY A 172 -42.98 -21.50 -0.03
C GLY A 172 -43.25 -20.34 -0.97
N PRO A 173 -44.05 -20.58 -2.03
CA PRO A 173 -44.33 -19.51 -3.00
C PRO A 173 -45.28 -18.44 -2.46
N THR A 174 -44.81 -17.18 -2.41
CA THR A 174 -45.61 -16.06 -1.89
C THR A 174 -45.49 -14.81 -2.76
N SER A 175 -45.12 -14.95 -4.04
CA SER A 175 -44.90 -13.79 -4.89
C SER A 175 -46.18 -13.08 -5.28
N VAL A 176 -46.03 -11.78 -5.55
CA VAL A 176 -47.12 -10.90 -5.91
C VAL A 176 -46.73 -10.16 -7.17
N GLY A 177 -47.70 -9.84 -7.99
CA GLY A 177 -47.44 -9.14 -9.21
C GLY A 177 -48.68 -8.54 -9.80
N LEU A 178 -48.51 -7.46 -10.54
CA LEU A 178 -49.62 -6.73 -11.13
C LEU A 178 -49.14 -5.94 -12.33
N ASP A 179 -50.01 -5.77 -13.32
CA ASP A 179 -49.69 -5.02 -14.53
C ASP A 179 -50.44 -3.71 -14.61
N PHE A 180 -49.84 -2.74 -15.33
CA PHE A 180 -50.34 -1.38 -15.53
C PHE A 180 -50.24 -1.03 -17.00
N SER A 181 -51.24 -0.35 -17.54
CA SER A 181 -51.28 0.07 -18.94
C SER A 181 -51.30 1.56 -18.98
N LEU A 182 -50.46 2.15 -19.83
CA LEU A 182 -50.26 3.58 -19.96
C LEU A 182 -50.58 4.05 -21.39
N PRO A 183 -51.87 4.23 -21.71
CA PRO A 183 -52.21 4.69 -23.08
C PRO A 183 -51.62 6.05 -23.41
N GLY A 184 -51.08 6.16 -24.64
CA GLY A 184 -50.44 7.37 -25.11
C GLY A 184 -48.98 7.51 -24.73
N MET A 185 -48.44 6.59 -23.91
CA MET A 185 -47.05 6.64 -23.46
C MET A 185 -46.22 5.67 -24.24
N GLU A 186 -45.13 6.17 -24.83
CA GLU A 186 -44.13 5.38 -25.55
C GLU A 186 -42.76 5.45 -24.89
N HIS A 187 -42.56 6.32 -23.87
CA HIS A 187 -41.26 6.52 -23.25
C HIS A 187 -41.39 6.38 -21.75
N VAL A 188 -40.62 5.45 -21.16
CA VAL A 188 -40.58 5.26 -19.72
C VAL A 188 -39.14 5.28 -19.22
N TYR A 189 -38.96 5.69 -17.95
CA TYR A 189 -37.66 5.93 -17.33
C TYR A 189 -37.67 5.52 -15.88
N GLY A 190 -36.49 5.44 -15.28
CA GLY A 190 -36.34 5.18 -13.86
C GLY A 190 -35.90 3.78 -13.54
N ILE A 191 -36.54 3.20 -12.50
CA ILE A 191 -36.19 1.93 -11.90
C ILE A 191 -34.67 1.68 -11.86
N PRO A 192 -33.86 2.62 -11.33
CA PRO A 192 -32.42 2.32 -11.18
C PRO A 192 -32.22 1.24 -10.15
N GLU A 193 -31.07 0.55 -10.12
CA GLU A 193 -29.84 0.89 -10.85
C GLU A 193 -29.47 -0.15 -11.91
N HIS A 194 -29.36 0.32 -13.15
CA HIS A 194 -28.94 -0.47 -14.29
C HIS A 194 -27.95 0.32 -15.09
N ALA A 195 -26.93 -0.35 -15.65
CA ALA A 195 -25.98 0.26 -16.57
C ALA A 195 -26.64 0.18 -17.94
N ASP A 196 -27.60 1.06 -18.18
CA ASP A 196 -28.39 1.04 -19.39
C ASP A 196 -28.89 2.42 -19.74
N SER A 197 -29.57 2.51 -20.89
CA SER A 197 -30.10 3.73 -21.42
C SER A 197 -31.11 4.40 -20.52
N LEU A 198 -31.17 5.72 -20.58
CA LEU A 198 -32.11 6.53 -19.83
C LEU A 198 -33.54 6.15 -20.19
N ARG A 199 -33.85 6.12 -21.50
CA ARG A 199 -35.16 5.65 -21.94
C ARG A 199 -35.08 4.15 -21.84
N LEU A 200 -35.97 3.55 -21.04
CA LEU A 200 -35.95 2.11 -20.81
C LEU A 200 -36.39 1.35 -22.05
N LYS A 201 -35.81 0.18 -22.22
CA LYS A 201 -36.12 -0.68 -23.34
C LYS A 201 -37.26 -1.64 -23.02
N VAL A 202 -37.92 -2.09 -24.09
CA VAL A 202 -38.93 -3.11 -23.99
C VAL A 202 -38.15 -4.41 -23.60
N THR A 203 -38.75 -5.24 -22.75
CA THR A 203 -38.10 -6.45 -22.23
C THR A 203 -38.66 -7.75 -22.80
N GLU A 204 -39.68 -7.65 -23.67
CA GLU A 204 -40.45 -8.70 -24.35
C GLU A 204 -39.64 -9.93 -24.78
N GLY A 205 -38.61 -9.70 -25.60
CA GLY A 205 -37.78 -10.78 -26.12
C GLY A 205 -36.52 -11.07 -25.34
N GLY A 206 -36.42 -10.57 -24.10
CA GLY A 206 -35.24 -10.80 -23.27
C GLY A 206 -35.59 -10.90 -21.81
N GLU A 207 -34.72 -10.33 -20.97
CA GLU A 207 -34.89 -10.36 -19.53
C GLU A 207 -35.67 -9.16 -19.04
N PRO A 208 -36.48 -9.30 -17.95
CA PRO A 208 -37.06 -8.10 -17.37
C PRO A 208 -35.95 -7.30 -16.67
N TYR A 209 -36.24 -6.05 -16.31
CA TYR A 209 -35.31 -5.28 -15.49
C TYR A 209 -35.38 -5.84 -14.11
N ARG A 210 -34.25 -5.99 -13.43
CA ARG A 210 -34.22 -6.57 -12.11
C ARG A 210 -33.84 -5.54 -11.06
N LEU A 211 -34.56 -5.57 -9.93
CA LEU A 211 -34.29 -4.69 -8.81
C LEU A 211 -33.94 -5.60 -7.64
N TYR A 212 -32.65 -5.77 -7.39
CA TYR A 212 -32.15 -6.59 -6.28
C TYR A 212 -30.74 -6.10 -5.99
N ASN A 213 -30.53 -5.40 -4.89
CA ASN A 213 -29.24 -4.80 -4.60
C ASN A 213 -28.13 -5.84 -4.59
N LEU A 214 -27.22 -5.79 -5.57
CA LEU A 214 -26.17 -6.77 -5.73
C LEU A 214 -24.83 -6.13 -6.03
N ASP A 215 -23.76 -6.78 -5.57
CA ASP A 215 -22.38 -6.36 -5.82
C ASP A 215 -21.94 -7.16 -7.06
N VAL A 216 -21.93 -6.50 -8.22
CA VAL A 216 -21.61 -7.10 -9.51
C VAL A 216 -20.20 -6.66 -9.94
N PHE A 217 -19.22 -7.56 -9.77
CA PHE A 217 -17.81 -7.34 -10.11
C PHE A 217 -17.63 -7.16 -11.61
N GLN A 218 -16.97 -6.06 -12.02
CA GLN A 218 -16.73 -5.72 -13.43
C GLN A 218 -18.03 -5.72 -14.23
N TYR A 219 -19.02 -4.95 -13.73
CA TYR A 219 -20.30 -4.90 -14.42
C TYR A 219 -20.13 -4.34 -15.83
N GLU A 220 -20.97 -4.81 -16.73
CA GLU A 220 -20.97 -4.45 -18.12
C GLU A 220 -22.11 -3.52 -18.46
N LEU A 221 -22.09 -2.96 -19.68
CA LEU A 221 -23.03 -1.93 -20.09
C LEU A 221 -24.13 -2.41 -21.02
N ASN A 222 -25.20 -1.63 -21.05
CA ASN A 222 -26.38 -1.85 -21.87
C ASN A 222 -27.02 -3.22 -21.64
N ASN A 223 -27.35 -3.49 -20.39
CA ASN A 223 -28.04 -4.71 -20.00
C ASN A 223 -28.90 -4.48 -18.75
N PRO A 224 -29.89 -5.37 -18.51
CA PRO A 224 -30.84 -5.15 -17.41
C PRO A 224 -30.46 -5.83 -16.08
N MET A 225 -29.21 -6.27 -15.91
CA MET A 225 -28.78 -6.91 -14.68
C MET A 225 -28.90 -5.95 -13.50
N ALA A 226 -29.35 -6.48 -12.35
CA ALA A 226 -29.48 -5.67 -11.15
C ALA A 226 -28.14 -5.22 -10.63
N LEU A 227 -28.02 -3.93 -10.33
CA LEU A 227 -26.80 -3.39 -9.76
C LEU A 227 -27.03 -3.11 -8.27
N TYR A 228 -26.28 -2.19 -7.68
CA TYR A 228 -26.16 -2.03 -6.24
C TYR A 228 -27.35 -1.45 -5.50
N GLY A 229 -28.17 -0.68 -6.21
CA GLY A 229 -29.33 -0.04 -5.63
C GLY A 229 -30.57 -0.30 -6.43
N SER A 230 -31.72 -0.07 -5.81
CA SER A 230 -33.03 -0.33 -6.39
C SER A 230 -33.99 0.73 -5.97
N VAL A 231 -34.56 1.49 -6.91
CA VAL A 231 -35.59 2.49 -6.60
C VAL A 231 -36.79 2.09 -7.44
N PRO A 232 -37.83 1.48 -6.84
CA PRO A 232 -38.96 0.98 -7.64
C PRO A 232 -39.96 2.06 -8.03
N VAL A 233 -39.48 2.99 -8.84
CA VAL A 233 -40.26 4.12 -9.32
C VAL A 233 -40.05 4.23 -10.83
N LEU A 234 -41.14 4.30 -11.58
CA LEU A 234 -41.10 4.39 -13.01
C LEU A 234 -41.85 5.63 -13.42
N LEU A 235 -41.24 6.46 -14.29
CA LEU A 235 -41.85 7.66 -14.84
C LEU A 235 -42.20 7.40 -16.28
N ALA A 236 -43.30 7.95 -16.73
CA ALA A 236 -43.75 7.86 -18.11
C ALA A 236 -43.99 9.26 -18.64
N HIS A 237 -43.43 9.56 -19.82
CA HIS A 237 -43.55 10.88 -20.41
C HIS A 237 -44.11 10.84 -21.83
N SER A 238 -45.02 11.77 -22.12
CA SER A 238 -45.50 12.02 -23.47
C SER A 238 -45.59 13.52 -23.64
N PHE A 239 -45.92 13.94 -24.86
CA PHE A 239 -46.16 15.34 -25.20
C PHE A 239 -47.30 15.89 -24.31
N HIS A 240 -48.32 15.07 -24.02
CA HIS A 240 -49.52 15.48 -23.31
C HIS A 240 -49.48 15.35 -21.80
N ARG A 241 -48.69 14.45 -21.23
CA ARG A 241 -48.75 14.24 -19.79
C ARG A 241 -47.56 13.47 -19.26
N ASP A 242 -47.39 13.54 -17.94
CA ASP A 242 -46.43 12.79 -17.17
C ASP A 242 -47.15 12.01 -16.10
N LEU A 243 -46.68 10.80 -15.85
CA LEU A 243 -47.24 9.89 -14.85
C LEU A 243 -46.10 9.18 -14.15
N GLY A 244 -46.34 8.73 -12.94
CA GLY A 244 -45.37 7.95 -12.19
C GLY A 244 -46.01 6.77 -11.48
N ILE A 245 -45.26 5.66 -11.35
CA ILE A 245 -45.71 4.47 -10.65
C ILE A 245 -44.65 4.18 -9.59
N PHE A 246 -45.03 4.11 -8.31
CA PHE A 246 -44.12 3.81 -7.20
C PHE A 246 -44.61 2.51 -6.56
N TRP A 247 -43.86 1.41 -6.75
CA TRP A 247 -44.19 0.06 -6.29
C TRP A 247 -43.45 -0.16 -4.97
N LEU A 248 -44.13 0.11 -3.84
CA LEU A 248 -43.50 0.03 -2.52
C LEU A 248 -43.39 -1.42 -2.03
N ASN A 249 -42.29 -2.06 -2.42
CA ASN A 249 -41.98 -3.44 -2.08
C ASN A 249 -40.47 -3.53 -1.96
N ALA A 250 -39.98 -4.13 -0.87
CA ALA A 250 -38.54 -4.25 -0.58
C ALA A 250 -37.92 -5.58 -0.98
N ALA A 251 -38.72 -6.50 -1.53
CA ALA A 251 -38.26 -7.81 -1.97
C ALA A 251 -37.73 -7.75 -3.42
N GLU A 252 -37.00 -8.78 -3.83
CA GLU A 252 -36.52 -8.90 -5.21
C GLU A 252 -37.69 -8.64 -6.11
N THR A 253 -37.50 -7.74 -7.08
CA THR A 253 -38.55 -7.33 -7.99
C THR A 253 -38.04 -7.33 -9.41
N TRP A 254 -38.87 -7.82 -10.32
CA TRP A 254 -38.60 -7.87 -11.74
C TRP A 254 -39.64 -7.01 -12.41
N VAL A 255 -39.23 -6.24 -13.42
CA VAL A 255 -40.10 -5.33 -14.13
C VAL A 255 -40.07 -5.60 -15.62
N ASP A 256 -41.23 -5.93 -16.20
CA ASP A 256 -41.35 -6.17 -17.63
C ASP A 256 -41.99 -4.96 -18.26
N ILE A 257 -41.46 -4.55 -19.42
CA ILE A 257 -41.92 -3.38 -20.17
C ILE A 257 -42.27 -3.86 -21.57
N SER A 258 -43.43 -3.49 -22.06
CA SER A 258 -43.85 -3.88 -23.41
C SER A 258 -44.59 -2.76 -24.08
N SER A 259 -44.53 -2.71 -25.41
CA SER A 259 -45.17 -1.67 -26.22
C SER A 259 -46.26 -2.24 -27.10
N ASN A 260 -47.13 -1.35 -27.60
CA ASN A 260 -48.26 -1.68 -28.49
C ASN A 260 -48.43 -0.54 -29.48
N PRO A 262 -50.72 4.40 -29.42
CA PRO A 262 -49.45 4.04 -28.74
C PRO A 262 -49.67 3.79 -27.25
N GLN A 263 -49.04 2.75 -26.69
CA GLN A 263 -49.24 2.37 -25.31
C GLN A 263 -48.09 1.55 -24.78
N THR A 264 -47.73 1.78 -23.52
CA THR A 264 -46.68 1.01 -22.83
C THR A 264 -47.33 0.32 -21.65
N ASP A 265 -47.04 -0.97 -21.49
CA ASP A 265 -47.54 -1.76 -20.38
C ASP A 265 -46.38 -2.13 -19.49
N ILE A 266 -46.60 -2.08 -18.17
CA ILE A 266 -45.57 -2.34 -17.16
C ILE A 266 -46.07 -3.42 -16.23
N ARG A 267 -45.23 -4.40 -15.92
CA ARG A 267 -45.58 -5.45 -15.01
C ARG A 267 -44.53 -5.53 -13.91
N TRP A 268 -44.96 -5.55 -12.64
CA TRP A 268 -44.06 -5.65 -11.50
C TRP A 268 -44.29 -7.00 -10.85
N MET A 269 -43.22 -7.71 -10.52
CA MET A 269 -43.30 -9.05 -9.93
C MET A 269 -42.34 -9.11 -8.76
N SER A 270 -42.87 -9.27 -7.53
CA SER A 270 -42.06 -9.23 -6.32
C SER A 270 -42.11 -10.55 -5.55
N GLU A 271 -41.02 -10.92 -4.87
CA GLU A 271 -40.96 -12.21 -4.21
C GLU A 271 -41.92 -12.40 -3.07
N SER A 272 -42.16 -11.33 -2.27
CA SER A 272 -42.96 -11.40 -1.06
C SER A 272 -43.56 -10.03 -0.76
N GLY A 273 -44.15 -9.88 0.43
CA GLY A 273 -44.81 -8.66 0.84
C GLY A 273 -46.20 -8.55 0.23
N ILE A 274 -46.77 -7.35 0.29
CA ILE A 274 -48.10 -7.08 -0.27
C ILE A 274 -47.91 -6.34 -1.58
N ILE A 275 -49.04 -6.08 -2.26
CA ILE A 275 -49.06 -5.21 -3.39
C ILE A 275 -49.35 -3.86 -2.74
N ASP A 276 -48.45 -2.89 -2.90
CA ASP A 276 -48.60 -1.54 -2.40
C ASP A 276 -48.04 -0.64 -3.48
N VAL A 277 -48.93 0.06 -4.18
CA VAL A 277 -48.52 0.88 -5.30
C VAL A 277 -49.16 2.24 -5.28
N PHE A 278 -48.37 3.26 -5.59
CA PHE A 278 -48.84 4.62 -5.68
C PHE A 278 -48.82 5.04 -7.15
N LEU A 279 -49.92 5.59 -7.62
CA LEU A 279 -50.07 6.10 -8.96
C LEU A 279 -50.06 7.60 -8.84
N MET A 280 -49.06 8.24 -9.44
CA MET A 280 -48.78 9.66 -9.35
C MET A 280 -49.20 10.22 -10.68
N LEU A 281 -50.33 10.96 -10.69
CA LEU A 281 -50.98 11.33 -11.95
C LEU A 281 -50.55 12.67 -12.57
N GLY A 282 -49.52 13.30 -12.01
CA GLY A 282 -49.02 14.52 -12.60
C GLY A 282 -50.02 15.65 -12.51
N PRO A 283 -50.36 16.37 -13.61
CA PRO A 283 -50.03 16.11 -15.03
C PRO A 283 -48.64 16.48 -15.54
N SER A 284 -47.91 17.39 -14.91
CA SER A 284 -46.58 17.75 -15.39
C SER A 284 -45.54 16.90 -14.69
N VAL A 285 -44.33 16.87 -15.23
CA VAL A 285 -43.28 16.07 -14.60
C VAL A 285 -42.90 16.66 -13.25
N PHE A 286 -42.96 17.99 -13.12
CA PHE A 286 -42.73 18.65 -11.84
C PHE A 286 -43.80 18.29 -10.80
N ASP A 287 -45.05 18.10 -11.24
CA ASP A 287 -46.10 17.62 -10.35
C ASP A 287 -45.78 16.22 -9.85
N VAL A 288 -45.28 15.35 -10.74
CA VAL A 288 -44.87 13.99 -10.36
C VAL A 288 -43.72 14.08 -9.35
N PHE A 289 -42.74 14.96 -9.57
CA PHE A 289 -41.63 15.07 -8.61
C PHE A 289 -42.16 15.48 -7.21
N ARG A 290 -43.09 16.44 -7.15
CA ARG A 290 -43.67 16.90 -5.90
C ARG A 290 -44.44 15.79 -5.22
N GLN A 291 -45.22 15.05 -6.03
CA GLN A 291 -46.00 13.92 -5.56
C GLN A 291 -45.13 12.87 -4.90
N TYR A 292 -44.09 12.43 -5.59
CA TYR A 292 -43.16 11.43 -5.04
C TYR A 292 -42.41 11.97 -3.82
N ALA A 293 -42.01 13.24 -3.83
CA ALA A 293 -41.33 13.87 -2.68
C ALA A 293 -42.24 13.93 -1.45
N SER A 294 -43.57 14.10 -1.67
CA SER A 294 -44.51 14.12 -0.54
C SER A 294 -44.57 12.76 0.13
N LEU A 295 -44.28 11.67 -0.62
CA LEU A 295 -44.27 10.33 -0.09
C LEU A 295 -42.97 9.94 0.59
N THR A 296 -41.82 10.13 -0.08
CA THR A 296 -40.53 9.65 0.43
C THR A 296 -39.53 10.72 0.86
N GLY A 297 -39.92 11.98 0.81
CA GLY A 297 -39.05 13.07 1.21
C GLY A 297 -38.16 13.58 0.09
N THR A 298 -37.27 14.50 0.44
CA THR A 298 -36.45 15.19 -0.53
C THR A 298 -34.98 15.00 -0.22
N GLN A 299 -34.16 15.35 -1.18
CA GLN A 299 -32.72 15.29 -1.05
C GLN A 299 -32.23 16.07 0.18
N ALA A 300 -31.45 15.42 1.03
CA ALA A 300 -30.83 16.09 2.18
C ALA A 300 -29.93 17.18 1.63
N LEU A 301 -29.92 18.36 2.26
CA LEU A 301 -29.11 19.48 1.80
C LEU A 301 -27.66 19.19 2.07
N PRO A 302 -26.82 18.99 1.04
CA PRO A 302 -25.43 18.63 1.33
C PRO A 302 -24.71 19.74 2.03
N PRO A 303 -23.80 19.46 2.98
CA PRO A 303 -22.88 20.51 3.43
C PRO A 303 -22.10 20.97 2.19
N LEU A 304 -21.77 22.24 2.14
CA LEU A 304 -21.16 22.81 0.95
C LEU A 304 -19.90 22.09 0.50
N PHE A 305 -19.03 21.67 1.45
CA PHE A 305 -17.79 21.03 1.08
C PHE A 305 -17.97 19.77 0.26
N SER A 306 -19.08 19.04 0.49
CA SER A 306 -19.35 17.77 -0.22
C SER A 306 -19.71 17.95 -1.68
N LEU A 307 -19.97 19.19 -2.09
CA LEU A 307 -20.21 19.57 -3.48
C LEU A 307 -18.92 20.03 -4.15
N GLY A 308 -17.80 20.08 -3.43
CA GLY A 308 -16.49 20.33 -4.01
C GLY A 308 -15.94 19.04 -4.62
N TYR A 309 -14.64 19.01 -4.84
CA TYR A 309 -13.95 17.90 -5.45
C TYR A 309 -13.38 16.99 -4.37
N HIS A 310 -13.55 15.67 -4.58
CA HIS A 310 -13.10 14.62 -3.66
C HIS A 310 -12.02 13.79 -4.34
N GLN A 311 -10.89 13.61 -3.67
CA GLN A 311 -9.79 12.81 -4.16
C GLN A 311 -9.71 11.51 -3.37
N SER A 312 -9.82 10.39 -4.06
CA SER A 312 -9.80 9.08 -3.45
C SER A 312 -9.03 8.08 -4.30
N ARG A 313 -8.67 6.98 -3.65
CA ARG A 313 -8.18 5.76 -4.27
C ARG A 313 -8.17 4.67 -3.21
N TRP A 314 -8.06 3.43 -3.67
CA TRP A 314 -7.85 2.29 -2.83
C TRP A 314 -6.36 2.04 -3.04
N ASN A 315 -5.43 2.49 -2.19
CA ASN A 315 -5.59 3.25 -0.96
C ASN A 315 -4.43 4.20 -0.86
N TYR A 316 -4.62 5.28 -0.14
CA TYR A 316 -3.52 6.14 0.25
C TYR A 316 -2.82 5.36 1.36
N ARG A 317 -1.51 5.28 1.30
CA ARG A 317 -0.72 4.36 2.13
C ARG A 317 -0.72 4.63 3.60
N ASP A 318 -0.54 5.87 3.97
CA ASP A 318 -0.36 6.25 5.35
C ASP A 318 -0.59 7.76 5.48
N GLU A 319 -0.34 8.27 6.66
CA GLU A 319 -0.52 9.69 6.95
C GLU A 319 0.35 10.55 6.06
N ALA A 320 1.62 10.15 5.85
CA ALA A 320 2.54 10.90 4.99
C ALA A 320 2.02 10.96 3.55
N ASP A 321 1.43 9.88 3.05
CA ASP A 321 0.87 9.90 1.70
C ASP A 321 -0.31 10.89 1.65
N VAL A 322 -1.20 10.84 2.63
CA VAL A 322 -2.36 11.77 2.69
C VAL A 322 -1.88 13.21 2.71
N LEU A 323 -0.88 13.51 3.55
CA LEU A 323 -0.34 14.85 3.62
C LEU A 323 0.39 15.26 2.36
N GLU A 324 1.03 14.33 1.64
CA GLU A 324 1.70 14.65 0.36
C GLU A 324 0.67 14.97 -0.71
N VAL A 325 -0.44 14.23 -0.72
CA VAL A 325 -1.54 14.45 -1.67
C VAL A 325 -2.14 15.83 -1.40
N ASP A 326 -2.42 16.13 -0.14
CA ASP A 326 -2.91 17.46 0.27
C ASP A 326 -1.98 18.59 -0.26
N GLN A 327 -0.68 18.43 -0.04
CA GLN A 327 0.30 19.41 -0.45
C GLN A 327 0.44 19.48 -1.98
N GLY A 328 0.21 18.37 -2.65
CA GLY A 328 0.24 18.30 -4.10
C GLY A 328 -0.81 19.17 -4.74
N PHE A 329 -2.02 19.16 -4.19
CA PHE A 329 -3.10 20.03 -4.72
C PHE A 329 -2.67 21.48 -4.63
N ASP A 330 -2.07 21.87 -3.48
CA ASP A 330 -1.66 23.25 -3.28
C ASP A 330 -0.45 23.62 -4.13
N ASP A 331 0.54 22.74 -4.27
CA ASP A 331 1.71 23.03 -5.08
C ASP A 331 1.39 23.13 -6.57
N HIS A 332 0.28 22.53 -7.02
CA HIS A 332 -0.15 22.57 -8.43
C HIS A 332 -1.40 23.38 -8.66
N ASN A 333 -1.80 24.20 -7.67
CA ASN A 333 -2.91 25.09 -7.77
C ASN A 333 -4.17 24.39 -8.31
N MET A 334 -4.57 23.33 -7.63
CA MET A 334 -5.78 22.57 -7.96
C MET A 334 -6.62 22.50 -6.71
N PRO A 335 -7.89 22.93 -6.73
CA PRO A 335 -8.70 22.87 -5.52
C PRO A 335 -9.16 21.45 -5.20
N CYS A 336 -9.40 21.19 -3.91
CA CYS A 336 -9.87 19.91 -3.45
C CYS A 336 -10.43 20.08 -2.03
N ASP A 337 -11.64 19.54 -1.77
CA ASP A 337 -12.20 19.68 -0.42
C ASP A 337 -11.95 18.49 0.49
N VAL A 338 -11.89 17.28 -0.07
CA VAL A 338 -11.81 16.09 0.73
C VAL A 338 -10.83 15.05 0.18
N ILE A 339 -10.11 14.39 1.09
CA ILE A 339 -9.22 13.25 0.79
C ILE A 339 -9.83 12.02 1.48
N TRP A 340 -9.92 10.90 0.74
CA TRP A 340 -10.61 9.70 1.18
C TRP A 340 -9.70 8.57 1.57
N LEU A 341 -10.12 7.81 2.61
CA LEU A 341 -9.39 6.65 3.14
C LEU A 341 -10.21 5.40 2.97
N ASP A 342 -9.77 4.52 2.08
CA ASP A 342 -10.42 3.26 1.77
C ASP A 342 -10.03 2.21 2.84
N ILE A 343 -10.41 0.96 2.63
CA ILE A 343 -10.34 -0.10 3.65
C ILE A 343 -8.97 -0.37 4.22
N GLU A 344 -7.90 0.01 3.54
CA GLU A 344 -6.56 -0.23 4.10
C GLU A 344 -6.21 0.70 5.23
N HIS A 345 -7.01 1.72 5.54
CA HIS A 345 -6.68 2.59 6.67
C HIS A 345 -6.93 1.97 8.00
N ALA A 346 -7.85 0.99 8.06
CA ALA A 346 -8.26 0.33 9.30
C ALA A 346 -7.27 -0.75 9.73
N ASP A 347 -7.44 -1.28 10.93
CA ASP A 347 -6.62 -2.40 11.42
C ASP A 347 -7.20 -3.70 10.85
N GLY A 348 -6.63 -4.22 9.75
CA GLY A 348 -7.11 -5.46 9.14
C GLY A 348 -8.60 -5.50 8.84
N LYS A 349 -9.15 -4.36 8.40
CA LYS A 349 -10.57 -4.21 8.01
C LYS A 349 -11.55 -4.43 9.15
N ARG A 350 -11.10 -4.01 10.34
CA ARG A 350 -11.94 -3.90 11.52
C ARG A 350 -12.39 -2.44 11.44
N TYR A 351 -13.65 -2.16 11.13
CA TYR A 351 -14.04 -0.75 10.97
C TYR A 351 -14.08 -0.03 12.30
N PHE A 352 -13.96 1.30 12.23
CA PHE A 352 -13.84 2.19 13.38
C PHE A 352 -12.46 2.11 14.02
N THR A 353 -11.47 1.52 13.36
CA THR A 353 -10.09 1.39 13.89
C THR A 353 -9.12 1.99 12.87
N TRP A 354 -7.86 2.10 13.27
CA TRP A 354 -6.81 2.65 12.46
C TRP A 354 -5.63 1.70 12.42
N ASP A 355 -4.99 1.51 11.25
CA ASP A 355 -3.77 0.70 11.21
C ASP A 355 -2.71 1.42 12.08
N PRO A 356 -2.15 0.74 13.11
CA PRO A 356 -1.24 1.42 14.05
C PRO A 356 0.13 1.79 13.52
N THR A 357 0.50 1.29 12.34
CA THR A 357 1.76 1.68 11.70
C THR A 357 1.53 2.84 10.70
N ARG A 358 0.45 2.74 9.88
CA ARG A 358 0.09 3.65 8.79
C ARG A 358 -0.63 4.90 9.23
N PHE A 359 -1.52 4.73 10.20
CA PHE A 359 -2.28 5.84 10.78
C PHE A 359 -2.16 5.83 12.31
N PRO A 360 -0.94 6.04 12.86
CA PRO A 360 -0.80 6.05 14.33
C PRO A 360 -1.40 7.23 15.04
N GLN A 361 -1.53 8.38 14.35
CA GLN A 361 -1.99 9.64 14.92
C GLN A 361 -3.07 10.26 14.05
N PRO A 362 -4.24 9.60 13.93
CA PRO A 362 -5.30 10.15 13.08
C PRO A 362 -5.77 11.55 13.46
N LEU A 363 -5.81 11.91 14.76
CA LEU A 363 -6.23 13.26 15.14
C LEU A 363 -5.27 14.32 14.63
N ASN A 364 -3.97 14.00 14.61
CA ASN A 364 -2.95 14.91 14.10
C ASN A 364 -3.08 15.06 12.59
N MET A 365 -3.38 13.97 11.87
CA MET A 365 -3.60 14.03 10.42
C MET A 365 -4.83 14.92 10.13
N LEU A 366 -5.91 14.71 10.86
CA LEU A 366 -7.14 15.51 10.71
C LEU A 366 -6.92 16.99 11.06
N GLU A 367 -6.08 17.27 12.07
CA GLU A 367 -5.72 18.64 12.44
C GLU A 367 -4.99 19.29 11.25
N HIS A 368 -4.01 18.59 10.65
CA HIS A 368 -3.30 19.15 9.50
CA HIS A 368 -3.29 19.13 9.49
C HIS A 368 -4.27 19.45 8.35
N LEU A 369 -5.19 18.54 8.05
CA LEU A 369 -6.17 18.81 6.99
C LEU A 369 -7.07 19.97 7.36
N ALA A 370 -7.45 20.09 8.66
CA ALA A 370 -8.26 21.20 9.12
C ALA A 370 -7.53 22.54 8.97
N SER A 371 -6.19 22.56 9.12
CA SER A 371 -5.42 23.81 8.96
C SER A 371 -5.44 24.30 7.51
N LYS A 372 -5.67 23.37 6.55
CA LYS A 372 -5.78 23.63 5.11
C LYS A 372 -7.26 23.81 4.71
N ARG A 373 -8.17 23.76 5.72
CA ARG A 373 -9.61 23.91 5.54
C ARG A 373 -10.16 22.81 4.62
N ARG A 374 -9.68 21.56 4.86
CA ARG A 374 -10.08 20.37 4.15
C ARG A 374 -10.64 19.36 5.13
N LYS A 375 -11.35 18.37 4.56
CA LYS A 375 -11.98 17.28 5.27
C LYS A 375 -11.36 15.96 4.82
N LEU A 376 -11.68 14.90 5.56
CA LEU A 376 -11.32 13.54 5.21
C LEU A 376 -12.58 12.69 5.26
N VAL A 377 -12.63 11.63 4.47
CA VAL A 377 -13.74 10.66 4.50
C VAL A 377 -13.11 9.32 4.80
N ALA A 378 -13.65 8.57 5.78
CA ALA A 378 -13.17 7.23 6.10
C ALA A 378 -14.26 6.24 5.76
N ILE A 379 -13.87 5.09 5.18
CA ILE A 379 -14.81 4.03 4.87
C ILE A 379 -15.19 3.27 6.14
N VAL A 380 -16.48 2.96 6.26
CA VAL A 380 -17.06 2.15 7.34
C VAL A 380 -18.10 1.26 6.67
N ASP A 381 -17.78 -0.03 6.52
CA ASP A 381 -18.71 -0.99 5.88
C ASP A 381 -19.51 -1.74 6.93
N PRO A 382 -20.70 -2.29 6.55
CA PRO A 382 -21.54 -3.01 7.52
C PRO A 382 -21.25 -4.49 7.73
N HIS A 383 -20.01 -4.90 7.70
CA HIS A 383 -19.64 -6.28 7.98
C HIS A 383 -18.55 -6.17 9.05
N ILE A 384 -18.65 -7.00 10.05
CA ILE A 384 -17.87 -6.93 11.25
C ILE A 384 -17.03 -8.19 11.41
N LYS A 385 -15.70 -8.00 11.45
CA LYS A 385 -14.81 -9.14 11.58
C LYS A 385 -15.18 -9.99 12.81
N VAL A 386 -15.25 -11.32 12.63
CA VAL A 386 -15.50 -12.26 13.74
C VAL A 386 -14.15 -12.37 14.43
N ASP A 387 -13.98 -11.67 15.53
CA ASP A 387 -12.72 -11.59 16.26
C ASP A 387 -13.06 -11.24 17.70
N SER A 388 -12.73 -12.13 18.64
CA SER A 388 -13.01 -11.88 20.06
C SER A 388 -12.27 -10.70 20.65
N GLY A 389 -11.16 -10.29 20.01
CA GLY A 389 -10.38 -9.13 20.43
C GLY A 389 -10.89 -7.81 19.90
N TYR A 390 -11.92 -7.83 19.01
CA TYR A 390 -12.49 -6.65 18.40
C TYR A 390 -13.76 -6.23 19.12
N ARG A 391 -13.71 -5.07 19.80
CA ARG A 391 -14.81 -4.62 20.66
C ARG A 391 -16.15 -4.51 19.95
N VAL A 392 -16.15 -4.07 18.72
CA VAL A 392 -17.38 -3.88 17.97
C VAL A 392 -18.06 -5.24 17.84
N HIS A 393 -17.28 -6.29 17.46
CA HIS A 393 -17.81 -7.65 17.32
C HIS A 393 -18.33 -8.17 18.66
N GLU A 394 -17.53 -8.03 19.71
CA GLU A 394 -17.92 -8.48 21.03
C GLU A 394 -19.21 -7.85 21.52
N GLU A 395 -19.38 -6.52 21.31
CA GLU A 395 -20.61 -5.83 21.72
C GLU A 395 -21.82 -6.28 20.88
N LEU A 396 -21.68 -6.37 19.57
CA LEU A 396 -22.81 -6.81 18.74
C LEU A 396 -23.21 -8.26 18.99
N ARG A 397 -22.21 -9.12 19.25
CA ARG A 397 -22.45 -10.53 19.57
C ARG A 397 -23.18 -10.61 20.92
N ASN A 398 -22.67 -9.89 21.94
CA ASN A 398 -23.24 -9.89 23.29
C ASN A 398 -24.64 -9.32 23.38
N HIS A 399 -25.00 -8.39 22.49
CA HIS A 399 -26.33 -7.79 22.46
C HIS A 399 -27.29 -8.41 21.44
N GLY A 400 -26.87 -9.51 20.80
CA GLY A 400 -27.68 -10.23 19.82
C GLY A 400 -28.12 -9.37 18.65
N LEU A 401 -27.25 -8.47 18.17
CA LEU A 401 -27.63 -7.53 17.11
C LEU A 401 -27.24 -7.94 15.69
N TYR A 402 -26.78 -9.17 15.51
CA TYR A 402 -26.43 -9.68 14.20
C TYR A 402 -27.59 -10.37 13.55
N VAL A 403 -27.53 -10.43 12.20
CA VAL A 403 -28.50 -11.19 11.42
C VAL A 403 -28.22 -12.65 11.80
N LYS A 404 -29.29 -13.44 11.91
CA LYS A 404 -29.20 -14.84 12.30
C LYS A 404 -29.59 -15.79 11.16
N THR A 405 -29.17 -17.05 11.29
CA THR A 405 -29.64 -18.09 10.37
C THR A 405 -30.91 -18.67 11.04
N ARG A 406 -31.64 -19.53 10.35
CA ARG A 406 -32.83 -20.18 10.92
C ARG A 406 -32.58 -20.95 12.22
N ASP A 407 -31.41 -21.57 12.38
CA ASP A 407 -31.10 -22.29 13.62
C ASP A 407 -30.83 -21.36 14.83
N GLY A 408 -30.89 -20.04 14.63
CA GLY A 408 -30.66 -19.05 15.69
C GLY A 408 -29.22 -18.64 15.92
N SER A 409 -28.26 -19.16 15.17
CA SER A 409 -26.86 -18.75 15.33
C SER A 409 -26.61 -17.49 14.49
N ASP A 410 -25.63 -16.69 14.89
CA ASP A 410 -25.26 -15.47 14.16
C ASP A 410 -24.71 -15.87 12.79
N TYR A 411 -25.23 -15.27 11.70
CA TYR A 411 -24.78 -15.60 10.35
C TYR A 411 -23.34 -15.17 10.21
N GLU A 412 -22.52 -16.04 9.63
CA GLU A 412 -21.13 -15.72 9.35
C GLU A 412 -20.88 -15.95 7.88
N GLY A 413 -20.40 -14.92 7.20
CA GLY A 413 -20.02 -15.01 5.80
C GLY A 413 -18.58 -14.57 5.64
N TRP A 414 -18.18 -14.38 4.38
CA TRP A 414 -16.82 -13.98 4.05
C TRP A 414 -16.82 -12.60 3.40
N CYS A 415 -15.95 -11.69 3.86
CA CYS A 415 -15.85 -10.39 3.21
C CYS A 415 -14.43 -9.84 3.39
N TRP A 416 -14.19 -8.51 3.34
CA TRP A 416 -12.81 -7.99 3.44
C TRP A 416 -12.01 -8.46 4.66
N PRO A 417 -12.61 -8.51 5.86
CA PRO A 417 -11.84 -8.97 7.03
C PRO A 417 -11.79 -10.51 7.19
N GLY A 418 -12.21 -11.26 6.18
CA GLY A 418 -12.30 -12.69 6.25
C GLY A 418 -13.65 -13.05 6.80
N SER A 419 -13.71 -13.93 7.83
CA SER A 419 -15.00 -14.28 8.44
C SER A 419 -15.61 -13.03 9.13
N ALA A 420 -16.87 -12.74 8.79
CA ALA A 420 -17.53 -11.56 9.25
C ALA A 420 -19.01 -11.81 9.50
N SER A 421 -19.58 -11.05 10.43
CA SER A 421 -21.01 -11.08 10.71
C SER A 421 -21.64 -9.76 10.28
N TYR A 422 -22.94 -9.80 10.08
CA TYR A 422 -23.70 -8.72 9.50
C TYR A 422 -24.68 -8.16 10.49
N PRO A 423 -24.44 -6.92 10.98
CA PRO A 423 -25.41 -6.32 11.91
C PRO A 423 -26.79 -6.23 11.29
N ASP A 424 -27.83 -6.45 12.08
CA ASP A 424 -29.17 -6.39 11.55
C ASP A 424 -29.63 -4.93 11.58
N PHE A 425 -29.32 -4.19 10.51
CA PHE A 425 -29.69 -2.80 10.40
C PHE A 425 -31.19 -2.58 10.33
N THR A 426 -32.01 -3.64 10.12
CA THR A 426 -33.48 -3.48 10.15
C THR A 426 -33.98 -3.33 11.62
N ASN A 427 -33.16 -3.69 12.59
CA ASN A 427 -33.50 -3.57 14.00
C ASN A 427 -33.25 -2.14 14.43
N PRO A 428 -34.26 -1.42 14.93
CA PRO A 428 -34.03 -0.02 15.34
C PRO A 428 -32.99 0.17 16.44
N ARG A 429 -32.80 -0.84 17.30
CA ARG A 429 -31.79 -0.78 18.35
C ARG A 429 -30.38 -0.92 17.74
N MET A 430 -30.26 -1.70 16.65
CA MET A 430 -28.97 -1.86 15.96
C MET A 430 -28.57 -0.48 15.35
N ARG A 431 -29.53 0.19 14.73
CA ARG A 431 -29.29 1.51 14.14
C ARG A 431 -28.89 2.53 15.19
N ALA A 432 -29.54 2.50 16.39
CA ALA A 432 -29.18 3.38 17.49
C ALA A 432 -27.76 3.11 17.97
N TRP A 433 -27.38 1.84 18.11
CA TRP A 433 -26.04 1.43 18.53
C TRP A 433 -24.99 1.95 17.51
N TRP A 434 -25.30 1.79 16.23
CA TRP A 434 -24.44 2.24 15.14
C TRP A 434 -24.25 3.74 15.17
N SER A 435 -25.35 4.50 15.29
CA SER A 435 -25.27 5.98 15.39
C SER A 435 -24.40 6.40 16.56
N ASN A 436 -24.59 5.75 17.71
CA ASN A 436 -23.83 6.07 18.92
C ASN A 436 -22.33 5.75 18.77
N MET A 437 -21.96 4.77 17.92
CA MET A 437 -20.55 4.41 17.65
C MET A 437 -19.78 5.54 16.97
N PHE A 438 -20.48 6.49 16.32
CA PHE A 438 -19.84 7.64 15.69
C PHE A 438 -19.55 8.78 16.66
N SER A 439 -19.85 8.65 17.97
CA SER A 439 -19.48 9.72 18.92
C SER A 439 -17.96 9.85 18.92
N PHE A 440 -17.45 11.02 19.22
CA PHE A 440 -16.00 11.19 19.24
C PHE A 440 -15.31 10.35 20.31
N ASP A 441 -16.02 10.00 21.38
CA ASP A 441 -15.50 9.14 22.45
C ASP A 441 -15.41 7.69 22.00
N ASN A 442 -16.39 7.21 21.22
CA ASN A 442 -16.42 5.82 20.76
C ASN A 442 -15.56 5.58 19.56
N TYR A 443 -15.65 6.45 18.58
CA TYR A 443 -14.82 6.33 17.36
C TYR A 443 -13.54 7.10 17.61
N GLU A 444 -12.61 6.49 18.31
CA GLU A 444 -11.34 7.13 18.68
C GLU A 444 -10.56 7.45 17.44
N GLY A 445 -10.06 8.68 17.38
CA GLY A 445 -9.30 9.17 16.25
C GLY A 445 -10.14 9.94 15.25
N SER A 446 -11.46 10.00 15.42
CA SER A 446 -12.33 10.79 14.56
C SER A 446 -12.39 12.23 15.10
N ALA A 447 -12.79 13.14 14.23
CA ALA A 447 -12.92 14.56 14.54
C ALA A 447 -13.98 15.16 13.64
N PRO A 448 -14.42 16.40 13.89
CA PRO A 448 -15.55 16.97 13.10
C PRO A 448 -15.31 17.09 11.61
N ASN A 449 -14.06 17.09 11.13
CA ASN A 449 -13.79 17.13 9.69
C ASN A 449 -13.62 15.74 9.08
N LEU A 450 -14.04 14.66 9.81
CA LEU A 450 -14.04 13.30 9.31
C LEU A 450 -15.48 12.91 8.97
N TYR A 451 -15.74 12.54 7.72
CA TYR A 451 -17.05 12.10 7.26
C TYR A 451 -16.93 10.66 6.80
N VAL A 452 -18.01 10.05 6.31
CA VAL A 452 -18.08 8.61 6.14
C VAL A 452 -18.58 8.14 4.80
N TRP A 453 -18.07 6.95 4.41
CA TRP A 453 -18.42 6.26 3.19
C TRP A 453 -18.89 4.85 3.60
N ASN A 454 -20.14 4.49 3.23
CA ASN A 454 -20.68 3.15 3.44
C ASN A 454 -20.65 2.43 2.14
N ASP A 455 -19.80 1.40 2.05
CA ASP A 455 -19.71 0.58 0.87
C ASP A 455 -20.16 -0.84 1.25
N MET A 456 -20.36 -1.69 0.24
CA MET A 456 -20.64 -3.12 0.45
C MET A 456 -21.93 -3.36 1.23
N ASN A 457 -22.86 -2.40 1.18
CA ASN A 457 -24.07 -2.46 2.02
C ASN A 457 -25.29 -3.02 1.30
N GLU A 458 -25.10 -3.87 0.31
CA GLU A 458 -26.19 -4.54 -0.39
C GLU A 458 -26.96 -5.53 0.51
N PRO A 459 -26.36 -6.33 1.40
CA PRO A 459 -24.93 -6.48 1.75
C PRO A 459 -24.14 -7.39 0.82
N SER A 460 -22.87 -7.06 0.61
CA SER A 460 -21.97 -7.89 -0.15
C SER A 460 -21.46 -8.98 0.79
N VAL A 461 -21.53 -10.26 0.35
CA VAL A 461 -21.11 -11.45 1.09
C VAL A 461 -20.36 -12.28 0.06
N PHE A 462 -19.03 -12.38 0.16
CA PHE A 462 -18.25 -13.02 -0.91
C PHE A 462 -18.57 -14.49 -1.18
N ASN A 463 -18.97 -15.22 -0.13
CA ASN A 463 -19.34 -16.62 -0.27
C ASN A 463 -20.87 -16.84 -0.30
N GLY A 464 -21.65 -15.78 -0.52
CA GLY A 464 -23.10 -15.88 -0.52
C GLY A 464 -23.69 -16.04 -1.91
N PRO A 465 -24.96 -16.43 -2.01
CA PRO A 465 -25.57 -16.58 -3.37
C PRO A 465 -25.67 -15.23 -4.02
N GLU A 466 -25.18 -15.10 -5.26
CA GLU A 466 -25.13 -13.85 -5.98
C GLU A 466 -24.31 -12.80 -5.21
N VAL A 467 -23.34 -13.26 -4.38
CA VAL A 467 -22.47 -12.38 -3.60
C VAL A 467 -23.28 -11.55 -2.55
N THR A 468 -24.43 -12.07 -2.08
CA THR A 468 -25.21 -11.41 -1.04
C THR A 468 -25.68 -12.42 0.01
N MET A 469 -26.50 -11.97 0.95
CA MET A 469 -26.96 -12.80 2.04
C MET A 469 -28.01 -13.84 1.61
N LEU A 470 -28.05 -14.95 2.37
CA LEU A 470 -28.99 -16.05 2.21
C LEU A 470 -30.39 -15.52 2.28
N LYS A 471 -31.25 -16.01 1.43
CA LYS A 471 -32.64 -15.59 1.37
C LYS A 471 -33.37 -15.88 2.69
N ASP A 472 -33.02 -16.97 3.34
CA ASP A 472 -33.69 -17.48 4.54
C ASP A 472 -33.00 -17.08 5.85
N ALA A 473 -32.06 -16.12 5.82
CA ALA A 473 -31.53 -15.55 7.06
C ALA A 473 -32.69 -14.79 7.72
N VAL A 474 -32.60 -14.59 9.03
CA VAL A 474 -33.68 -14.01 9.82
C VAL A 474 -33.31 -12.68 10.46
N HIS A 475 -34.21 -11.72 10.30
CA HIS A 475 -34.05 -10.37 10.79
C HIS A 475 -35.07 -10.05 11.89
N TYR A 476 -34.93 -8.83 12.43
CA TYR A 476 -35.79 -8.24 13.43
C TYR A 476 -37.27 -8.51 13.13
N GLY A 477 -38.00 -8.98 14.13
CA GLY A 477 -39.41 -9.31 13.98
C GLY A 477 -39.70 -10.64 13.31
N GLY A 478 -38.67 -11.41 13.01
CA GLY A 478 -38.84 -12.71 12.37
C GLY A 478 -38.93 -12.67 10.85
N TRP A 479 -38.76 -11.50 10.25
CA TRP A 479 -38.81 -11.37 8.81
C TRP A 479 -37.60 -12.01 8.18
N GLU A 480 -37.79 -12.62 7.00
CA GLU A 480 -36.65 -13.26 6.32
C GLU A 480 -35.87 -12.21 5.54
N HIS A 481 -34.62 -12.51 5.22
CA HIS A 481 -33.81 -11.62 4.39
C HIS A 481 -34.52 -11.31 3.07
N ARG A 482 -35.22 -12.30 2.45
CA ARG A 482 -35.94 -12.06 1.20
C ARG A 482 -36.98 -10.95 1.33
N ASP A 483 -37.56 -10.75 2.50
CA ASP A 483 -38.59 -9.73 2.67
C ASP A 483 -38.06 -8.30 2.70
N ILE A 484 -36.84 -8.14 3.21
CA ILE A 484 -36.26 -6.82 3.47
C ILE A 484 -35.04 -6.44 2.63
N HIS A 485 -34.51 -7.34 1.79
CA HIS A 485 -33.23 -7.15 1.12
C HIS A 485 -32.94 -5.75 0.64
N ASN A 486 -33.84 -5.16 -0.16
CA ASN A 486 -33.55 -3.88 -0.81
C ASN A 486 -33.53 -2.65 0.09
N ILE A 487 -33.93 -2.76 1.39
CA ILE A 487 -33.84 -1.64 2.31
C ILE A 487 -32.65 -1.81 3.29
N TYR A 488 -31.92 -2.93 3.26
CA TYR A 488 -30.78 -3.11 4.16
C TYR A 488 -29.75 -1.97 4.00
N GLY A 489 -29.34 -1.69 2.77
CA GLY A 489 -28.37 -0.62 2.50
C GLY A 489 -28.84 0.76 2.91
N LEU A 490 -30.10 1.07 2.64
CA LEU A 490 -30.72 2.33 3.08
C LEU A 490 -30.60 2.51 4.60
N TYR A 491 -30.84 1.42 5.38
CA TYR A 491 -30.74 1.49 6.82
C TYR A 491 -29.31 1.77 7.30
N VAL A 492 -28.33 1.20 6.62
CA VAL A 492 -26.91 1.46 6.95
C VAL A 492 -26.62 2.96 6.72
N HIS A 493 -27.14 3.48 5.60
CA HIS A 493 -26.95 4.86 5.18
C HIS A 493 -27.58 5.82 6.20
N MET A 494 -28.82 5.53 6.56
CA MET A 494 -29.61 6.26 7.54
C MET A 494 -28.91 6.27 8.89
N ALA A 495 -28.52 5.10 9.41
CA ALA A 495 -27.89 5.01 10.73
C ALA A 495 -26.55 5.78 10.78
N THR A 496 -25.78 5.71 9.70
CA THR A 496 -24.50 6.45 9.61
C THR A 496 -24.76 7.96 9.59
N ALA A 497 -25.70 8.42 8.76
CA ALA A 497 -26.03 9.85 8.72
C ALA A 497 -26.48 10.33 10.09
N ASP A 498 -27.38 9.58 10.75
CA ASP A 498 -27.84 9.96 12.10
C ASP A 498 -26.62 9.96 13.08
N GLY A 499 -25.66 9.06 12.94
CA GLY A 499 -24.45 9.07 13.76
C GLY A 499 -23.65 10.34 13.66
N LEU A 500 -23.52 10.87 12.43
CA LEU A 500 -22.79 12.13 12.20
C LEU A 500 -23.54 13.32 12.71
N ILE A 501 -24.84 13.29 12.64
CA ILE A 501 -25.67 14.35 13.20
C ILE A 501 -25.55 14.32 14.75
N GLN A 502 -25.75 13.14 15.36
CA GLN A 502 -25.73 13.00 16.82
C GLN A 502 -24.40 13.38 17.46
N ARG A 503 -23.26 13.02 16.85
CA ARG A 503 -21.94 13.28 17.46
C ARG A 503 -21.67 14.78 17.65
N SER A 504 -22.37 15.61 16.86
CA SER A 504 -22.24 17.05 16.88
C SER A 504 -23.33 17.73 17.76
N GLY A 505 -24.13 16.95 18.44
CA GLY A 505 -25.25 17.46 19.24
C GLY A 505 -26.42 17.90 18.38
N GLY A 506 -26.55 17.32 17.19
CA GLY A 506 -27.65 17.64 16.27
C GLY A 506 -27.47 18.90 15.42
N ILE A 507 -26.28 19.49 15.42
CA ILE A 507 -26.02 20.75 14.74
C ILE A 507 -25.49 20.61 13.33
N GLU A 508 -24.52 19.70 13.12
CA GLU A 508 -23.82 19.56 11.83
C GLU A 508 -24.57 18.68 10.88
N ARG A 509 -24.64 19.10 9.59
CA ARG A 509 -25.26 18.30 8.55
C ARG A 509 -24.30 17.16 8.22
N PRO A 510 -24.82 15.97 8.00
CA PRO A 510 -23.94 14.84 7.69
C PRO A 510 -23.42 14.87 6.24
N PHE A 511 -22.43 14.03 5.97
CA PHE A 511 -22.05 13.70 4.62
C PHE A 511 -21.74 12.21 4.66
N VAL A 512 -22.57 11.42 3.98
CA VAL A 512 -22.37 10.01 3.85
C VAL A 512 -22.63 9.61 2.42
N LEU A 513 -21.65 8.88 1.82
CA LEU A 513 -21.79 8.25 0.50
C LEU A 513 -22.17 6.80 0.71
N SER A 514 -23.17 6.30 -0.01
CA SER A 514 -23.62 4.91 0.06
C SER A 514 -23.64 4.23 -1.30
N ARG A 515 -23.30 2.93 -1.36
CA ARG A 515 -23.37 2.22 -2.62
C ARG A 515 -24.78 1.72 -2.88
N ALA A 516 -25.37 1.04 -1.88
CA ALA A 516 -26.73 0.52 -1.97
C ALA A 516 -27.73 1.57 -1.53
N PHE A 517 -28.93 1.45 -2.09
CA PHE A 517 -29.98 2.42 -1.85
C PHE A 517 -31.34 1.88 -2.27
N PHE A 518 -32.36 2.60 -1.84
CA PHE A 518 -33.77 2.35 -2.11
C PHE A 518 -34.48 3.67 -2.15
N SER A 519 -35.80 3.65 -2.44
CA SER A 519 -36.67 4.81 -2.30
C SER A 519 -36.45 5.39 -0.90
N GLY A 520 -36.27 6.72 -0.80
CA GLY A 520 -36.00 7.39 0.47
C GLY A 520 -34.54 7.63 0.75
N SER A 521 -33.61 6.94 0.02
CA SER A 521 -32.16 7.13 0.25
C SER A 521 -31.68 8.54 0.05
N GLN A 522 -32.39 9.34 -0.76
CA GLN A 522 -32.07 10.76 -0.96
C GLN A 522 -31.99 11.54 0.34
N ARG A 523 -32.71 11.08 1.39
CA ARG A 523 -32.75 11.76 2.69
C ARG A 523 -31.44 11.63 3.48
N PHE A 524 -30.52 10.73 3.05
CA PHE A 524 -29.34 10.44 3.84
C PHE A 524 -28.00 10.84 3.26
N GLY A 525 -27.94 11.35 2.03
CA GLY A 525 -26.66 11.74 1.48
C GLY A 525 -26.52 11.48 0.00
N ALA A 526 -25.31 11.01 -0.38
CA ALA A 526 -24.95 10.77 -1.76
C ALA A 526 -24.91 9.29 -2.09
N VAL A 527 -25.00 8.99 -3.38
CA VAL A 527 -24.79 7.63 -3.92
C VAL A 527 -23.87 7.74 -5.11
N TRP A 528 -23.28 6.64 -5.54
CA TRP A 528 -22.47 6.63 -6.75
C TRP A 528 -22.69 5.34 -7.47
N THR A 529 -22.31 5.29 -8.73
CA THR A 529 -22.59 4.11 -9.58
C THR A 529 -21.64 2.92 -9.41
N GLY A 530 -20.93 2.86 -8.30
CA GLY A 530 -20.09 1.73 -7.98
C GLY A 530 -18.83 1.55 -8.79
N ASP A 531 -18.46 0.27 -8.96
CA ASP A 531 -17.18 -0.10 -9.58
C ASP A 531 -17.26 -0.12 -11.07
N ASN A 532 -17.11 1.07 -11.65
CA ASN A 532 -17.13 1.24 -13.09
C ASN A 532 -15.70 0.97 -13.62
N THR A 533 -15.49 1.16 -14.93
CA THR A 533 -14.23 0.86 -15.57
C THR A 533 -13.72 2.06 -16.35
N ALA A 534 -12.39 2.19 -16.40
CA ALA A 534 -11.69 3.26 -17.12
C ALA A 534 -11.77 3.05 -18.64
N GLU A 535 -12.97 3.23 -19.20
CA GLU A 535 -13.28 3.11 -20.61
C GLU A 535 -14.27 4.19 -21.04
N TRP A 536 -14.19 4.63 -22.32
CA TRP A 536 -15.02 5.70 -22.88
C TRP A 536 -16.51 5.44 -22.77
N ASP A 537 -16.97 4.20 -23.01
CA ASP A 537 -18.42 3.91 -22.89
C ASP A 537 -18.90 3.97 -21.43
N HIS A 538 -18.01 3.78 -20.43
CA HIS A 538 -18.39 3.96 -19.02
C HIS A 538 -18.48 5.46 -18.70
N LEU A 539 -17.60 6.28 -19.30
CA LEU A 539 -17.70 7.73 -19.19
C LEU A 539 -19.09 8.17 -19.72
N LYS A 540 -19.46 7.68 -20.92
CA LYS A 540 -20.76 8.04 -21.51
C LYS A 540 -21.93 7.63 -20.63
N ILE A 541 -21.90 6.46 -20.04
CA ILE A 541 -23.04 5.91 -19.30
C ILE A 541 -23.27 6.61 -17.93
N SER A 542 -22.32 7.38 -17.45
CA SER A 542 -22.49 8.13 -16.23
C SER A 542 -23.70 9.09 -16.36
N ILE A 543 -23.95 9.65 -17.58
CA ILE A 543 -25.09 10.55 -17.76
C ILE A 543 -26.43 9.80 -17.59
N PRO A 544 -26.78 8.79 -18.41
CA PRO A 544 -28.08 8.11 -18.21
C PRO A 544 -28.23 7.46 -16.83
N MET A 545 -27.14 6.96 -16.23
CA MET A 545 -27.24 6.36 -14.90
C MET A 545 -27.58 7.39 -13.86
N CYS A 546 -26.90 8.54 -13.82
CA CYS A 546 -27.26 9.56 -12.83
C CYS A 546 -28.57 10.25 -13.18
N LEU A 547 -28.97 10.35 -14.47
CA LEU A 547 -30.27 10.93 -14.81
C LEU A 547 -31.40 10.01 -14.37
N SER A 548 -31.22 8.70 -14.49
CA SER A 548 -32.24 7.74 -14.05
C SER A 548 -32.44 7.89 -12.52
N LEU A 549 -31.35 8.13 -11.78
CA LEU A 549 -31.40 8.36 -10.36
C LEU A 549 -32.04 9.70 -9.99
N ALA A 550 -31.69 10.77 -10.72
CA ALA A 550 -32.25 12.10 -10.51
C ALA A 550 -33.78 12.08 -10.66
N LEU A 551 -34.28 11.38 -11.67
CA LEU A 551 -35.72 11.33 -11.92
C LEU A 551 -36.49 10.72 -10.76
N VAL A 552 -35.86 9.80 -9.99
CA VAL A 552 -36.50 9.12 -8.87
C VAL A 552 -36.04 9.64 -7.50
N GLY A 553 -35.60 10.89 -7.46
CA GLY A 553 -35.30 11.65 -6.26
C GLY A 553 -33.87 11.63 -5.75
N LEU A 554 -33.01 10.82 -6.32
CA LEU A 554 -31.62 10.71 -5.84
C LEU A 554 -30.73 11.64 -6.66
N SER A 555 -30.76 12.91 -6.27
CA SER A 555 -30.05 13.98 -6.97
C SER A 555 -28.54 13.99 -6.74
N PHE A 556 -28.08 13.42 -5.63
CA PHE A 556 -26.66 13.52 -5.29
C PHE A 556 -25.93 12.25 -5.73
N CYS A 557 -25.73 12.18 -7.05
CA CYS A 557 -25.21 11.03 -7.79
C CYS A 557 -23.92 11.39 -8.53
N GLY A 558 -23.11 10.37 -8.78
CA GLY A 558 -21.90 10.52 -9.57
C GLY A 558 -21.30 9.18 -9.89
N ALA A 559 -20.24 9.20 -10.69
CA ALA A 559 -19.49 8.01 -11.09
C ALA A 559 -18.02 8.28 -10.86
N ASP A 560 -17.26 7.24 -10.58
CA ASP A 560 -15.85 7.43 -10.25
C ASP A 560 -15.12 8.06 -11.41
N VAL A 561 -14.51 9.23 -11.16
CA VAL A 561 -13.78 9.97 -12.16
C VAL A 561 -12.50 9.22 -12.49
N GLY A 562 -12.36 8.87 -13.75
CA GLY A 562 -11.25 8.09 -14.28
C GLY A 562 -11.61 6.63 -14.43
N GLY A 563 -12.69 6.18 -13.80
CA GLY A 563 -13.09 4.78 -13.77
C GLY A 563 -12.38 4.08 -12.64
N PHE A 564 -13.05 3.13 -12.01
CA PHE A 564 -12.47 2.39 -10.88
C PHE A 564 -11.43 1.34 -11.37
N PHE A 565 -11.87 0.44 -12.23
CA PHE A 565 -11.01 -0.60 -12.77
C PHE A 565 -10.17 -0.07 -13.92
N LYS A 566 -8.92 -0.53 -14.01
CA LYS A 566 -8.00 -0.27 -15.12
C LYS A 566 -7.44 1.15 -15.09
N ASN A 567 -6.51 1.42 -16.01
CA ASN A 567 -5.80 2.69 -16.12
C ASN A 567 -6.32 3.49 -17.31
N PRO A 568 -6.90 4.68 -17.05
CA PRO A 568 -7.37 5.51 -18.16
C PRO A 568 -6.19 6.19 -18.84
N GLU A 569 -6.26 6.34 -20.18
CA GLU A 569 -5.26 7.12 -20.90
C GLU A 569 -5.47 8.61 -20.46
N PRO A 570 -4.40 9.44 -20.44
CA PRO A 570 -4.56 10.85 -19.99
C PRO A 570 -5.72 11.62 -20.62
N GLU A 571 -5.98 11.44 -21.92
CA GLU A 571 -7.09 12.11 -22.60
C GLU A 571 -8.41 11.71 -21.97
N LEU A 572 -8.60 10.42 -21.70
CA LEU A 572 -9.84 9.95 -21.06
C LEU A 572 -9.97 10.53 -19.65
N LEU A 573 -8.86 10.56 -18.85
CA LEU A 573 -8.90 11.12 -17.50
C LEU A 573 -9.34 12.60 -17.57
N VAL A 574 -8.80 13.37 -18.53
CA VAL A 574 -9.21 14.77 -18.72
C VAL A 574 -10.71 14.85 -19.02
N ARG A 575 -11.20 14.11 -20.01
CA ARG A 575 -12.62 14.16 -20.33
C ARG A 575 -13.48 13.72 -19.15
N TRP A 576 -12.97 12.79 -18.32
CA TRP A 576 -13.72 12.36 -17.15
C TRP A 576 -13.77 13.46 -16.08
N TYR A 577 -12.69 14.20 -15.86
CA TYR A 577 -12.74 15.34 -14.94
C TYR A 577 -13.76 16.38 -15.41
N GLN A 578 -13.85 16.60 -16.71
CA GLN A 578 -14.76 17.58 -17.26
C GLN A 578 -16.18 17.18 -17.07
N MET A 579 -16.49 15.90 -17.32
CA MET A 579 -17.84 15.31 -17.11
C MET A 579 -18.18 15.37 -15.62
N GLY A 580 -17.27 14.88 -14.78
CA GLY A 580 -17.47 14.84 -13.34
C GLY A 580 -17.65 16.20 -12.73
N ALA A 581 -16.96 17.20 -13.29
CA ALA A 581 -17.06 18.59 -12.83
C ALA A 581 -18.46 19.16 -12.98
N TYR A 582 -19.28 18.58 -13.88
CA TYR A 582 -20.66 18.99 -14.10
C TYR A 582 -21.69 17.96 -13.64
N GLN A 583 -21.27 17.02 -12.76
CA GLN A 583 -22.16 16.02 -12.18
C GLN A 583 -22.23 16.23 -10.66
N PRO A 584 -23.36 15.90 -10.01
CA PRO A 584 -23.53 16.29 -8.60
C PRO A 584 -22.48 15.79 -7.59
N PHE A 585 -22.13 14.50 -7.61
CA PHE A 585 -21.10 13.96 -6.71
C PHE A 585 -19.83 13.77 -7.51
N PHE A 586 -18.78 14.51 -7.16
CA PHE A 586 -17.56 14.61 -7.95
C PHE A 586 -16.37 14.06 -7.23
N ARG A 587 -16.09 12.77 -7.50
CA ARG A 587 -14.98 12.07 -6.86
C ARG A 587 -14.19 11.27 -7.82
N ALA A 588 -12.85 11.39 -7.73
CA ALA A 588 -11.93 10.54 -8.46
C ALA A 588 -11.65 9.37 -7.53
N HIS A 589 -11.71 8.16 -8.04
CA HIS A 589 -11.42 6.97 -7.28
C HIS A 589 -10.79 5.93 -8.23
N ALA A 590 -10.06 4.97 -7.67
CA ALA A 590 -9.33 3.99 -8.45
C ALA A 590 -9.07 2.71 -7.66
N HIS A 591 -9.02 1.59 -8.37
CA HIS A 591 -8.78 0.26 -7.80
C HIS A 591 -7.34 0.08 -7.30
N LEU A 592 -7.15 -0.83 -6.36
CA LEU A 592 -5.87 -1.19 -5.72
C LEU A 592 -4.70 -1.38 -6.68
N ASP A 593 -4.96 -2.02 -7.85
CA ASP A 593 -3.92 -2.39 -8.84
C ASP A 593 -3.60 -1.29 -9.86
N THR A 594 -4.28 -0.16 -9.81
CA THR A 594 -4.09 0.89 -10.80
C THR A 594 -2.89 1.73 -10.48
N GLY A 595 -2.35 2.36 -11.50
CA GLY A 595 -1.31 3.36 -11.29
C GLY A 595 -1.91 4.59 -10.61
N ARG A 596 -1.08 5.35 -9.87
CA ARG A 596 -1.51 6.58 -9.23
C ARG A 596 -1.99 7.59 -10.25
N ARG A 597 -3.12 8.26 -10.00
CA ARG A 597 -3.64 9.18 -10.98
C ARG A 597 -4.09 10.50 -10.37
N GLU A 598 -3.31 10.97 -9.39
CA GLU A 598 -3.52 12.33 -8.85
C GLU A 598 -3.24 13.25 -10.06
N PRO A 599 -4.06 14.30 -10.24
CA PRO A 599 -4.05 15.02 -11.51
C PRO A 599 -2.78 15.77 -11.88
N TRP A 600 -1.88 16.04 -10.92
CA TRP A 600 -0.59 16.64 -11.22
C TRP A 600 0.46 15.65 -11.70
N LEU A 601 0.15 14.36 -11.80
CA LEU A 601 1.13 13.38 -12.27
C LEU A 601 1.17 13.29 -13.79
N LEU A 602 0.25 13.96 -14.48
CA LEU A 602 0.13 13.96 -15.91
C LEU A 602 0.98 15.06 -16.50
N ALA A 603 1.16 15.03 -17.83
CA ALA A 603 1.89 16.08 -18.55
C ALA A 603 1.11 17.39 -18.47
N SER A 604 1.82 18.53 -18.50
CA SER A 604 1.25 19.89 -18.37
C SER A 604 -0.08 20.15 -19.15
N GLN A 605 -0.18 19.71 -20.42
CA GLN A 605 -1.42 19.96 -21.20
C GLN A 605 -2.65 19.39 -20.50
N TYR A 606 -2.50 18.19 -19.93
CA TYR A 606 -3.57 17.46 -19.24
C TYR A 606 -3.83 18.07 -17.88
N GLN A 607 -2.78 18.42 -17.13
CA GLN A 607 -2.93 19.11 -15.85
C GLN A 607 -3.74 20.37 -16.01
N ASP A 608 -3.42 21.14 -17.06
CA ASP A 608 -4.05 22.43 -17.29
C ASP A 608 -5.54 22.29 -17.61
N ALA A 609 -5.90 21.27 -18.39
CA ALA A 609 -7.30 21.04 -18.73
C ALA A 609 -8.06 20.61 -17.47
N ILE A 610 -7.42 19.79 -16.61
CA ILE A 610 -8.04 19.32 -15.37
C ILE A 610 -8.21 20.48 -14.41
N ARG A 611 -7.18 21.31 -14.25
CA ARG A 611 -7.28 22.49 -13.36
C ARG A 611 -8.46 23.40 -13.84
N ASP A 612 -8.59 23.60 -15.14
CA ASP A 612 -9.67 24.40 -15.73
C ASP A 612 -11.03 23.84 -15.30
N ALA A 613 -11.20 22.53 -15.41
CA ALA A 613 -12.47 21.87 -15.03
C ALA A 613 -12.77 22.08 -13.52
N LEU A 614 -11.74 21.93 -12.68
CA LEU A 614 -11.85 22.12 -11.24
C LEU A 614 -12.23 23.55 -10.91
N PHE A 615 -11.59 24.50 -11.55
CA PHE A 615 -11.91 25.92 -11.38
C PHE A 615 -13.37 26.19 -11.80
N GLN A 616 -13.86 25.60 -12.93
CA GLN A 616 -15.26 25.81 -13.33
C GLN A 616 -16.21 25.35 -12.27
N ARG A 617 -15.96 24.14 -11.73
CA ARG A 617 -16.80 23.56 -10.67
C ARG A 617 -16.79 24.44 -9.42
N TYR A 618 -15.61 24.81 -8.93
CA TYR A 618 -15.52 25.62 -7.72
C TYR A 618 -16.22 26.98 -7.91
N SER A 619 -16.04 27.61 -9.06
CA SER A 619 -16.73 28.89 -9.31
C SER A 619 -18.23 28.75 -9.36
N LEU A 620 -18.73 27.60 -9.80
CA LEU A 620 -20.18 27.36 -9.83
C LEU A 620 -20.78 26.88 -8.50
N LEU A 621 -19.99 26.76 -7.40
CA LEU A 621 -20.55 26.26 -6.15
C LEU A 621 -21.78 26.98 -5.67
N PRO A 622 -21.87 28.34 -5.76
CA PRO A 622 -23.13 29.01 -5.35
C PRO A 622 -24.35 28.52 -6.14
N PHE A 623 -24.16 28.21 -7.42
CA PHE A 623 -25.23 27.70 -8.31
C PHE A 623 -25.61 26.27 -7.91
N TRP A 624 -24.62 25.41 -7.73
CA TRP A 624 -24.85 24.03 -7.28
C TRP A 624 -25.60 23.99 -5.95
N TYR A 625 -25.18 24.86 -5.01
CA TYR A 625 -25.76 24.92 -3.67
C TYR A 625 -27.23 25.33 -3.75
N THR A 626 -27.51 26.30 -4.59
CA THR A 626 -28.87 26.77 -4.81
C THR A 626 -29.75 25.66 -5.42
N LEU A 627 -29.24 24.92 -6.43
CA LEU A 627 -29.99 23.81 -7.04
C LEU A 627 -30.29 22.75 -6.00
N PHE A 628 -29.32 22.46 -5.11
CA PHE A 628 -29.54 21.48 -4.06
C PHE A 628 -30.54 21.98 -3.06
N TYR A 629 -30.53 23.27 -2.74
CA TYR A 629 -31.55 23.84 -1.85
C TYR A 629 -32.95 23.66 -2.51
N GLN A 630 -33.07 23.92 -3.80
CA GLN A 630 -34.34 23.71 -4.51
C GLN A 630 -34.73 22.23 -4.52
N ALA A 631 -33.76 21.31 -4.58
CA ALA A 631 -34.05 19.87 -4.49
C ALA A 631 -34.55 19.51 -3.10
N HIS A 632 -33.91 20.08 -2.07
CA HIS A 632 -34.26 19.85 -0.69
C HIS A 632 -35.64 20.39 -0.36
N LYS A 633 -35.99 21.57 -0.87
CA LYS A 633 -37.28 22.18 -0.57
C LYS A 633 -38.44 21.68 -1.42
N GLU A 634 -38.21 21.42 -2.71
CA GLU A 634 -39.25 21.03 -3.67
C GLU A 634 -39.23 19.61 -4.16
N GLY A 635 -38.10 18.91 -4.07
CA GLY A 635 -37.96 17.57 -4.58
C GLY A 635 -37.70 17.51 -6.08
N PHE A 636 -37.22 18.62 -6.66
CA PHE A 636 -36.88 18.72 -8.06
C PHE A 636 -35.45 18.28 -8.28
N PRO A 637 -35.20 17.56 -9.38
CA PRO A 637 -33.83 17.06 -9.63
C PRO A 637 -32.82 18.13 -9.96
N VAL A 638 -31.58 17.93 -9.53
CA VAL A 638 -30.49 18.88 -9.80
C VAL A 638 -30.04 18.72 -11.27
N MET A 639 -29.64 17.50 -11.64
CA MET A 639 -29.24 17.12 -12.99
C MET A 639 -30.51 16.62 -13.69
N ARG A 640 -30.83 17.15 -14.87
CA ARG A 640 -32.10 16.86 -15.54
C ARG A 640 -31.99 16.47 -16.97
N PRO A 641 -32.81 15.51 -17.43
CA PRO A 641 -32.87 15.25 -18.88
C PRO A 641 -33.46 16.47 -19.60
N LEU A 642 -33.12 16.68 -20.85
CA LEU A 642 -33.67 17.82 -21.59
C LEU A 642 -35.20 17.78 -21.68
N TRP A 643 -35.82 16.58 -21.76
CA TRP A 643 -37.29 16.46 -21.85
C TRP A 643 -38.01 17.01 -20.63
N VAL A 644 -37.34 17.07 -19.46
CA VAL A 644 -37.93 17.70 -18.29
C VAL A 644 -38.17 19.21 -18.51
N GLN A 645 -37.23 19.88 -19.19
CA GLN A 645 -37.35 21.31 -19.50
C GLN A 645 -38.10 21.56 -20.80
N TYR A 646 -38.09 20.57 -21.72
CA TYR A 646 -38.76 20.68 -23.04
C TYR A 646 -39.71 19.50 -23.22
N PRO A 647 -40.78 19.45 -22.43
CA PRO A 647 -41.68 18.28 -22.48
C PRO A 647 -42.42 18.06 -23.79
N GLU A 648 -42.59 19.08 -24.61
CA GLU A 648 -43.28 18.93 -25.88
C GLU A 648 -42.31 18.70 -27.02
N ASP A 649 -41.00 18.72 -26.77
CA ASP A 649 -40.04 18.48 -27.83
C ASP A 649 -39.71 16.98 -27.86
N MET A 650 -40.38 16.26 -28.76
CA MET A 650 -40.24 14.83 -28.89
C MET A 650 -38.81 14.38 -29.27
N SER A 651 -38.02 15.28 -29.88
CA SER A 651 -36.64 14.93 -30.20
C SER A 651 -35.73 14.84 -28.93
N THR A 652 -36.19 15.34 -27.78
CA THR A 652 -35.40 15.28 -26.55
C THR A 652 -35.67 14.04 -25.67
N PHE A 653 -36.69 13.25 -26.00
CA PHE A 653 -37.18 12.21 -25.11
C PHE A 653 -36.20 11.12 -24.80
N SER A 654 -35.22 10.85 -25.67
CA SER A 654 -34.23 9.78 -25.43
C SER A 654 -32.78 10.30 -25.29
N ILE A 655 -32.57 11.63 -25.29
CA ILE A 655 -31.22 12.20 -25.23
C ILE A 655 -30.54 11.86 -23.95
N GLU A 656 -29.34 11.31 -24.05
CA GLU A 656 -28.53 10.95 -22.88
C GLU A 656 -27.03 11.30 -23.02
N ASP A 657 -26.65 12.12 -24.00
CA ASP A 657 -25.26 12.56 -24.17
C ASP A 657 -25.16 14.03 -23.82
N GLN A 658 -26.27 14.59 -23.25
CA GLN A 658 -26.44 15.96 -22.88
C GLN A 658 -27.39 16.01 -21.68
N PHE A 659 -27.28 17.06 -20.86
CA PHE A 659 -28.19 17.23 -19.73
C PHE A 659 -28.23 18.66 -19.33
N MET A 660 -29.18 19.00 -18.48
CA MET A 660 -29.26 20.33 -17.90
C MET A 660 -29.02 20.30 -16.40
N LEU A 661 -28.51 21.40 -15.89
CA LEU A 661 -28.38 21.65 -14.46
C LEU A 661 -29.41 22.75 -14.17
N GLY A 662 -30.46 22.38 -13.47
CA GLY A 662 -31.58 23.28 -13.25
C GLY A 662 -32.22 23.64 -14.58
N ASP A 663 -32.65 24.90 -14.71
CA ASP A 663 -33.17 25.43 -15.95
C ASP A 663 -32.13 26.31 -16.66
N ALA A 664 -30.91 26.47 -16.12
CA ALA A 664 -29.98 27.47 -16.60
C ALA A 664 -28.80 27.00 -17.44
N LEU A 665 -28.21 25.82 -17.18
CA LEU A 665 -27.04 25.39 -17.94
C LEU A 665 -27.32 24.09 -18.67
N LEU A 666 -26.87 24.01 -19.94
CA LEU A 666 -26.98 22.82 -20.78
C LEU A 666 -25.54 22.37 -21.01
N ILE A 667 -25.26 21.10 -20.70
CA ILE A 667 -23.92 20.54 -20.73
C ILE A 667 -23.86 19.41 -21.75
N HIS A 668 -22.83 19.40 -22.64
CA HIS A 668 -22.60 18.31 -23.59
C HIS A 668 -21.13 17.99 -23.48
N PRO A 669 -20.72 17.23 -22.45
CA PRO A 669 -19.29 16.88 -22.31
C PRO A 669 -18.74 16.05 -23.50
N VAL A 670 -17.48 16.24 -23.81
CA VAL A 670 -16.85 15.47 -24.88
C VAL A 670 -16.66 14.07 -24.34
N SER A 671 -17.10 13.03 -25.05
CA SER A 671 -16.97 11.68 -24.55
C SER A 671 -16.47 10.68 -25.60
N ASP A 672 -15.60 11.11 -26.51
CA ASP A 672 -14.98 10.24 -27.51
C ASP A 672 -13.52 10.66 -27.67
N ALA A 673 -12.63 9.66 -27.77
CA ALA A 673 -11.19 9.92 -27.97
C ALA A 673 -11.01 10.58 -29.33
N GLY A 674 -10.14 11.59 -29.40
CA GLY A 674 -9.84 12.29 -30.63
C GLY A 674 -10.97 13.10 -31.25
N ALA A 675 -11.93 13.52 -30.43
CA ALA A 675 -13.06 14.32 -30.91
C ALA A 675 -12.55 15.73 -31.21
N HIS A 676 -12.96 16.28 -32.35
CA HIS A 676 -12.64 17.66 -32.71
C HIS A 676 -13.89 18.52 -32.73
N GLY A 677 -15.06 17.90 -32.55
CA GLY A 677 -16.30 18.63 -32.37
C GLY A 677 -17.38 17.76 -31.77
N VAL A 678 -18.47 18.38 -31.32
CA VAL A 678 -19.63 17.69 -30.75
C VAL A 678 -20.90 18.26 -31.41
N GLN A 679 -21.92 17.44 -31.58
CA GLN A 679 -23.21 17.86 -32.05
C GLN A 679 -24.04 18.20 -30.80
N VAL A 680 -24.30 19.50 -30.57
CA VAL A 680 -25.06 19.95 -29.40
C VAL A 680 -26.48 20.33 -29.78
N TYR A 681 -27.48 19.66 -29.22
CA TYR A 681 -28.87 20.03 -29.50
C TYR A 681 -29.30 21.11 -28.51
N LEU A 682 -29.64 22.29 -29.02
CA LEU A 682 -30.05 23.44 -28.24
C LEU A 682 -31.56 23.58 -28.51
N PRO A 683 -32.39 23.17 -27.54
CA PRO A 683 -33.84 23.18 -27.77
C PRO A 683 -34.48 24.53 -27.51
N GLY A 684 -35.77 24.62 -27.83
CA GLY A 684 -36.59 25.76 -27.49
C GLY A 684 -36.95 26.68 -28.62
N GLN A 685 -38.26 26.75 -28.95
CA GLN A 685 -38.76 27.71 -29.93
C GLN A 685 -38.61 29.10 -29.28
N GLU A 686 -38.02 30.07 -29.98
CA GLU A 686 -37.82 31.44 -29.42
C GLU A 686 -36.93 31.49 -28.12
N GLU A 687 -36.08 30.47 -27.91
CA GLU A 687 -35.13 30.40 -26.79
C GLU A 687 -33.76 30.79 -27.37
N VAL A 688 -32.89 31.35 -26.55
CA VAL A 688 -31.53 31.63 -26.96
C VAL A 688 -30.62 31.00 -25.95
N TRP A 689 -29.43 30.63 -26.40
CA TRP A 689 -28.41 29.96 -25.60
C TRP A 689 -27.09 30.67 -25.78
N TYR A 690 -26.34 30.87 -24.70
CA TYR A 690 -25.03 31.52 -24.79
C TYR A 690 -23.90 30.54 -24.49
N ASP A 691 -22.92 30.42 -25.39
CA ASP A 691 -21.73 29.59 -25.16
C ASP A 691 -21.01 30.32 -24.03
N ILE A 692 -20.86 29.68 -22.85
CA ILE A 692 -20.34 30.38 -21.68
C ILE A 692 -18.88 30.81 -21.79
N GLN A 693 -18.13 30.26 -22.75
CA GLN A 693 -16.74 30.62 -22.95
C GLN A 693 -16.56 31.75 -23.91
N SER A 694 -17.26 31.68 -25.06
CA SER A 694 -17.15 32.65 -26.14
C SER A 694 -18.19 33.75 -26.08
N TYR A 695 -19.27 33.52 -25.37
CA TYR A 695 -20.42 34.42 -25.25
C TYR A 695 -21.23 34.48 -26.57
N GLN A 696 -20.97 33.57 -27.52
CA GLN A 696 -21.74 33.55 -28.77
C GLN A 696 -23.17 33.09 -28.47
N LYS A 697 -24.13 33.80 -29.03
CA LYS A 697 -25.55 33.51 -28.85
C LYS A 697 -26.01 32.64 -29.97
N HIS A 698 -26.81 31.61 -29.62
CA HIS A 698 -27.37 30.64 -30.55
C HIS A 698 -28.87 30.53 -30.30
N HIS A 699 -29.66 30.57 -31.39
CA HIS A 699 -31.11 30.46 -31.31
C HIS A 699 -31.55 29.01 -31.39
N GLY A 700 -32.46 28.61 -30.54
CA GLY A 700 -33.05 27.28 -30.60
C GLY A 700 -34.25 27.27 -31.52
N PRO A 701 -34.75 26.10 -31.92
CA PRO A 701 -34.16 24.78 -31.74
C PRO A 701 -33.15 24.53 -32.86
N GLN A 702 -31.99 24.00 -32.54
CA GLN A 702 -31.01 23.64 -33.56
C GLN A 702 -30.03 22.62 -33.03
N THR A 703 -29.32 21.93 -33.94
CA THR A 703 -28.20 21.07 -33.62
C THR A 703 -26.98 21.83 -34.09
N LEU A 704 -26.13 22.22 -33.16
CA LEU A 704 -24.93 23.00 -33.43
C LEU A 704 -23.70 22.09 -33.45
N TYR A 705 -22.87 22.16 -34.53
CA TYR A 705 -21.64 21.38 -34.50
C TYR A 705 -20.56 22.30 -33.91
N LEU A 706 -20.19 22.05 -32.67
CA LEU A 706 -19.27 22.90 -31.93
C LEU A 706 -17.87 22.33 -32.00
N PRO A 707 -16.88 23.11 -32.46
CA PRO A 707 -15.48 22.61 -32.40
C PRO A 707 -14.95 22.55 -30.97
N VAL A 708 -14.13 21.54 -30.66
CA VAL A 708 -13.57 21.36 -29.33
C VAL A 708 -12.09 21.03 -29.39
N THR A 709 -11.39 21.37 -28.29
CA THR A 709 -10.01 21.02 -27.99
C THR A 709 -10.01 20.22 -26.66
N LEU A 710 -8.82 19.84 -26.18
CA LEU A 710 -8.67 19.09 -24.93
C LEU A 710 -9.26 19.81 -23.72
N SER A 711 -9.16 21.14 -23.67
CA SER A 711 -9.65 21.94 -22.54
C SER A 711 -11.13 22.36 -22.68
N SER A 712 -11.80 22.01 -23.78
CA SER A 712 -13.22 22.36 -23.97
C SER A 712 -14.19 21.54 -23.12
N ILE A 713 -15.17 22.24 -22.51
CA ILE A 713 -16.31 21.65 -21.80
C ILE A 713 -17.52 22.36 -22.40
N PRO A 714 -18.20 21.78 -23.40
CA PRO A 714 -19.35 22.47 -24.04
C PRO A 714 -20.49 22.75 -23.05
N VAL A 715 -20.62 24.01 -22.66
CA VAL A 715 -21.63 24.44 -21.69
C VAL A 715 -22.29 25.70 -22.23
N PHE A 716 -23.61 25.76 -22.15
CA PHE A 716 -24.41 26.87 -22.63
C PHE A 716 -25.33 27.35 -21.55
N GLN A 717 -25.47 28.67 -21.41
CA GLN A 717 -26.40 29.26 -20.44
C GLN A 717 -27.67 29.65 -21.17
N ARG A 718 -28.84 29.30 -20.62
CA ARG A 718 -30.12 29.61 -21.25
C ARG A 718 -30.46 31.08 -21.08
N GLY A 719 -30.92 31.72 -22.15
CA GLY A 719 -31.42 33.08 -22.04
C GLY A 719 -32.59 33.10 -21.07
N GLY A 720 -32.68 34.15 -20.26
CA GLY A 720 -33.70 34.25 -19.24
C GLY A 720 -33.26 33.81 -17.86
N THR A 721 -31.95 33.52 -17.66
CA THR A 721 -31.44 33.02 -16.38
C THR A 721 -30.30 33.85 -15.85
N ILE A 722 -30.10 33.75 -14.54
CA ILE A 722 -29.03 34.46 -13.82
C ILE A 722 -28.32 33.42 -12.98
N VAL A 723 -27.04 33.19 -13.27
CA VAL A 723 -26.22 32.19 -12.59
C VAL A 723 -25.21 32.89 -11.66
N PRO A 724 -25.15 32.50 -10.38
CA PRO A 724 -24.19 33.14 -9.46
C PRO A 724 -22.89 32.34 -9.40
N ARG A 725 -21.73 33.02 -9.33
CA ARG A 725 -20.46 32.34 -9.26
C ARG A 725 -19.55 33.00 -8.25
N TRP A 726 -18.59 32.24 -7.72
CA TRP A 726 -17.49 32.76 -6.90
C TRP A 726 -16.31 32.73 -7.87
N MET A 727 -15.89 33.88 -8.40
CA MET A 727 -14.81 33.89 -9.37
C MET A 727 -13.44 33.77 -8.75
N ARG A 728 -13.32 33.97 -7.45
CA ARG A 728 -12.03 33.85 -6.75
C ARG A 728 -11.87 32.41 -6.28
N VAL A 729 -11.30 31.58 -7.14
CA VAL A 729 -11.12 30.15 -6.84
C VAL A 729 -9.99 29.98 -5.86
N ARG A 730 -10.28 29.35 -4.74
CA ARG A 730 -9.29 29.10 -3.69
C ARG A 730 -9.11 27.60 -3.52
N ARG A 731 -8.35 27.18 -2.53
CA ARG A 731 -7.96 25.76 -2.46
C ARG A 731 -9.06 24.80 -2.02
N SER A 732 -10.11 25.31 -1.37
CA SER A 732 -11.22 24.50 -0.91
C SER A 732 -12.43 25.40 -0.74
N SER A 733 -13.61 24.82 -0.66
CA SER A 733 -14.84 25.59 -0.53
C SER A 733 -14.90 26.39 0.78
N ASP A 734 -14.38 25.86 1.88
CA ASP A 734 -14.40 26.62 3.14
C ASP A 734 -13.70 27.95 2.95
N CYS A 735 -12.61 27.96 2.19
CA CYS A 735 -11.85 29.19 1.94
C CYS A 735 -12.67 30.24 1.19
N MET A 736 -13.61 29.80 0.34
CA MET A 736 -14.43 30.62 -0.53
C MET A 736 -15.80 31.03 -0.03
N LYS A 737 -16.31 30.37 1.00
CA LYS A 737 -17.71 30.48 1.36
C LYS A 737 -18.15 31.85 1.91
N ASP A 738 -17.22 32.80 2.18
CA ASP A 738 -17.56 34.17 2.56
C ASP A 738 -17.21 35.21 1.49
N ASP A 739 -16.82 34.77 0.29
CA ASP A 739 -16.36 35.62 -0.80
C ASP A 739 -17.45 36.25 -1.62
N PRO A 740 -17.10 37.33 -2.36
CA PRO A 740 -18.07 38.01 -3.21
C PRO A 740 -18.50 37.24 -4.44
N ILE A 741 -19.74 37.53 -4.85
CA ILE A 741 -20.41 36.85 -5.95
C ILE A 741 -20.38 37.68 -7.22
N THR A 742 -20.24 36.99 -8.37
CA THR A 742 -20.39 37.55 -9.70
C THR A 742 -21.69 36.96 -10.27
N LEU A 743 -22.60 37.83 -10.73
CA LEU A 743 -23.85 37.36 -11.34
C LEU A 743 -23.70 37.35 -12.86
N PHE A 744 -24.02 36.22 -13.50
CA PHE A 744 -23.97 36.07 -14.94
C PHE A 744 -25.41 36.12 -15.45
N VAL A 745 -25.78 37.22 -16.08
CA VAL A 745 -27.14 37.47 -16.54
C VAL A 745 -27.20 37.16 -18.03
N ALA A 746 -27.95 36.13 -18.41
CA ALA A 746 -28.13 35.79 -19.81
C ALA A 746 -29.50 36.30 -20.24
N LEU A 747 -29.54 37.35 -21.07
CA LEU A 747 -30.82 37.92 -21.46
C LEU A 747 -31.61 37.09 -22.46
N SER A 748 -32.93 36.97 -22.22
CA SER A 748 -33.85 36.32 -23.14
C SER A 748 -34.05 37.26 -24.32
N PRO A 749 -34.72 36.81 -25.39
CA PRO A 749 -35.00 37.72 -26.51
C PRO A 749 -35.87 38.92 -26.13
N GLN A 750 -36.63 38.81 -25.03
CA GLN A 750 -37.45 39.90 -24.49
C GLN A 750 -36.65 40.83 -23.54
N GLY A 751 -35.36 40.59 -23.36
CA GLY A 751 -34.52 41.41 -22.49
C GLY A 751 -34.79 41.18 -21.02
N THR A 752 -35.09 39.92 -20.65
CA THR A 752 -35.38 39.56 -19.27
C THR A 752 -34.54 38.40 -18.80
N ALA A 753 -34.45 38.26 -17.47
CA ALA A 753 -33.76 37.14 -16.83
C ALA A 753 -34.09 37.04 -15.37
N GLN A 754 -34.00 35.85 -14.81
CA GLN A 754 -34.19 35.64 -13.38
C GLN A 754 -33.40 34.48 -12.87
N GLY A 755 -33.11 34.52 -11.58
CA GLY A 755 -32.39 33.45 -10.93
C GLY A 755 -32.35 33.63 -9.43
N GLU A 756 -32.14 32.54 -8.70
CA GLU A 756 -32.10 32.59 -7.25
C GLU A 756 -30.71 32.28 -6.74
N LEU A 757 -30.50 32.58 -5.47
CA LEU A 757 -29.26 32.29 -4.76
C LEU A 757 -29.58 31.96 -3.31
N PHE A 758 -29.18 30.76 -2.87
CA PHE A 758 -29.32 30.31 -1.48
C PHE A 758 -27.93 30.42 -0.83
N LEU A 759 -27.88 30.96 0.40
CA LEU A 759 -26.66 31.06 1.20
C LEU A 759 -26.97 30.74 2.65
N ASP A 760 -26.04 30.10 3.34
CA ASP A 760 -26.15 29.83 4.76
C ASP A 760 -24.73 29.66 5.29
N ASP A 761 -24.53 29.11 6.46
CA ASP A 761 -23.17 28.94 7.01
C ASP A 761 -22.34 27.83 6.31
N GLY A 762 -22.99 27.04 5.43
CA GLY A 762 -22.32 26.01 4.66
C GLY A 762 -22.33 24.62 5.28
N HIS A 763 -22.76 24.47 6.55
CA HIS A 763 -22.61 23.15 7.17
C HIS A 763 -23.56 22.75 8.31
N THR A 764 -24.41 23.65 8.86
CA THR A 764 -25.28 23.26 9.97
C THR A 764 -26.74 23.20 9.59
N PHE A 765 -27.57 22.78 10.54
CA PHE A 765 -29.04 22.83 10.37
C PHE A 765 -29.59 24.18 10.78
N ASN A 766 -28.75 25.21 11.03
CA ASN A 766 -29.24 26.54 11.42
C ASN A 766 -30.22 27.17 10.43
N TYR A 767 -30.09 26.88 9.13
CA TYR A 767 -31.06 27.37 8.14
C TYR A 767 -32.50 26.91 8.48
N GLN A 768 -32.66 25.73 9.10
CA GLN A 768 -33.96 25.18 9.42
C GLN A 768 -34.37 25.46 10.87
N THR A 769 -33.44 25.34 11.83
CA THR A 769 -33.76 25.53 13.24
C THR A 769 -33.82 26.99 13.65
N ARG A 770 -33.02 27.87 12.99
CA ARG A 770 -32.95 29.29 13.32
C ARG A 770 -33.29 30.19 12.17
N HIS A 771 -33.67 29.64 10.98
CA HIS A 771 -33.95 30.44 9.78
C HIS A 771 -32.77 31.36 9.45
N GLU A 772 -31.53 30.84 9.68
CA GLU A 772 -30.32 31.55 9.38
C GLU A 772 -29.83 31.15 7.98
N PHE A 773 -30.35 31.87 6.99
CA PHE A 773 -29.99 31.70 5.59
C PHE A 773 -30.50 32.90 4.81
N LEU A 774 -30.13 32.97 3.53
CA LEU A 774 -30.64 33.96 2.59
C LEU A 774 -31.12 33.22 1.39
N LEU A 775 -32.26 33.61 0.85
CA LEU A 775 -32.74 33.13 -0.44
C LEU A 775 -33.07 34.39 -1.23
N ARG A 776 -32.19 34.76 -2.18
CA ARG A 776 -32.36 35.95 -3.00
C ARG A 776 -32.93 35.62 -4.33
N ARG A 777 -33.69 36.57 -4.89
CA ARG A 777 -34.18 36.50 -6.26
C ARG A 777 -33.55 37.65 -7.01
N PHE A 778 -32.88 37.37 -8.13
CA PHE A 778 -32.31 38.37 -9.00
C PHE A 778 -33.21 38.41 -10.23
N SER A 779 -33.63 39.61 -10.65
CA SER A 779 -34.54 39.69 -11.79
C SER A 779 -34.14 40.85 -12.65
N PHE A 780 -34.11 40.64 -13.96
CA PHE A 780 -33.75 41.64 -14.94
C PHE A 780 -34.92 41.82 -15.86
N SER A 781 -35.34 43.06 -16.07
CA SER A 781 -36.42 43.37 -17.01
C SER A 781 -36.34 44.84 -17.29
N GLY A 782 -36.63 45.24 -18.52
CA GLY A 782 -36.63 46.66 -18.85
C GLY A 782 -35.45 47.49 -18.33
N SER A 783 -34.25 47.06 -18.69
CA SER A 783 -32.99 47.74 -18.42
C SER A 783 -32.65 47.93 -16.91
N THR A 784 -33.29 47.15 -16.03
CA THR A 784 -33.06 47.16 -14.60
C THR A 784 -32.85 45.77 -14.04
N LEU A 785 -31.80 45.60 -13.24
CA LEU A 785 -31.50 44.38 -12.51
C LEU A 785 -31.87 44.65 -11.05
N VAL A 786 -32.68 43.78 -10.45
CA VAL A 786 -33.16 43.95 -9.07
C VAL A 786 -32.85 42.72 -8.22
N SER A 787 -32.41 42.93 -6.98
CA SER A 787 -32.25 41.89 -5.97
C SER A 787 -33.36 42.10 -4.95
N SER A 788 -34.15 41.06 -4.70
CA SER A 788 -35.21 41.05 -3.70
C SER A 788 -35.19 39.73 -2.92
N SER A 789 -35.86 39.69 -1.78
CA SER A 789 -35.92 38.47 -0.99
C SER A 789 -36.91 37.47 -1.62
N ALA A 790 -36.49 36.19 -1.81
CA ALA A 790 -37.35 35.10 -2.29
C ALA A 790 -37.94 34.35 -1.07
N ASP A 791 -37.46 34.64 0.14
CA ASP A 791 -37.99 34.07 1.37
C ASP A 791 -37.64 35.01 2.51
N PRO A 792 -38.56 35.91 2.89
CA PRO A 792 -38.24 36.87 3.97
C PRO A 792 -37.97 36.31 5.35
N LYS A 793 -38.27 35.02 5.60
CA LYS A 793 -38.00 34.39 6.90
C LYS A 793 -36.51 34.20 7.13
N GLY A 794 -35.75 34.10 6.05
CA GLY A 794 -34.32 33.88 6.13
C GLY A 794 -33.52 35.14 6.30
N HIS A 795 -32.74 35.23 7.38
CA HIS A 795 -31.80 36.31 7.63
C HIS A 795 -30.44 35.70 7.93
N LEU A 796 -29.36 36.35 7.51
CA LEU A 796 -28.02 35.83 7.71
C LEU A 796 -26.99 36.91 7.84
N GLU A 797 -26.09 36.79 8.86
CA GLU A 797 -24.96 37.71 9.04
CA GLU A 797 -24.99 37.73 9.00
C GLU A 797 -23.92 37.21 8.09
N THR A 798 -23.56 38.00 7.07
CA THR A 798 -22.57 37.55 6.10
C THR A 798 -21.82 38.71 5.50
N PRO A 799 -20.51 38.53 5.23
CA PRO A 799 -19.75 39.57 4.54
C PRO A 799 -19.86 39.49 3.01
N ILE A 800 -20.59 38.49 2.49
CA ILE A 800 -20.71 38.32 1.05
C ILE A 800 -21.33 39.55 0.40
N TRP A 801 -20.70 40.01 -0.68
CA TRP A 801 -21.13 41.17 -1.46
C TRP A 801 -21.12 40.85 -2.96
N ILE A 802 -21.72 41.71 -3.79
CA ILE A 802 -21.77 41.54 -5.25
C ILE A 802 -20.59 42.30 -5.86
N GLU A 803 -19.56 41.59 -6.36
CA GLU A 803 -18.40 42.28 -6.91
C GLU A 803 -18.50 42.59 -8.36
N ARG A 804 -19.41 41.92 -9.08
CA ARG A 804 -19.43 42.08 -10.53
C ARG A 804 -20.72 41.54 -11.10
N VAL A 805 -21.17 42.12 -12.22
CA VAL A 805 -22.31 41.62 -12.98
C VAL A 805 -21.85 41.51 -14.42
N VAL A 806 -22.07 40.35 -15.05
CA VAL A 806 -21.71 40.10 -16.43
C VAL A 806 -23.05 39.90 -17.15
N ILE A 807 -23.40 40.78 -18.09
CA ILE A 807 -24.68 40.68 -18.81
C ILE A 807 -24.38 40.30 -20.25
N MET A 808 -24.91 39.16 -20.70
CA MET A 808 -24.78 38.68 -22.07
C MET A 808 -26.04 39.04 -22.84
N GLY A 809 -25.84 39.61 -24.02
CA GLY A 809 -26.92 40.05 -24.91
C GLY A 809 -27.34 41.48 -24.66
N ALA A 810 -26.45 42.31 -24.07
CA ALA A 810 -26.75 43.68 -23.73
C ALA A 810 -26.02 44.64 -24.65
N GLY A 811 -26.68 45.76 -24.94
CA GLY A 811 -26.09 46.85 -25.71
C GLY A 811 -25.28 47.73 -24.77
N LYS A 812 -24.54 48.73 -25.31
CA LYS A 812 -23.72 49.61 -24.48
C LYS A 812 -24.58 50.71 -23.87
N PRO A 813 -24.62 50.81 -22.51
CA PRO A 813 -25.40 51.88 -21.91
C PRO A 813 -24.61 53.17 -21.89
N ALA A 814 -25.27 54.29 -21.62
CA ALA A 814 -24.60 55.57 -21.43
C ALA A 814 -24.22 55.71 -19.95
N ALA A 815 -25.02 55.14 -19.06
CA ALA A 815 -24.76 55.23 -17.63
C ALA A 815 -25.34 54.05 -16.90
N VAL A 816 -24.75 53.74 -15.72
CA VAL A 816 -25.19 52.62 -14.87
C VAL A 816 -25.35 53.16 -13.48
N VAL A 817 -26.56 53.05 -12.92
CA VAL A 817 -26.83 53.56 -11.57
C VAL A 817 -27.25 52.46 -10.63
N LEU A 818 -26.71 52.48 -9.38
CA LEU A 818 -27.11 51.55 -8.34
C LEU A 818 -27.82 52.29 -7.21
N GLN A 819 -28.96 51.76 -6.82
CA GLN A 819 -29.72 52.25 -5.69
C GLN A 819 -29.90 51.13 -4.67
N THR A 820 -29.68 51.45 -3.40
CA THR A 820 -29.85 50.52 -2.28
C THR A 820 -30.24 51.37 -1.06
N LYS A 821 -31.17 50.88 -0.23
CA LYS A 821 -31.64 51.59 0.96
C LYS A 821 -30.46 51.87 1.91
N GLY A 822 -30.39 53.11 2.39
CA GLY A 822 -29.31 53.52 3.29
C GLY A 822 -28.13 54.17 2.60
N SER A 823 -28.15 54.25 1.26
CA SER A 823 -27.04 54.81 0.51
C SER A 823 -27.53 55.80 -0.49
N PRO A 824 -26.71 56.81 -0.82
CA PRO A 824 -27.08 57.69 -1.94
C PRO A 824 -26.94 56.89 -3.23
N GLU A 825 -27.49 57.43 -4.31
CA GLU A 825 -27.39 56.82 -5.62
C GLU A 825 -25.92 56.79 -6.05
N SER A 826 -25.51 55.64 -6.62
CA SER A 826 -24.14 55.38 -7.01
C SER A 826 -24.07 55.26 -8.54
N ARG A 827 -22.95 55.67 -9.13
CA ARG A 827 -22.65 55.44 -10.54
C ARG A 827 -21.56 54.41 -10.64
N LEU A 828 -21.81 53.34 -11.46
CA LEU A 828 -20.83 52.27 -11.65
C LEU A 828 -20.14 52.43 -12.98
N SER A 829 -18.85 52.09 -13.01
CA SER A 829 -18.10 52.06 -14.25
C SER A 829 -18.44 50.71 -14.92
N PHE A 830 -18.19 50.60 -16.22
CA PHE A 830 -18.50 49.40 -16.97
C PHE A 830 -17.64 49.25 -18.19
N GLN A 831 -17.59 48.03 -18.70
CA GLN A 831 -16.86 47.70 -19.92
C GLN A 831 -17.82 46.99 -20.82
N HIS A 832 -17.73 47.23 -22.11
CA HIS A 832 -18.62 46.57 -23.05
C HIS A 832 -17.88 46.12 -24.28
N ASP A 833 -18.13 44.86 -24.69
CA ASP A 833 -17.51 44.27 -25.87
C ASP A 833 -18.60 44.29 -26.95
N PRO A 834 -18.45 45.15 -28.00
CA PRO A 834 -19.49 45.20 -29.03
C PRO A 834 -19.59 43.96 -29.94
N GLU A 835 -18.50 43.18 -30.03
CA GLU A 835 -18.47 41.95 -30.81
C GLU A 835 -19.42 40.89 -30.22
N THR A 836 -19.36 40.70 -28.90
CA THR A 836 -20.18 39.72 -28.17
C THR A 836 -21.39 40.26 -27.46
N SER A 837 -21.53 41.60 -27.34
CA SER A 837 -22.64 42.19 -26.62
C SER A 837 -22.60 41.73 -25.13
N VAL A 838 -21.40 41.81 -24.54
CA VAL A 838 -21.20 41.48 -23.15
C VAL A 838 -20.84 42.76 -22.42
N LEU A 839 -21.58 43.04 -21.36
CA LEU A 839 -21.46 44.22 -20.54
C LEU A 839 -21.00 43.77 -19.16
N ILE A 840 -19.93 44.35 -18.65
CA ILE A 840 -19.39 44.01 -17.36
C ILE A 840 -19.57 45.24 -16.46
N LEU A 841 -20.29 45.08 -15.35
CA LEU A 841 -20.51 46.15 -14.38
C LEU A 841 -19.53 46.00 -13.24
N ARG A 842 -18.71 47.01 -13.06
CA ARG A 842 -17.66 47.01 -12.05
C ARG A 842 -18.14 47.25 -10.64
N LYS A 843 -17.72 46.34 -9.75
CA LYS A 843 -17.82 46.50 -8.32
C LYS A 843 -19.09 47.16 -7.80
N PRO A 844 -20.26 46.53 -7.97
CA PRO A 844 -21.47 47.08 -7.35
C PRO A 844 -21.27 47.37 -5.84
N GLY A 845 -20.55 46.51 -5.16
CA GLY A 845 -20.15 46.74 -3.77
C GLY A 845 -21.19 46.59 -2.69
N VAL A 846 -22.36 46.01 -3.03
CA VAL A 846 -23.50 45.90 -2.17
C VAL A 846 -23.56 44.51 -1.50
N SER A 847 -24.07 44.47 -0.27
CA SER A 847 -24.26 43.23 0.46
C SER A 847 -25.28 42.36 -0.26
N VAL A 848 -25.02 41.05 -0.29
CA VAL A 848 -25.96 40.09 -0.87
C VAL A 848 -27.24 40.00 -0.04
N ALA A 849 -27.19 40.41 1.26
CA ALA A 849 -28.36 40.40 2.14
C ALA A 849 -29.31 41.61 1.88
N SER A 850 -28.89 42.59 1.08
CA SER A 850 -29.66 43.80 0.82
C SER A 850 -30.44 43.80 -0.45
N ASP A 851 -31.61 44.47 -0.44
CA ASP A 851 -32.32 44.74 -1.66
C ASP A 851 -31.56 45.86 -2.39
N TRP A 852 -31.48 45.76 -3.72
CA TRP A 852 -30.82 46.75 -4.55
C TRP A 852 -31.31 46.69 -5.97
N SER A 853 -31.06 47.74 -6.72
CA SER A 853 -31.46 47.84 -8.12
C SER A 853 -30.34 48.52 -8.89
N ILE A 854 -30.07 48.03 -10.09
CA ILE A 854 -29.08 48.62 -10.99
C ILE A 854 -29.84 48.98 -12.24
N HIS A 855 -29.75 50.23 -12.68
CA HIS A 855 -30.46 50.68 -13.90
C HIS A 855 -29.46 51.03 -14.96
N LEU A 856 -29.69 50.52 -16.19
CA LEU A 856 -28.84 50.80 -17.34
C LEU A 856 -29.51 51.88 -18.15
N ARG A 857 -28.87 53.04 -18.29
CA ARG A 857 -29.35 54.20 -19.08
C ARG A 857 -30.17 55.11 -18.17
N LYS B 1 -0.38 61.74 -9.92
CA LYS B 1 -0.42 60.98 -11.17
C LYS B 1 -1.10 59.62 -10.96
N PRO B 2 -1.74 59.04 -12.01
CA PRO B 2 -2.43 57.75 -11.83
C PRO B 2 -1.50 56.53 -11.83
N PHE B 3 -2.06 55.37 -11.55
CA PHE B 3 -1.33 54.10 -11.54
C PHE B 3 -1.44 53.47 -12.90
N THR B 4 -0.33 52.94 -13.42
CA THR B 4 -0.35 52.22 -14.69
C THR B 4 0.00 50.80 -14.37
N CYS B 5 -0.85 49.87 -14.84
CA CYS B 5 -0.67 48.43 -14.70
C CYS B 5 0.74 48.11 -15.17
N LEU B 6 1.46 47.20 -14.49
CA LEU B 6 2.82 46.82 -14.93
C LEU B 6 2.85 46.27 -16.38
N ASP B 7 1.72 45.74 -16.90
CA ASP B 7 1.60 45.26 -18.28
C ASP B 7 1.17 46.35 -19.31
N GLY B 8 0.97 47.60 -18.85
CA GLY B 8 0.52 48.70 -19.70
C GLY B 8 -0.90 48.60 -20.23
N THR B 9 -1.75 47.71 -19.67
CA THR B 9 -3.12 47.52 -20.19
C THR B 9 -4.13 48.61 -19.77
N ALA B 10 -3.88 49.29 -18.66
CA ALA B 10 -4.80 50.33 -18.21
C ALA B 10 -4.09 51.30 -17.30
N THR B 11 -4.73 52.45 -17.11
CA THR B 11 -4.28 53.48 -16.21
C THR B 11 -5.49 53.77 -15.39
N ILE B 12 -5.34 53.69 -14.08
CA ILE B 12 -6.44 53.84 -13.15
C ILE B 12 -5.99 54.77 -12.05
N PRO B 13 -6.91 55.43 -11.34
CA PRO B 13 -6.46 56.25 -10.22
C PRO B 13 -5.97 55.31 -9.13
N PHE B 14 -5.10 55.81 -8.27
CA PHE B 14 -4.60 55.01 -7.16
C PHE B 14 -5.73 54.56 -6.19
N ASP B 15 -6.95 55.19 -6.27
CA ASP B 15 -8.07 54.72 -5.47
C ASP B 15 -8.60 53.33 -5.93
N GLN B 16 -8.18 52.85 -7.13
CA GLN B 16 -8.53 51.52 -7.62
C GLN B 16 -7.38 50.51 -7.38
N VAL B 17 -6.36 50.92 -6.62
CA VAL B 17 -5.25 50.09 -6.19
C VAL B 17 -5.63 49.52 -4.81
N ASN B 18 -5.54 48.19 -4.66
CA ASN B 18 -5.95 47.49 -3.44
C ASN B 18 -7.35 47.85 -3.01
N ASP B 19 -8.27 47.95 -3.98
CA ASP B 19 -9.65 48.29 -3.64
C ASP B 19 -10.50 47.00 -3.67
N ASP B 20 -9.90 45.82 -3.70
CA ASP B 20 -10.58 44.52 -3.67
C ASP B 20 -11.46 44.24 -4.90
N TYR B 21 -11.06 44.80 -6.04
CA TYR B 21 -11.66 44.53 -7.34
C TYR B 21 -10.51 44.56 -8.36
N CYS B 22 -10.46 43.55 -9.22
CA CYS B 22 -9.38 43.46 -10.20
C CYS B 22 -9.54 44.33 -11.44
N ASP B 23 -8.63 45.30 -11.62
CA ASP B 23 -8.63 46.20 -12.77
C ASP B 23 -7.52 45.98 -13.83
N CYS B 24 -6.42 45.29 -13.49
CA CYS B 24 -5.27 45.06 -14.41
C CYS B 24 -5.27 43.62 -14.85
N LYS B 25 -5.00 43.36 -16.16
CA LYS B 25 -4.95 41.98 -16.67
C LYS B 25 -3.86 41.16 -15.99
N ASP B 26 -2.75 41.81 -15.58
CA ASP B 26 -1.66 41.15 -14.85
C ASP B 26 -1.85 41.07 -13.34
N GLY B 27 -2.92 41.66 -12.80
CA GLY B 27 -3.19 41.68 -11.38
C GLY B 27 -2.40 42.64 -10.52
N SER B 28 -1.63 43.50 -11.17
CA SER B 28 -0.72 44.39 -10.47
C SER B 28 -1.38 45.50 -9.65
N ASP B 29 -2.67 45.76 -9.82
CA ASP B 29 -3.39 46.77 -9.00
C ASP B 29 -3.85 46.20 -7.67
N GLU B 30 -3.78 44.88 -7.47
CA GLU B 30 -4.24 44.27 -6.24
C GLU B 30 -3.20 43.40 -5.54
N PRO B 31 -2.00 43.96 -5.25
CA PRO B 31 -0.97 43.15 -4.59
C PRO B 31 -1.29 42.75 -3.18
N GLY B 32 -2.19 43.47 -2.51
CA GLY B 32 -2.51 43.22 -1.11
C GLY B 32 -3.81 42.53 -0.84
N THR B 33 -4.58 42.14 -1.87
CA THR B 33 -5.89 41.50 -1.68
C THR B 33 -5.95 40.18 -2.48
N ALA B 34 -7.08 39.50 -2.39
CA ALA B 34 -7.38 38.26 -3.12
C ALA B 34 -8.20 38.52 -4.39
N ALA B 35 -8.25 39.76 -4.88
CA ALA B 35 -9.16 40.11 -5.97
C ALA B 35 -8.81 39.65 -7.36
N CYS B 36 -7.52 39.56 -7.70
CA CYS B 36 -7.10 39.18 -9.06
C CYS B 36 -6.77 37.70 -9.14
N PRO B 37 -7.17 37.04 -10.26
CA PRO B 37 -6.90 35.60 -10.41
C PRO B 37 -5.45 35.24 -10.67
N ASN B 38 -4.64 36.21 -11.15
CA ASN B 38 -3.24 35.97 -11.48
C ASN B 38 -2.31 36.93 -10.72
N GLY B 39 -2.76 37.40 -9.57
CA GLY B 39 -1.96 38.27 -8.73
C GLY B 39 -1.10 37.48 -7.80
N SER B 40 -0.22 38.21 -7.09
CA SER B 40 0.69 37.65 -6.13
C SER B 40 0.75 38.54 -4.92
N PHE B 41 0.96 37.94 -3.77
CA PHE B 41 1.08 38.62 -2.52
C PHE B 41 2.50 38.38 -2.08
N HIS B 42 3.16 39.45 -1.64
CA HIS B 42 4.53 39.39 -1.17
C HIS B 42 4.59 39.18 0.35
N CYS B 43 5.22 38.07 0.81
CA CYS B 43 5.45 37.76 2.22
C CYS B 43 6.79 38.45 2.51
N THR B 44 6.77 39.56 3.23
CA THR B 44 8.02 40.28 3.52
C THR B 44 8.96 39.44 4.42
N ASN B 45 8.39 38.62 5.34
CA ASN B 45 9.12 37.72 6.23
C ASN B 45 10.40 38.35 6.79
N THR B 46 10.22 39.50 7.42
CA THR B 46 11.30 40.30 8.02
C THR B 46 12.24 39.41 8.85
N GLY B 47 13.51 39.40 8.48
CA GLY B 47 14.52 38.57 9.14
C GLY B 47 14.75 37.20 8.51
N TYR B 48 13.99 36.85 7.45
CA TYR B 48 14.10 35.54 6.76
C TYR B 48 13.91 35.74 5.24
N LYS B 49 13.93 34.66 4.45
CA LYS B 49 13.75 34.78 3.01
C LYS B 49 12.32 35.19 2.63
N PRO B 50 12.15 36.27 1.82
CA PRO B 50 10.79 36.64 1.38
C PRO B 50 10.26 35.66 0.34
N LEU B 51 8.93 35.50 0.28
CA LEU B 51 8.24 34.54 -0.57
C LEU B 51 7.07 35.27 -1.22
N TYR B 52 6.65 34.82 -2.40
CA TYR B 52 5.44 35.31 -3.04
C TYR B 52 4.44 34.15 -3.02
N ILE B 53 3.17 34.44 -2.79
CA ILE B 53 2.11 33.43 -2.84
C ILE B 53 1.04 33.89 -3.82
N LEU B 54 0.15 33.00 -4.17
CA LEU B 54 -0.97 33.33 -5.04
C LEU B 54 -1.90 34.33 -4.32
N SER B 55 -2.48 35.26 -5.05
CA SER B 55 -3.45 36.18 -4.46
C SER B 55 -4.65 35.45 -3.82
N SER B 56 -5.06 34.29 -4.39
CA SER B 56 -6.18 33.52 -3.86
C SER B 56 -5.90 32.96 -2.47
N ARG B 57 -4.64 33.08 -2.00
CA ARG B 57 -4.25 32.65 -0.68
C ARG B 57 -4.16 33.80 0.32
N VAL B 58 -4.65 34.97 -0.04
CA VAL B 58 -4.71 36.13 0.86
C VAL B 58 -6.06 36.03 1.52
N ASN B 59 -6.08 35.95 2.84
CA ASN B 59 -7.29 35.85 3.63
C ASN B 59 -8.17 34.65 3.27
N ASP B 60 -7.50 33.50 3.04
CA ASP B 60 -8.20 32.26 2.78
C ASP B 60 -8.38 31.44 4.07
N GLY B 61 -7.89 31.97 5.20
CA GLY B 61 -7.94 31.32 6.51
C GLY B 61 -6.83 30.31 6.76
N VAL B 62 -5.88 30.19 5.80
CA VAL B 62 -4.76 29.28 5.87
C VAL B 62 -3.49 30.12 6.01
N CYS B 63 -2.57 29.72 6.89
CA CYS B 63 -1.31 30.45 7.07
C CYS B 63 -0.29 30.07 5.98
N ASP B 64 -0.10 30.96 4.99
CA ASP B 64 0.86 30.73 3.89
C ASP B 64 2.22 31.37 4.07
N CYS B 65 2.28 32.59 4.60
CA CYS B 65 3.54 33.30 4.83
C CYS B 65 4.06 32.87 6.23
N CYS B 66 5.38 32.68 6.42
CA CYS B 66 5.87 32.41 7.79
C CYS B 66 5.60 33.59 8.74
N ASP B 67 5.52 34.84 8.22
CA ASP B 67 5.19 36.03 9.04
C ASP B 67 3.68 36.23 9.28
N GLY B 68 2.85 35.42 8.63
CA GLY B 68 1.41 35.47 8.81
C GLY B 68 0.69 36.65 8.20
N THR B 69 1.38 37.48 7.38
CA THR B 69 0.80 38.72 6.83
C THR B 69 -0.25 38.49 5.77
N ASP B 70 -0.34 37.27 5.21
CA ASP B 70 -1.38 36.94 4.22
C ASP B 70 -2.75 36.84 4.84
N GLU B 71 -2.81 36.63 6.18
CA GLU B 71 -4.07 36.54 6.92
C GLU B 71 -4.18 37.74 7.79
N TYR B 72 -4.85 38.77 7.30
CA TYR B 72 -5.02 40.03 8.05
C TYR B 72 -6.47 40.39 8.35
N ASN B 73 -7.47 39.73 7.71
CA ASN B 73 -8.88 40.00 7.96
C ASN B 73 -9.75 38.73 7.74
N SER B 74 -9.20 37.56 8.05
CA SER B 74 -9.94 36.32 7.82
C SER B 74 -10.52 35.65 9.07
N GLY B 75 -10.03 35.98 10.23
CA GLY B 75 -10.42 35.27 11.45
C GLY B 75 -9.36 34.27 11.87
N THR B 76 -8.47 33.85 10.96
CA THR B 76 -7.36 32.99 11.32
C THR B 76 -6.26 33.94 11.74
N VAL B 77 -5.72 33.77 12.95
CA VAL B 77 -4.61 34.58 13.45
C VAL B 77 -3.41 33.67 13.32
N CYS B 78 -2.49 34.04 12.44
CA CYS B 78 -1.29 33.28 12.16
C CYS B 78 -0.15 33.76 13.01
N GLU B 79 0.62 32.84 13.58
CA GLU B 79 1.78 33.19 14.40
C GLU B 79 2.98 33.28 13.50
N ASN B 80 3.98 34.06 13.91
CA ASN B 80 5.22 34.18 13.14
C ASN B 80 6.02 32.91 13.38
N THR B 81 6.30 32.16 12.29
CA THR B 81 7.05 30.91 12.36
C THR B 81 8.31 30.98 11.49
N CYS B 82 8.84 32.19 11.21
CA CYS B 82 9.99 32.29 10.31
C CYS B 82 11.30 31.73 10.89
N ARG B 83 11.48 31.76 12.22
CA ARG B 83 12.69 31.29 12.93
C ARG B 83 13.93 32.11 12.51
N VAL C 1 20.03 11.34 12.29
CA VAL C 1 19.78 10.78 13.61
C VAL C 1 19.66 11.87 14.72
N ASP C 2 18.80 11.62 15.73
CA ASP C 2 18.73 12.47 16.91
C ASP C 2 19.65 11.79 17.93
N ARG C 3 20.86 12.36 18.12
CA ARG C 3 21.82 11.86 19.07
C ARG C 3 21.28 11.93 20.53
N SER C 4 20.35 12.90 20.86
CA SER C 4 19.85 13.01 22.23
C SER C 4 19.08 11.79 22.69
N ASN C 5 18.56 10.97 21.74
CA ASN C 5 17.84 9.76 22.11
C ASN C 5 18.77 8.65 22.61
N PHE C 6 20.10 8.77 22.37
CA PHE C 6 21.05 7.71 22.71
C PHE C 6 22.06 8.20 23.69
N LYS C 7 22.37 7.37 24.64
CA LYS C 7 23.31 7.75 25.66
C LYS C 7 24.72 7.85 25.15
N THR C 8 25.41 8.90 25.57
CA THR C 8 26.85 9.06 25.39
C THR C 8 27.44 8.38 26.63
N CYS C 9 28.74 8.18 26.67
CA CYS C 9 29.36 7.54 27.84
C CYS C 9 29.05 8.27 29.13
N ASP C 10 29.07 9.60 29.12
CA ASP C 10 28.75 10.38 30.32
C ASP C 10 27.32 10.17 30.83
N GLU C 11 26.38 9.75 29.95
CA GLU C 11 24.97 9.49 30.27
C GLU C 11 24.67 8.04 30.69
N SER C 12 25.65 7.17 30.60
CA SER C 12 25.57 5.79 31.04
C SER C 12 26.42 5.78 32.31
N SER C 13 25.79 5.72 33.51
CA SER C 13 26.54 5.84 34.76
C SER C 13 27.70 4.90 34.89
N PHE C 14 27.51 3.63 34.49
CA PHE C 14 28.60 2.67 34.59
C PHE C 14 29.75 3.03 33.67
N CYS C 15 29.46 3.58 32.46
CA CYS C 15 30.54 3.97 31.55
C CYS C 15 31.29 5.13 32.14
N LYS C 16 30.56 6.13 32.68
CA LYS C 16 31.19 7.29 33.31
C LYS C 16 32.06 6.87 34.49
N ARG C 17 31.57 5.94 35.35
CA ARG C 17 32.37 5.45 36.48
C ARG C 17 33.63 4.73 36.00
N GLN C 18 33.46 3.78 35.07
CA GLN C 18 34.61 3.03 34.54
C GLN C 18 35.60 3.96 33.88
N ARG C 19 35.14 4.81 32.94
CA ARG C 19 36.01 5.70 32.17
C ARG C 19 36.72 6.78 33.01
N SER C 20 36.17 7.12 34.19
CA SER C 20 36.83 8.08 35.09
C SER C 20 38.12 7.53 35.70
N ILE C 21 38.31 6.19 35.69
CA ILE C 21 39.54 5.59 36.20
C ILE C 21 40.58 5.83 35.11
N ARG C 22 41.68 6.47 35.48
CA ARG C 22 42.72 6.81 34.54
C ARG C 22 43.96 5.95 34.78
N PRO C 23 44.85 5.82 33.80
CA PRO C 23 46.04 4.97 34.01
C PRO C 23 46.79 5.24 35.31
N GLY C 24 47.31 4.19 35.91
CA GLY C 24 48.03 4.29 37.16
C GLY C 24 48.36 2.93 37.73
N LEU C 25 48.74 2.91 39.00
CA LEU C 25 49.05 1.69 39.71
C LEU C 25 47.73 1.03 40.08
N SER C 26 47.53 -0.21 39.63
CA SER C 26 46.29 -0.92 39.91
C SER C 26 46.18 -1.24 41.38
N PRO C 27 44.99 -1.05 42.00
CA PRO C 27 44.81 -1.49 43.39
C PRO C 27 44.68 -3.01 43.53
N TYR C 28 44.58 -3.76 42.40
CA TYR C 28 44.46 -5.22 42.46
C TYR C 28 45.81 -5.88 42.57
N ARG C 29 45.89 -6.90 43.41
CA ARG C 29 47.07 -7.75 43.53
C ARG C 29 46.66 -9.21 43.67
N ALA C 30 47.47 -10.11 43.10
CA ALA C 30 47.23 -11.55 43.19
C ALA C 30 47.84 -12.03 44.51
N LEU C 31 47.12 -12.91 45.23
CA LEU C 31 47.59 -13.50 46.48
C LEU C 31 48.18 -14.87 46.10
N LEU C 32 49.51 -14.93 45.81
CA LEU C 32 50.13 -16.17 45.29
C LEU C 32 50.15 -17.37 46.25
N ASP C 33 49.84 -17.18 47.56
CA ASP C 33 49.67 -18.29 48.50
C ASP C 33 48.38 -19.08 48.15
N THR C 34 47.39 -18.41 47.51
CA THR C 34 46.12 -19.02 47.10
C THR C 34 46.19 -19.69 45.70
N LEU C 35 47.34 -19.60 45.01
CA LEU C 35 47.51 -20.17 43.69
C LEU C 35 47.33 -21.68 43.68
N GLN C 36 46.48 -22.18 42.79
CA GLN C 36 46.24 -23.61 42.60
C GLN C 36 46.36 -23.92 41.13
N LEU C 37 47.10 -24.95 40.79
CA LEU C 37 47.34 -25.32 39.42
C LEU C 37 46.90 -26.75 39.16
N GLY C 38 46.01 -26.91 38.19
CA GLY C 38 45.49 -28.19 37.75
C GLY C 38 45.80 -28.40 36.27
N PRO C 39 45.45 -29.56 35.71
CA PRO C 39 45.73 -29.80 34.28
C PRO C 39 44.94 -28.90 33.31
N ASP C 40 43.76 -28.41 33.73
CA ASP C 40 42.90 -27.55 32.91
C ASP C 40 43.00 -26.04 33.20
N ALA C 41 43.35 -25.65 34.43
CA ALA C 41 43.39 -24.24 34.78
C ALA C 41 44.30 -23.92 35.94
N LEU C 42 44.66 -22.65 36.03
CA LEU C 42 45.35 -22.07 37.17
C LEU C 42 44.31 -21.16 37.79
N THR C 43 44.14 -21.20 39.12
CA THR C 43 43.25 -20.28 39.82
C THR C 43 44.03 -19.58 40.89
N VAL C 44 43.69 -18.33 41.16
CA VAL C 44 44.36 -17.55 42.19
C VAL C 44 43.42 -16.43 42.61
N HIS C 45 43.46 -16.07 43.89
CA HIS C 45 42.63 -14.99 44.40
C HIS C 45 43.31 -13.65 44.10
N LEU C 46 42.50 -12.65 43.81
CA LEU C 46 42.94 -11.27 43.62
C LEU C 46 42.24 -10.46 44.68
N ILE C 47 42.87 -9.41 45.18
CA ILE C 47 42.25 -8.56 46.18
C ILE C 47 42.38 -7.11 45.78
N HIS C 48 41.33 -6.30 46.03
CA HIS C 48 41.38 -4.86 45.82
C HIS C 48 41.99 -4.31 47.13
N GLU C 49 43.12 -3.60 47.04
CA GLU C 49 43.82 -3.15 48.25
C GLU C 49 43.03 -2.18 49.15
N VAL C 50 42.08 -1.41 48.62
CA VAL C 50 41.31 -0.46 49.42
C VAL C 50 40.06 -1.13 49.98
N THR C 51 39.22 -1.71 49.10
CA THR C 51 37.92 -2.29 49.52
C THR C 51 38.05 -3.65 50.17
N LYS C 52 39.16 -4.37 49.90
CA LYS C 52 39.43 -5.71 50.40
C LYS C 52 38.53 -6.76 49.76
N VAL C 53 37.85 -6.44 48.63
CA VAL C 53 37.00 -7.38 47.90
C VAL C 53 37.88 -8.43 47.30
N LEU C 54 37.46 -9.70 47.40
CA LEU C 54 38.20 -10.82 46.84
C LEU C 54 37.56 -11.29 45.56
N LEU C 55 38.39 -11.49 44.53
CA LEU C 55 37.98 -12.00 43.24
C LEU C 55 38.76 -13.25 43.00
N VAL C 56 38.32 -14.05 42.04
CA VAL C 56 39.01 -15.27 41.63
C VAL C 56 39.36 -15.14 40.17
N LEU C 57 40.64 -15.31 39.83
CA LEU C 57 41.12 -15.39 38.46
C LEU C 57 41.21 -16.87 38.06
N GLU C 58 40.57 -17.27 36.96
CA GLU C 58 40.71 -18.61 36.38
C GLU C 58 41.43 -18.38 35.05
N LEU C 59 42.70 -18.79 34.98
CA LEU C 59 43.58 -18.59 33.84
C LEU C 59 43.79 -19.92 33.16
N GLN C 60 43.59 -19.97 31.84
CA GLN C 60 43.74 -21.23 31.13
C GLN C 60 44.45 -21.07 29.83
N GLY C 61 45.36 -21.98 29.59
CA GLY C 61 46.02 -22.14 28.31
C GLY C 61 45.04 -22.98 27.52
N LEU C 62 44.92 -22.73 26.23
CA LEU C 62 43.99 -23.50 25.40
C LEU C 62 44.70 -24.00 24.19
N GLN C 63 44.19 -25.08 23.62
CA GLN C 63 44.70 -25.61 22.37
C GLN C 63 44.45 -24.55 21.29
N LYS C 64 45.27 -24.61 20.24
CA LYS C 64 45.21 -23.71 19.08
C LYS C 64 45.65 -22.29 19.45
N ASN C 65 46.68 -22.14 20.28
CA ASN C 65 47.27 -20.83 20.58
C ASN C 65 46.32 -19.80 21.17
N MET C 66 45.51 -20.23 22.12
CA MET C 66 44.57 -19.35 22.81
C MET C 66 44.81 -19.35 24.31
N THR C 67 44.35 -18.29 24.98
CA THR C 67 44.38 -18.16 26.43
C THR C 67 43.06 -17.62 26.86
N ARG C 68 42.48 -18.17 27.92
CA ARG C 68 41.21 -17.68 28.46
C ARG C 68 41.45 -17.13 29.84
N ILE C 69 40.88 -15.95 30.09
CA ILE C 69 40.95 -15.29 31.38
C ILE C 69 39.51 -15.05 31.86
N ARG C 70 39.18 -15.57 33.05
CA ARG C 70 37.88 -15.36 33.65
C ARG C 70 38.09 -14.84 35.06
N ILE C 71 37.42 -13.75 35.42
CA ILE C 71 37.49 -13.15 36.74
C ILE C 71 36.08 -12.98 37.26
N ASP C 72 35.82 -13.42 38.48
CA ASP C 72 34.52 -13.33 39.12
C ASP C 72 34.77 -13.08 40.58
N GLU C 73 33.73 -12.69 41.32
CA GLU C 73 33.82 -12.49 42.76
C GLU C 73 34.04 -13.85 43.45
N LEU C 74 34.86 -13.89 44.52
CA LEU C 74 35.09 -15.11 45.29
C LEU C 74 33.84 -15.54 46.08
N GLU C 75 33.13 -14.57 46.68
CA GLU C 75 31.91 -14.85 47.44
C GLU C 75 30.82 -13.84 47.06
N PRO C 76 30.17 -14.02 45.90
CA PRO C 76 29.14 -13.06 45.49
C PRO C 76 27.82 -13.18 46.23
N ARG C 77 27.12 -12.06 46.38
CA ARG C 77 25.77 -12.00 46.97
C ARG C 77 24.83 -12.82 46.12
N ARG C 78 25.01 -12.76 44.79
CA ARG C 78 24.24 -13.55 43.85
C ARG C 78 25.09 -13.87 42.64
N PRO C 79 24.85 -15.01 41.97
CA PRO C 79 25.69 -15.36 40.80
C PRO C 79 25.65 -14.30 39.70
N ARG C 80 26.79 -14.08 39.05
CA ARG C 80 26.91 -13.18 37.92
C ARG C 80 26.63 -13.94 36.64
N TYR C 81 26.14 -13.24 35.63
CA TYR C 81 25.83 -13.84 34.35
C TYR C 81 27.08 -14.32 33.62
N ARG C 82 26.97 -15.49 32.99
CA ARG C 82 28.00 -16.07 32.14
C ARG C 82 27.28 -16.38 30.83
N VAL C 83 27.76 -15.86 29.70
CA VAL C 83 27.04 -15.96 28.44
C VAL C 83 26.84 -17.40 27.96
N PRO C 84 25.59 -17.83 27.83
CA PRO C 84 25.31 -19.17 27.30
C PRO C 84 25.10 -19.16 25.77
N ASP C 85 25.10 -20.35 25.16
CA ASP C 85 24.75 -20.64 23.77
C ASP C 85 25.59 -19.96 22.68
N VAL C 86 26.66 -19.27 23.01
CA VAL C 86 27.50 -18.62 22.01
C VAL C 86 28.66 -19.54 21.66
N LEU C 87 29.31 -20.11 22.70
CA LEU C 87 30.38 -21.07 22.53
C LEU C 87 29.79 -22.38 22.02
N VAL C 88 30.40 -23.00 21.01
CA VAL C 88 29.90 -24.25 20.42
C VAL C 88 30.37 -25.50 21.16
N ALA C 89 31.40 -25.35 21.99
CA ALA C 89 31.97 -26.44 22.76
C ALA C 89 32.76 -25.88 23.91
N ASP C 90 33.15 -26.76 24.83
CA ASP C 90 33.96 -26.39 25.98
C ASP C 90 35.35 -26.42 25.43
N PRO C 91 36.04 -25.26 25.28
CA PRO C 91 37.33 -25.26 24.56
C PRO C 91 38.41 -26.21 25.07
N PRO C 92 39.01 -27.09 24.23
CA PRO C 92 40.08 -27.96 24.72
C PRO C 92 41.23 -27.18 25.34
N THR C 93 41.66 -27.57 26.53
CA THR C 93 42.72 -26.88 27.24
C THR C 93 44.13 -27.37 26.91
N ALA C 94 45.12 -26.59 27.35
CA ALA C 94 46.54 -26.91 27.26
C ALA C 94 47.09 -26.69 28.69
N ARG C 95 47.95 -27.60 29.15
CA ARG C 95 48.45 -27.57 30.53
C ARG C 95 49.43 -26.43 30.77
N LEU C 96 49.27 -25.73 31.91
CA LEU C 96 50.19 -24.69 32.32
C LEU C 96 51.18 -25.31 33.30
N SER C 97 52.49 -25.16 33.05
CA SER C 97 53.55 -25.63 33.94
C SER C 97 54.31 -24.42 34.44
N VAL C 98 54.62 -24.38 35.73
CA VAL C 98 55.40 -23.29 36.29
C VAL C 98 56.84 -23.49 35.82
N SER C 99 57.42 -22.47 35.18
CA SER C 99 58.82 -22.48 34.73
C SER C 99 59.65 -21.36 35.42
N GLY C 100 59.02 -20.54 36.24
CA GLY C 100 59.70 -19.44 36.93
C GLY C 100 58.89 -18.97 38.11
N ARG C 101 59.57 -18.52 39.19
CA ARG C 101 58.89 -18.13 40.43
C ARG C 101 59.73 -17.13 41.22
N ASP C 102 59.06 -16.12 41.79
CA ASP C 102 59.66 -15.07 42.63
C ASP C 102 58.65 -14.83 43.76
N ASP C 103 58.94 -13.87 44.63
CA ASP C 103 57.95 -13.39 45.60
C ASP C 103 56.84 -12.55 44.94
N ASN C 104 57.08 -12.03 43.71
CA ASN C 104 56.09 -11.19 43.02
C ASN C 104 55.72 -11.68 41.61
N SER C 105 56.17 -12.85 41.18
CA SER C 105 55.90 -13.28 39.81
C SER C 105 55.90 -14.79 39.64
N VAL C 106 55.18 -15.25 38.61
CA VAL C 106 55.05 -16.66 38.23
C VAL C 106 55.04 -16.76 36.68
N GLU C 107 56.07 -17.42 36.11
CA GLU C 107 56.16 -17.69 34.68
C GLU C 107 55.51 -19.05 34.46
N LEU C 108 54.59 -19.13 33.52
CA LEU C 108 53.92 -20.37 33.18
C LEU C 108 54.23 -20.68 31.75
N THR C 109 54.48 -21.96 31.44
CA THR C 109 54.73 -22.41 30.08
C THR C 109 53.46 -23.11 29.69
N VAL C 110 53.02 -22.89 28.43
CA VAL C 110 51.81 -23.51 27.91
C VAL C 110 52.29 -24.79 27.23
N ALA C 111 51.78 -25.94 27.67
CA ALA C 111 52.15 -27.25 27.13
C ALA C 111 53.69 -27.38 27.07
N GLU C 112 54.31 -27.69 25.91
CA GLU C 112 55.77 -27.80 25.78
C GLU C 112 56.37 -26.55 25.11
N GLY C 113 55.69 -25.40 25.23
CA GLY C 113 56.13 -24.16 24.62
C GLY C 113 55.70 -24.06 23.17
N PRO C 114 56.02 -22.94 22.48
CA PRO C 114 56.81 -21.77 22.92
C PRO C 114 56.06 -20.69 23.69
N TYR C 115 54.74 -20.82 23.88
CA TYR C 115 53.98 -19.77 24.55
C TYR C 115 54.18 -19.81 26.04
N LYS C 116 54.24 -18.61 26.63
CA LYS C 116 54.43 -18.43 28.06
C LYS C 116 53.54 -17.32 28.56
N ILE C 117 53.15 -17.41 29.84
CA ILE C 117 52.35 -16.40 30.52
C ILE C 117 53.08 -15.99 31.79
N ILE C 118 53.28 -14.68 31.98
CA ILE C 118 53.87 -14.18 33.21
C ILE C 118 52.76 -13.53 34.01
N LEU C 119 52.52 -14.07 35.22
CA LEU C 119 51.60 -13.50 36.19
C LEU C 119 52.41 -12.67 37.19
N THR C 120 52.18 -11.36 37.25
CA THR C 120 52.82 -10.49 38.23
C THR C 120 51.78 -10.29 39.32
N ALA C 121 52.20 -10.47 40.58
CA ALA C 121 51.28 -10.34 41.71
C ALA C 121 50.93 -8.92 42.06
N GLN C 122 51.91 -8.03 42.21
CA GLN C 122 51.67 -6.64 42.63
C GLN C 122 52.44 -5.62 41.78
N PRO C 123 51.77 -4.75 41.02
CA PRO C 123 50.33 -4.70 40.75
C PRO C 123 49.93 -5.89 39.85
N PHE C 124 48.68 -6.41 39.97
CA PHE C 124 48.24 -7.56 39.16
C PHE C 124 48.43 -7.27 37.65
N ARG C 125 49.03 -8.23 36.95
CA ARG C 125 49.29 -8.10 35.53
C ARG C 125 49.55 -9.45 34.91
N LEU C 126 49.14 -9.61 33.65
CA LEU C 126 49.43 -10.80 32.87
C LEU C 126 50.15 -10.38 31.61
N ASP C 127 51.15 -11.14 31.21
CA ASP C 127 51.94 -10.89 30.02
C ASP C 127 51.87 -12.16 29.24
N LEU C 128 51.63 -12.06 27.95
CA LEU C 128 51.58 -13.25 27.08
C LEU C 128 52.69 -13.14 26.07
N LEU C 129 53.57 -14.15 26.00
CA LEU C 129 54.70 -14.15 25.09
C LEU C 129 54.76 -15.41 24.26
N GLU C 130 55.50 -15.33 23.15
CA GLU C 130 55.89 -16.47 22.34
C GLU C 130 57.41 -16.41 22.47
N ASP C 131 58.03 -17.37 23.17
CA ASP C 131 59.45 -17.38 23.46
C ASP C 131 59.83 -16.07 24.16
N ARG C 132 60.61 -15.17 23.53
CA ARG C 132 61.01 -13.90 24.14
C ARG C 132 60.24 -12.71 23.56
N SER C 133 59.23 -12.97 22.67
CA SER C 133 58.45 -11.90 22.04
C SER C 133 57.19 -11.65 22.86
N LEU C 134 57.05 -10.44 23.46
CA LEU C 134 55.85 -10.07 24.22
C LEU C 134 54.78 -9.73 23.20
N LEU C 135 53.63 -10.47 23.27
CA LEU C 135 52.49 -10.32 22.37
C LEU C 135 51.44 -9.38 22.92
N LEU C 136 51.12 -9.52 24.21
CA LEU C 136 50.07 -8.73 24.83
C LEU C 136 50.22 -8.70 26.34
N SER C 137 49.81 -7.58 26.95
CA SER C 137 49.78 -7.42 28.40
C SER C 137 48.35 -7.11 28.80
N VAL C 138 47.97 -7.52 30.01
CA VAL C 138 46.63 -7.36 30.57
C VAL C 138 46.79 -6.55 31.84
N ASN C 139 46.00 -5.50 31.99
CA ASN C 139 46.03 -4.57 33.13
C ASN C 139 47.33 -3.74 33.21
N ALA C 140 48.02 -3.55 32.07
CA ALA C 140 49.29 -2.79 32.03
C ALA C 140 49.11 -1.34 32.43
N ARG C 141 47.93 -0.73 32.12
CA ARG C 141 47.63 0.66 32.51
C ARG C 141 46.82 0.74 33.81
N GLY C 142 46.66 -0.38 34.51
CA GLY C 142 45.95 -0.47 35.77
C GLY C 142 44.50 -0.06 35.70
N LEU C 143 43.82 -0.36 34.58
CA LEU C 143 42.43 0.04 34.40
C LEU C 143 41.43 -1.04 34.75
N MET C 144 41.88 -2.22 35.26
CA MET C 144 40.96 -3.24 35.71
C MET C 144 40.04 -2.62 36.75
N ALA C 145 38.73 -2.90 36.62
CA ALA C 145 37.74 -2.39 37.56
C ALA C 145 36.61 -3.39 37.64
N PHE C 146 36.37 -3.91 38.84
CA PHE C 146 35.35 -4.90 39.07
C PHE C 146 34.50 -4.41 40.20
N GLU C 147 33.32 -3.86 39.86
CA GLU C 147 32.42 -3.34 40.86
C GLU C 147 31.70 -4.51 41.52
N HIS C 148 32.05 -4.83 42.78
CA HIS C 148 31.43 -5.94 43.49
C HIS C 148 29.96 -5.65 43.75
N GLN C 149 29.12 -6.66 43.72
CA GLN C 149 27.72 -6.37 43.97
C GLN C 149 27.53 -6.14 45.49
N ARG C 150 26.99 -4.93 45.82
CA ARG C 150 26.74 -4.36 47.16
C ARG C 150 25.37 -4.78 47.69
N ALA C 151 25.08 -4.52 49.00
CA ALA C 151 23.78 -4.88 49.61
C ALA C 151 22.58 -4.24 48.86
N GLU C 154 28.11 9.24 44.06
CA GLU C 154 27.69 8.12 43.22
C GLU C 154 26.35 8.40 42.48
N PRO C 155 26.24 9.54 41.75
CA PRO C 155 24.98 9.83 41.02
C PRO C 155 24.70 8.77 39.93
N GLY C 156 23.50 8.20 39.97
CA GLY C 156 23.09 7.18 39.01
C GLY C 156 23.66 5.80 39.23
N ALA C 157 24.38 5.56 40.36
CA ALA C 157 24.94 4.23 40.65
C ALA C 157 23.83 3.23 40.95
N TRP C 158 22.74 3.67 41.60
CA TRP C 158 21.58 2.84 41.89
C TRP C 158 20.47 3.29 40.91
N GLU C 159 19.30 3.75 41.39
CA GLU C 159 18.22 4.21 40.47
C GLU C 159 18.79 5.25 39.51
N GLU C 160 18.38 5.21 38.25
CA GLU C 160 18.95 6.07 37.19
C GLU C 160 17.91 6.35 36.14
N THR C 161 17.75 7.61 35.74
CA THR C 161 16.78 8.00 34.72
C THR C 161 17.49 8.50 33.46
N PHE C 162 16.92 8.18 32.31
CA PHE C 162 17.41 8.63 31.01
C PHE C 162 16.20 9.17 30.31
N LYS C 163 16.18 10.49 30.11
CA LYS C 163 15.05 11.20 29.53
C LYS C 163 13.83 10.97 30.46
N THR C 164 12.80 10.19 30.01
CA THR C 164 11.62 9.94 30.83
C THR C 164 11.61 8.52 31.42
N HIS C 165 12.65 7.71 31.19
CA HIS C 165 12.68 6.31 31.61
C HIS C 165 13.52 6.10 32.84
N SER C 166 12.96 5.42 33.85
CA SER C 166 13.66 5.12 35.10
C SER C 166 14.12 3.66 35.13
N ASP C 167 15.37 3.44 35.55
CA ASP C 167 15.92 2.13 35.72
C ASP C 167 15.99 1.95 37.22
N SER C 168 15.21 1.01 37.77
CA SER C 168 15.20 0.78 39.20
C SER C 168 16.49 0.16 39.76
N LYS C 169 17.37 -0.38 38.88
CA LYS C 169 18.69 -0.94 39.18
C LYS C 169 18.81 -1.61 40.55
N PRO C 170 18.05 -2.72 40.76
CA PRO C 170 18.02 -3.34 42.08
C PRO C 170 19.35 -3.82 42.64
N TYR C 171 20.30 -4.13 41.76
CA TYR C 171 21.59 -4.65 42.17
C TYR C 171 22.71 -3.60 42.19
N GLY C 172 22.37 -2.34 41.87
CA GLY C 172 23.33 -1.25 41.90
C GLY C 172 24.50 -1.37 40.93
N PRO C 173 25.63 -0.72 41.24
CA PRO C 173 26.79 -0.78 40.34
C PRO C 173 27.50 -2.13 40.33
N THR C 174 27.56 -2.79 39.16
CA THR C 174 28.18 -4.11 39.02
C THR C 174 29.05 -4.20 37.76
N SER C 175 29.53 -3.07 37.22
CA SER C 175 30.29 -3.10 35.98
C SER C 175 31.67 -3.68 36.14
N VAL C 176 32.17 -4.25 35.03
CA VAL C 176 33.48 -4.88 34.96
C VAL C 176 34.22 -4.30 33.78
N GLY C 177 35.52 -4.22 33.91
CA GLY C 177 36.32 -3.70 32.83
C GLY C 177 37.77 -4.06 32.98
N LEU C 178 38.48 -4.13 31.86
CA LEU C 178 39.87 -4.52 31.85
C LEU C 178 40.53 -3.99 30.59
N ASP C 179 41.84 -3.67 30.69
CA ASP C 179 42.60 -3.15 29.57
C ASP C 179 43.62 -4.14 29.07
N PHE C 180 43.97 -4.01 27.77
CA PHE C 180 44.90 -4.87 27.05
C PHE C 180 45.85 -3.99 26.26
N SER C 181 47.12 -4.36 26.22
CA SER C 181 48.16 -3.62 25.50
C SER C 181 48.71 -4.52 24.42
N LEU C 182 48.83 -3.97 23.21
CA LEU C 182 49.25 -4.69 22.02
C LEU C 182 50.52 -4.06 21.43
N PRO C 183 51.70 -4.37 21.99
CA PRO C 183 52.93 -3.78 21.45
C PRO C 183 53.18 -4.17 20.00
N GLY C 184 53.59 -3.19 19.20
CA GLY C 184 53.85 -3.36 17.77
C GLY C 184 52.63 -3.22 16.89
N MET C 185 51.42 -3.07 17.48
CA MET C 185 50.17 -2.96 16.72
C MET C 185 49.74 -1.53 16.65
N GLU C 186 49.50 -1.05 15.44
CA GLU C 186 48.98 0.29 15.17
C GLU C 186 47.61 0.24 14.48
N HIS C 187 47.13 -0.95 14.05
CA HIS C 187 45.89 -1.09 13.31
C HIS C 187 45.00 -2.12 13.96
N VAL C 188 43.77 -1.71 14.34
CA VAL C 188 42.80 -2.62 14.91
C VAL C 188 41.47 -2.50 14.17
N TYR C 189 40.69 -3.60 14.17
CA TYR C 189 39.46 -3.76 13.38
C TYR C 189 38.44 -4.55 14.14
N GLY C 190 37.20 -4.52 13.67
CA GLY C 190 36.13 -5.34 14.22
C GLY C 190 35.14 -4.57 15.07
N ILE C 191 34.75 -5.17 16.20
CA ILE C 191 33.72 -4.72 17.09
C ILE C 191 32.53 -4.09 16.34
N PRO C 192 31.93 -4.76 15.33
CA PRO C 192 30.73 -4.20 14.70
C PRO C 192 29.58 -4.22 15.68
N GLU C 193 28.51 -3.43 15.47
CA GLU C 193 28.21 -2.70 14.23
C GLU C 193 28.25 -1.18 14.42
N HIS C 194 29.10 -0.54 13.61
CA HIS C 194 29.23 0.91 13.55
C HIS C 194 29.30 1.33 12.12
N ALA C 195 28.70 2.49 11.80
CA ALA C 195 28.79 3.07 10.47
C ALA C 195 30.07 3.89 10.51
N ASP C 196 31.20 3.20 10.40
CA ASP C 196 32.50 3.82 10.51
C ASP C 196 33.55 3.05 9.71
N SER C 197 34.78 3.61 9.69
CA SER C 197 35.89 3.06 8.97
C SER C 197 36.27 1.67 9.40
N LEU C 198 36.79 0.88 8.46
CA LEU C 198 37.28 -0.46 8.71
C LEU C 198 38.39 -0.45 9.76
N ARG C 199 39.41 0.42 9.54
CA ARG C 199 40.46 0.56 10.56
C ARG C 199 39.82 1.44 11.62
N LEU C 200 39.76 0.93 12.86
CA LEU C 200 39.13 1.64 13.95
C LEU C 200 39.93 2.84 14.37
N LYS C 201 39.24 3.88 14.79
CA LYS C 201 39.86 5.10 15.24
C LYS C 201 40.16 5.07 16.74
N VAL C 202 41.13 5.88 17.13
CA VAL C 202 41.44 6.11 18.52
C VAL C 202 40.22 6.87 19.09
N THR C 203 39.83 6.57 20.34
CA THR C 203 38.64 7.15 20.97
C THR C 203 38.96 8.16 22.07
N GLU C 204 40.26 8.38 22.33
CA GLU C 204 40.86 9.27 23.36
C GLU C 204 40.14 10.60 23.59
N GLY C 205 40.00 11.38 22.53
CA GLY C 205 39.36 12.70 22.60
C GLY C 205 37.89 12.74 22.26
N GLY C 206 37.23 11.58 22.28
CA GLY C 206 35.81 11.51 21.98
C GLY C 206 35.12 10.40 22.74
N GLU C 207 34.17 9.75 22.07
CA GLU C 207 33.38 8.68 22.66
C GLU C 207 34.05 7.33 22.45
N PRO C 208 33.89 6.36 23.39
CA PRO C 208 34.33 5.01 23.07
C PRO C 208 33.39 4.40 22.04
N TYR C 209 33.80 3.28 21.44
CA TYR C 209 32.89 2.54 20.55
C TYR C 209 31.88 1.86 21.46
N ARG C 210 30.62 1.85 21.08
CA ARG C 210 29.59 1.28 21.91
C ARG C 210 29.01 0.04 21.26
N LEU C 211 28.81 -1.02 22.10
CA LEU C 211 28.22 -2.26 21.66
C LEU C 211 26.95 -2.44 22.47
N TYR C 212 25.82 -2.08 21.86
CA TYR C 212 24.51 -2.21 22.48
C TYR C 212 23.50 -2.23 21.35
N ASN C 213 22.90 -3.37 21.08
CA ASN C 213 22.01 -3.52 19.94
C ASN C 213 20.86 -2.53 20.00
N LEU C 214 20.85 -1.55 19.09
CA LEU C 214 19.87 -0.48 19.09
C LEU C 214 19.30 -0.20 17.70
N ASP C 215 18.04 0.23 17.66
CA ASP C 215 17.35 0.61 16.43
C ASP C 215 17.54 2.13 16.31
N VAL C 216 18.46 2.55 15.46
CA VAL C 216 18.83 3.96 15.29
C VAL C 216 18.25 4.48 13.97
N PHE C 217 17.14 5.23 14.07
CA PHE C 217 16.41 5.80 12.92
C PHE C 217 17.29 6.84 12.20
N GLN C 218 17.45 6.69 10.89
CA GLN C 218 18.27 7.58 10.04
C GLN C 218 19.68 7.71 10.60
N TYR C 219 20.34 6.56 10.81
CA TYR C 219 21.68 6.60 11.35
C TYR C 219 22.63 7.31 10.38
N GLU C 220 23.63 7.96 10.96
CA GLU C 220 24.63 8.73 10.26
C GLU C 220 25.95 8.03 10.19
N LEU C 221 26.87 8.58 9.37
CA LEU C 221 28.15 7.95 9.08
C LEU C 221 29.33 8.53 9.81
N ASN C 222 30.37 7.73 9.91
CA ASN C 222 31.64 8.04 10.54
C ASN C 222 31.49 8.51 11.98
N ASN C 223 30.85 7.66 12.79
CA ASN C 223 30.69 7.90 14.21
C ASN C 223 30.60 6.56 14.99
N PRO C 224 30.87 6.60 16.32
CA PRO C 224 30.93 5.36 17.11
C PRO C 224 29.61 4.94 17.78
N MET C 225 28.47 5.53 17.37
CA MET C 225 27.19 5.16 17.95
C MET C 225 26.87 3.69 17.71
N ALA C 226 26.30 3.03 18.73
CA ALA C 226 25.92 1.63 18.64
C ALA C 226 24.80 1.44 17.65
N LEU C 227 24.97 0.47 16.74
CA LEU C 227 23.93 0.14 15.77
C LEU C 227 23.27 -1.17 16.19
N TYR C 228 22.68 -1.90 15.26
CA TYR C 228 21.76 -2.99 15.53
C TYR C 228 22.35 -4.28 16.09
N GLY C 229 23.62 -4.52 15.81
CA GLY C 229 24.31 -5.71 16.26
C GLY C 229 25.60 -5.38 16.96
N SER C 230 26.11 -6.37 17.69
CA SER C 230 27.30 -6.23 18.51
C SER C 230 28.08 -7.50 18.48
N VAL C 231 29.33 -7.48 17.99
CA VAL C 231 30.20 -8.65 18.01
C VAL C 231 31.45 -8.22 18.77
N PRO C 232 31.60 -8.63 20.04
CA PRO C 232 32.73 -8.13 20.85
C PRO C 232 34.04 -8.84 20.57
N VAL C 233 34.52 -8.66 19.34
CA VAL C 233 35.74 -9.28 18.85
C VAL C 233 36.58 -8.19 18.16
N LEU C 234 37.83 -8.06 18.56
CA LEU C 234 38.72 -7.09 17.99
C LEU C 234 39.92 -7.80 17.45
N LEU C 235 40.29 -7.48 16.20
CA LEU C 235 41.48 -8.00 15.54
C LEU C 235 42.53 -6.92 15.48
N ALA C 236 43.79 -7.32 15.63
CA ALA C 236 44.92 -6.42 15.54
C ALA C 236 45.87 -6.98 14.50
N HIS C 237 46.32 -6.13 13.57
CA HIS C 237 47.22 -6.53 12.49
C HIS C 237 48.46 -5.69 12.41
N SER C 238 49.61 -6.36 12.21
CA SER C 238 50.89 -5.72 11.90
C SER C 238 51.56 -6.54 10.84
N PHE C 239 52.70 -6.04 10.36
CA PHE C 239 53.55 -6.73 9.40
C PHE C 239 54.00 -8.09 9.99
N HIS C 240 54.28 -8.14 11.30
CA HIS C 240 54.82 -9.30 11.97
C HIS C 240 53.81 -10.29 12.52
N ARG C 241 52.58 -9.86 12.88
CA ARG C 241 51.66 -10.78 13.51
C ARG C 241 50.22 -10.30 13.50
N ASP C 242 49.32 -11.23 13.76
CA ASP C 242 47.90 -11.01 13.94
C ASP C 242 47.48 -11.55 15.30
N LEU C 243 46.60 -10.83 15.96
CA LEU C 243 46.06 -11.19 17.27
C LEU C 243 44.59 -10.87 17.28
N GLY C 244 43.86 -11.53 18.16
CA GLY C 244 42.44 -11.27 18.35
C GLY C 244 42.05 -11.27 19.82
N ILE C 245 41.08 -10.44 20.18
CA ILE C 245 40.55 -10.38 21.56
C ILE C 245 39.05 -10.60 21.44
N PHE C 246 38.51 -11.61 22.13
CA PHE C 246 37.07 -11.91 22.15
C PHE C 246 36.59 -11.73 23.59
N TRP C 247 35.80 -10.69 23.84
CA TRP C 247 35.29 -10.32 25.17
C TRP C 247 33.89 -10.87 25.30
N LEU C 248 33.75 -12.08 25.88
CA LEU C 248 32.46 -12.75 25.96
C LEU C 248 31.60 -12.18 27.09
N ASN C 249 30.84 -11.15 26.75
CA ASN C 249 29.94 -10.45 27.65
C ASN C 249 28.77 -9.97 26.83
N ALA C 250 27.54 -10.22 27.30
CA ALA C 250 26.30 -9.87 26.58
C ALA C 250 25.66 -8.57 27.03
N ALA C 251 26.28 -7.87 28.02
CA ALA C 251 25.76 -6.60 28.53
C ALA C 251 26.29 -5.42 27.71
N GLU C 252 25.72 -4.24 27.93
CA GLU C 252 26.17 -3.01 27.31
C GLU C 252 27.64 -2.89 27.51
N THR C 253 28.40 -2.74 26.40
CA THR C 253 29.86 -2.69 26.45
C THR C 253 30.36 -1.48 25.68
N TRP C 254 31.37 -0.82 26.24
CA TRP C 254 32.04 0.33 25.65
C TRP C 254 33.47 -0.07 25.47
N VAL C 255 34.06 0.32 24.34
CA VAL C 255 35.43 -0.02 23.99
C VAL C 255 36.24 1.22 23.69
N ASP C 256 37.31 1.44 24.46
CA ASP C 256 38.20 2.58 24.25
C ASP C 256 39.44 2.08 23.58
N ILE C 257 39.92 2.85 22.59
CA ILE C 257 41.10 2.51 21.79
C ILE C 257 42.06 3.70 21.90
N SER C 258 43.33 3.44 22.20
CA SER C 258 44.32 4.51 22.30
C SER C 258 45.65 4.05 21.74
N SER C 259 46.44 5.00 21.25
CA SER C 259 47.74 4.72 20.63
C SER C 259 48.87 5.34 21.43
N ASN C 260 50.10 4.86 21.17
CA ASN C 260 51.34 5.32 21.82
C ASN C 260 52.46 5.29 20.79
N PRO C 262 55.72 1.45 18.73
CA PRO C 262 54.28 1.60 18.41
C PRO C 262 53.42 0.62 19.20
N GLN C 263 52.29 1.06 19.72
CA GLN C 263 51.43 0.23 20.56
C GLN C 263 50.02 0.74 20.60
N THR C 264 49.04 -0.18 20.61
CA THR C 264 47.62 0.15 20.73
C THR C 264 47.12 -0.49 22.01
N ASP C 265 46.38 0.27 22.80
CA ASP C 265 45.79 -0.21 24.03
C ASP C 265 44.28 -0.24 23.86
N ILE C 266 43.63 -1.29 24.39
CA ILE C 266 42.19 -1.50 24.25
C ILE C 266 41.62 -1.68 25.64
N ARG C 267 40.50 -1.03 25.91
CA ARG C 267 39.82 -1.16 27.18
C ARG C 267 38.36 -1.55 26.95
N TRP C 268 37.90 -2.60 27.63
CA TRP C 268 36.51 -3.05 27.51
C TRP C 268 35.82 -2.77 28.83
N MET C 269 34.60 -2.21 28.79
CA MET C 269 33.87 -1.83 29.98
C MET C 269 32.44 -2.32 29.82
N SER C 270 32.00 -3.29 30.64
CA SER C 270 30.68 -3.90 30.51
C SER C 270 29.80 -3.67 31.74
N GLU C 271 28.47 -3.57 31.54
CA GLU C 271 27.59 -3.23 32.64
C GLU C 271 27.50 -4.26 33.75
N SER C 272 27.53 -5.56 33.37
CA SER C 272 27.34 -6.65 34.30
C SER C 272 28.04 -7.92 33.79
N GLY C 273 27.78 -9.06 34.43
CA GLY C 273 28.41 -10.32 34.10
C GLY C 273 29.81 -10.41 34.67
N ILE C 274 30.57 -11.37 34.18
CA ILE C 274 31.96 -11.58 34.64
C ILE C 274 32.89 -11.03 33.57
N ILE C 275 34.20 -11.09 33.87
CA ILE C 275 35.21 -10.80 32.89
C ILE C 275 35.46 -12.20 32.30
N ASP C 276 35.24 -12.36 31.00
CA ASP C 276 35.49 -13.60 30.30
C ASP C 276 36.06 -13.18 28.95
N VAL C 277 37.37 -13.40 28.76
CA VAL C 277 38.04 -12.95 27.57
C VAL C 277 38.94 -14.03 27.00
N PHE C 278 38.90 -14.18 25.69
CA PHE C 278 39.77 -15.09 24.97
C PHE C 278 40.80 -14.29 24.18
N LEU C 279 42.05 -14.65 24.32
CA LEU C 279 43.15 -14.04 23.61
C LEU C 279 43.58 -15.05 22.56
N MET C 280 43.45 -14.67 21.30
CA MET C 280 43.68 -15.51 20.14
C MET C 280 44.99 -15.03 19.56
N LEU C 281 46.05 -15.85 19.71
CA LEU C 281 47.41 -15.40 19.45
C LEU C 281 47.94 -15.64 18.03
N GLY C 282 47.08 -16.06 17.12
CA GLY C 282 47.49 -16.23 15.76
C GLY C 282 48.53 -17.31 15.59
N PRO C 283 49.69 -17.07 14.94
CA PRO C 283 50.26 -15.78 14.46
C PRO C 283 49.70 -15.17 13.17
N SER C 284 49.10 -15.94 12.27
CA SER C 284 48.57 -15.36 11.03
C SER C 284 47.13 -14.99 11.23
N VAL C 285 46.57 -14.18 10.34
CA VAL C 285 45.16 -13.79 10.48
C VAL C 285 44.26 -14.99 10.24
N PHE C 286 44.67 -15.91 9.37
CA PHE C 286 43.94 -17.16 9.15
C PHE C 286 43.94 -18.05 10.40
N ASP C 287 45.02 -18.03 11.19
CA ASP C 287 45.07 -18.73 12.46
C ASP C 287 44.06 -18.12 13.41
N VAL C 288 43.95 -16.80 13.45
CA VAL C 288 42.98 -16.12 14.29
C VAL C 288 41.57 -16.49 13.85
N PHE C 289 41.30 -16.55 12.55
CA PHE C 289 39.95 -16.93 12.08
C PHE C 289 39.59 -18.35 12.55
N ARG C 290 40.53 -19.30 12.45
CA ARG C 290 40.35 -20.67 12.88
C ARG C 290 40.10 -20.74 14.38
N GLN C 291 40.90 -19.98 15.13
CA GLN C 291 40.79 -19.88 16.59
C GLN C 291 39.40 -19.42 17.01
N TYR C 292 38.93 -18.31 16.47
CA TYR C 292 37.62 -17.79 16.78
C TYR C 292 36.50 -18.73 16.32
N ALA C 293 36.66 -19.37 15.16
CA ALA C 293 35.68 -20.35 14.65
C ALA C 293 35.58 -21.58 15.57
N SER C 294 36.71 -21.98 16.19
CA SER C 294 36.70 -23.11 17.11
C SER C 294 35.86 -22.78 18.36
N LEU C 295 35.76 -21.50 18.71
CA LEU C 295 34.97 -21.05 19.85
C LEU C 295 33.49 -20.86 19.52
N THR C 296 33.15 -20.10 18.48
CA THR C 296 31.76 -19.75 18.17
C THR C 296 31.15 -20.37 16.94
N GLY C 297 31.88 -21.23 16.25
CA GLY C 297 31.37 -21.89 15.06
C GLY C 297 31.61 -21.11 13.79
N THR C 298 31.07 -21.60 12.70
CA THR C 298 31.32 -21.05 11.38
C THR C 298 30.01 -20.66 10.72
N GLN C 299 30.16 -19.90 9.64
CA GLN C 299 29.04 -19.49 8.83
C GLN C 299 28.19 -20.66 8.36
N ALA C 300 26.89 -20.63 8.64
CA ALA C 300 25.96 -21.64 8.13
C ALA C 300 26.02 -21.62 6.62
N LEU C 301 26.04 -22.79 5.97
CA LEU C 301 26.14 -22.87 4.52
C LEU C 301 24.83 -22.40 3.92
N PRO C 302 24.81 -21.25 3.20
CA PRO C 302 23.53 -20.78 2.69
C PRO C 302 22.95 -21.72 1.67
N PRO C 303 21.62 -21.92 1.62
CA PRO C 303 21.05 -22.58 0.44
C PRO C 303 21.42 -21.71 -0.76
N LEU C 304 21.65 -22.33 -1.89
CA LEU C 304 22.15 -21.62 -3.07
C LEU C 304 21.29 -20.43 -3.48
N PHE C 305 19.95 -20.56 -3.41
CA PHE C 305 19.06 -19.49 -3.84
C PHE C 305 19.28 -18.19 -3.07
N SER C 306 19.68 -18.29 -1.79
CA SER C 306 19.87 -17.10 -0.94
C SER C 306 21.10 -16.27 -1.31
N LEU C 307 21.96 -16.83 -2.18
CA LEU C 307 23.12 -16.16 -2.75
C LEU C 307 22.77 -15.51 -4.09
N GLY C 308 21.55 -15.70 -4.58
CA GLY C 308 21.07 -15.00 -5.77
C GLY C 308 20.61 -13.59 -5.37
N TYR C 309 19.82 -12.98 -6.23
CA TYR C 309 19.33 -11.62 -6.06
C TYR C 309 17.96 -11.65 -5.42
N HIS C 310 17.76 -10.74 -4.44
CA HIS C 310 16.51 -10.61 -3.67
C HIS C 310 15.88 -9.26 -3.96
N GLN C 311 14.60 -9.26 -4.31
CA GLN C 311 13.85 -8.04 -4.58
C GLN C 311 12.87 -7.81 -3.45
N SER C 312 13.00 -6.66 -2.79
CA SER C 312 12.16 -6.30 -1.67
C SER C 312 11.80 -4.82 -1.70
N ARG C 313 10.77 -4.49 -0.93
CA ARG C 313 10.40 -3.14 -0.56
C ARG C 313 9.38 -3.22 0.55
N TRP C 314 9.16 -2.12 1.23
CA TRP C 314 8.10 -1.94 2.18
C TRP C 314 7.10 -1.14 1.36
N ASN C 315 6.06 -1.72 0.73
CA ASN C 315 5.67 -3.11 0.69
C ASN C 315 5.09 -3.38 -0.68
N TYR C 316 5.14 -4.62 -1.09
CA TYR C 316 4.40 -5.05 -2.28
C TYR C 316 2.96 -5.17 -1.77
N ARG C 317 2.00 -4.58 -2.42
CA ARG C 317 0.65 -4.42 -1.85
C ARG C 317 -0.11 -5.68 -1.68
N ASP C 318 -0.09 -6.49 -2.68
CA ASP C 318 -0.95 -7.66 -2.66
C ASP C 318 -0.35 -8.74 -3.56
N GLU C 319 -1.08 -9.88 -3.69
CA GLU C 319 -0.65 -11.02 -4.49
C GLU C 319 -0.42 -10.61 -5.94
N ALA C 320 -1.33 -9.79 -6.50
CA ALA C 320 -1.21 -9.30 -7.89
C ALA C 320 0.07 -8.49 -8.08
N ASP C 321 0.40 -7.65 -7.11
CA ASP C 321 1.64 -6.87 -7.16
C ASP C 321 2.86 -7.82 -7.19
N VAL C 322 2.89 -8.84 -6.31
CA VAL C 322 3.98 -9.83 -6.25
C VAL C 322 4.12 -10.56 -7.56
N LEU C 323 3.00 -11.01 -8.12
CA LEU C 323 3.02 -11.70 -9.40
C LEU C 323 3.42 -10.79 -10.55
N GLU C 324 3.10 -9.49 -10.50
CA GLU C 324 3.52 -8.54 -11.55
C GLU C 324 5.02 -8.30 -11.49
N VAL C 325 5.58 -8.23 -10.28
CA VAL C 325 7.01 -8.05 -10.06
C VAL C 325 7.74 -9.29 -10.59
N ASP C 326 7.26 -10.48 -10.22
CA ASP C 326 7.79 -11.73 -10.75
C ASP C 326 7.86 -11.73 -12.31
N GLN C 327 6.73 -11.34 -12.92
CA GLN C 327 6.63 -11.33 -14.38
C GLN C 327 7.50 -10.21 -15.00
N GLY C 328 7.71 -9.15 -14.28
CA GLY C 328 8.57 -8.05 -14.70
C GLY C 328 10.00 -8.48 -14.88
N PHE C 329 10.52 -9.29 -13.95
CA PHE C 329 11.90 -9.79 -14.07
C PHE C 329 12.04 -10.60 -15.35
N ASP C 330 11.07 -11.47 -15.61
CA ASP C 330 11.14 -12.28 -16.81
C ASP C 330 10.95 -11.47 -18.07
N ASP C 331 9.97 -10.55 -18.10
CA ASP C 331 9.73 -9.74 -19.30
C ASP C 331 10.92 -8.84 -19.65
N HIS C 332 11.79 -8.52 -18.69
CA HIS C 332 12.97 -7.67 -18.89
C HIS C 332 14.28 -8.42 -18.80
N ASN C 333 14.23 -9.77 -18.83
CA ASN C 333 15.39 -10.64 -18.80
C ASN C 333 16.37 -10.25 -17.69
N MET C 334 15.88 -10.22 -16.45
CA MET C 334 16.66 -9.93 -15.27
C MET C 334 16.47 -11.07 -14.29
N PRO C 335 17.54 -11.75 -13.83
CA PRO C 335 17.34 -12.85 -12.89
C PRO C 335 16.98 -12.37 -11.49
N CYS C 336 16.26 -13.20 -10.74
CA CYS C 336 15.87 -12.91 -9.37
C CYS C 336 15.46 -14.23 -8.70
N ASP C 337 15.96 -14.49 -7.49
CA ASP C 337 15.57 -15.73 -6.80
C ASP C 337 14.44 -15.58 -5.82
N VAL C 338 14.33 -14.41 -5.17
CA VAL C 338 13.37 -14.23 -4.10
C VAL C 338 12.66 -12.87 -4.15
N ILE C 339 11.35 -12.89 -3.84
CA ILE C 339 10.55 -11.68 -3.68
C ILE C 339 10.12 -11.62 -2.19
N TRP C 340 10.26 -10.45 -1.56
CA TRP C 340 10.08 -10.26 -0.14
C TRP C 340 8.81 -9.56 0.24
N LEU C 341 8.21 -9.98 1.37
CA LEU C 341 6.97 -9.41 1.91
C LEU C 341 7.24 -8.80 3.27
N ASP C 342 7.19 -7.46 3.33
CA ASP C 342 7.42 -6.70 4.55
C ASP C 342 6.12 -6.70 5.40
N ILE C 343 6.10 -5.91 6.47
CA ILE C 343 5.06 -5.97 7.51
C ILE C 343 3.64 -5.76 7.03
N GLU C 344 3.43 -5.15 5.87
CA GLU C 344 2.04 -4.95 5.39
C GLU C 344 1.41 -6.21 4.89
N HIS C 345 2.13 -7.32 4.76
CA HIS C 345 1.49 -8.55 4.28
C HIS C 345 0.64 -9.21 5.31
N ALA C 346 0.98 -9.02 6.60
CA ALA C 346 0.23 -9.59 7.74
C ALA C 346 -1.09 -8.87 7.95
N ASP C 347 -1.99 -9.46 8.79
CA ASP C 347 -3.26 -8.85 9.24
C ASP C 347 -2.92 -7.95 10.40
N GLY C 348 -2.73 -6.65 10.12
CA GLY C 348 -2.42 -5.61 11.07
C GLY C 348 -1.23 -5.84 11.97
N LYS C 349 -0.15 -6.32 11.41
CA LYS C 349 1.15 -6.58 12.06
C LYS C 349 1.15 -7.70 13.13
N ARG C 350 0.19 -8.59 13.00
CA ARG C 350 0.05 -9.80 13.77
C ARG C 350 0.82 -10.83 12.92
N TYR C 351 2.10 -11.12 13.30
CA TYR C 351 2.98 -12.01 12.55
C TYR C 351 2.46 -13.44 12.54
N PHE C 352 2.80 -14.20 11.49
CA PHE C 352 2.31 -15.53 11.15
C PHE C 352 0.90 -15.50 10.56
N THR C 353 0.38 -14.33 10.20
CA THR C 353 -0.96 -14.19 9.59
C THR C 353 -0.80 -13.46 8.25
N TRP C 354 -1.89 -13.39 7.51
CA TRP C 354 -1.94 -12.79 6.19
C TRP C 354 -3.09 -11.79 6.14
N ASP C 355 -2.90 -10.61 5.50
CA ASP C 355 -4.01 -9.70 5.33
C ASP C 355 -5.07 -10.41 4.45
N PRO C 356 -6.32 -10.54 4.95
CA PRO C 356 -7.32 -11.33 4.21
C PRO C 356 -7.85 -10.71 2.93
N THR C 357 -7.57 -9.43 2.67
CA THR C 357 -7.97 -8.81 1.42
C THR C 357 -6.82 -8.88 0.40
N ARG C 358 -5.56 -8.58 0.85
CA ARG C 358 -4.33 -8.48 0.04
C ARG C 358 -3.66 -9.78 -0.28
N PHE C 359 -3.65 -10.68 0.72
CA PHE C 359 -3.09 -12.00 0.59
C PHE C 359 -4.10 -13.06 1.00
N PRO C 360 -5.26 -13.19 0.30
CA PRO C 360 -6.26 -14.21 0.68
C PRO C 360 -5.85 -15.65 0.41
N GLN C 361 -4.94 -15.88 -0.57
CA GLN C 361 -4.55 -17.20 -1.01
C GLN C 361 -3.03 -17.29 -1.08
N PRO C 362 -2.35 -17.21 0.07
CA PRO C 362 -0.89 -17.30 0.07
C PRO C 362 -0.33 -18.57 -0.53
N LEU C 363 -0.98 -19.75 -0.35
CA LEU C 363 -0.46 -20.99 -0.93
C LEU C 363 -0.47 -20.94 -2.46
N ASN C 364 -1.50 -20.30 -3.04
CA ASN C 364 -1.59 -20.13 -4.48
C ASN C 364 -0.51 -19.18 -4.99
N MET C 365 -0.22 -18.10 -4.25
CA MET C 365 0.84 -17.17 -4.62
C MET C 365 2.19 -17.91 -4.60
N LEU C 366 2.45 -18.68 -3.54
CA LEU C 366 3.68 -19.46 -3.40
C LEU C 366 3.82 -20.54 -4.50
N GLU C 367 2.69 -21.15 -4.90
CA GLU C 367 2.65 -22.14 -5.99
C GLU C 367 3.08 -21.44 -7.29
N HIS C 368 2.54 -20.26 -7.58
CA HIS C 368 2.93 -19.53 -8.79
CA HIS C 368 2.91 -19.49 -8.78
C HIS C 368 4.42 -19.20 -8.77
N LEU C 369 4.96 -18.74 -7.64
CA LEU C 369 6.40 -18.47 -7.57
C LEU C 369 7.22 -19.76 -7.72
N ALA C 370 6.72 -20.89 -7.16
CA ALA C 370 7.37 -22.16 -7.30
C ALA C 370 7.40 -22.63 -8.75
N SER C 371 6.36 -22.30 -9.55
CA SER C 371 6.34 -22.69 -10.98
C SER C 371 7.40 -21.97 -11.78
N LYS C 372 7.85 -20.79 -11.28
CA LYS C 372 8.92 -19.95 -11.86
C LYS C 372 10.27 -20.27 -11.20
N ARG C 373 10.28 -21.26 -10.29
CA ARG C 373 11.46 -21.71 -9.56
C ARG C 373 12.06 -20.57 -8.73
N ARG C 374 11.14 -19.80 -8.04
CA ARG C 374 11.46 -18.71 -7.15
C ARG C 374 10.91 -18.98 -5.78
N LYS C 375 11.45 -18.23 -4.81
CA LYS C 375 11.08 -18.28 -3.42
C LYS C 375 10.47 -16.94 -2.99
N LEU C 376 9.90 -16.92 -1.80
CA LEU C 376 9.39 -15.73 -1.17
C LEU C 376 9.98 -15.67 0.26
N VAL C 377 10.14 -14.46 0.78
CA VAL C 377 10.57 -14.27 2.18
C VAL C 377 9.50 -13.46 2.85
N ALA C 378 9.01 -13.89 4.02
CA ALA C 378 8.03 -13.14 4.79
C ALA C 378 8.68 -12.67 6.07
N ILE C 379 8.39 -11.42 6.45
CA ILE C 379 8.88 -10.85 7.71
C ILE C 379 8.10 -11.45 8.89
N VAL C 380 8.84 -11.77 9.94
CA VAL C 380 8.32 -12.24 11.23
C VAL C 380 9.16 -11.55 12.29
N ASP C 381 8.61 -10.52 12.92
CA ASP C 381 9.30 -9.77 13.99
C ASP C 381 8.95 -10.33 15.40
N PRO C 382 9.87 -10.17 16.41
CA PRO C 382 9.63 -10.72 17.76
C PRO C 382 8.79 -9.86 18.70
N HIS C 383 7.75 -9.19 18.24
CA HIS C 383 6.86 -8.42 19.13
C HIS C 383 5.45 -8.85 18.74
N ILE C 384 4.70 -9.27 19.73
CA ILE C 384 3.37 -9.86 19.56
C ILE C 384 2.28 -8.88 20.04
N LYS C 385 1.44 -8.43 19.09
CA LYS C 385 0.32 -7.59 19.39
C LYS C 385 -0.46 -8.06 20.63
N VAL C 386 -0.85 -7.11 21.50
CA VAL C 386 -1.65 -7.42 22.68
C VAL C 386 -3.08 -7.42 22.12
N ASP C 387 -3.61 -8.63 21.86
CA ASP C 387 -4.94 -8.81 21.25
C ASP C 387 -5.47 -10.22 21.52
N SER C 388 -6.64 -10.32 22.17
CA SER C 388 -7.22 -11.54 22.74
C SER C 388 -7.86 -12.66 21.83
N GLY C 389 -8.27 -12.55 20.60
CA GLY C 389 -7.84 -11.76 19.52
C GLY C 389 -7.05 -12.67 18.61
N TYR C 390 -5.75 -12.70 18.89
CA TYR C 390 -4.66 -13.25 18.11
C TYR C 390 -4.07 -14.47 18.85
N ARG C 391 -4.26 -15.67 18.29
CA ARG C 391 -3.84 -16.94 18.93
C ARG C 391 -2.40 -16.92 19.44
N VAL C 392 -1.49 -16.23 18.75
CA VAL C 392 -0.07 -16.21 19.17
C VAL C 392 0.05 -15.48 20.47
N HIS C 393 -0.70 -14.41 20.62
CA HIS C 393 -0.72 -13.64 21.87
C HIS C 393 -1.29 -14.49 22.99
N GLU C 394 -2.46 -15.08 22.75
CA GLU C 394 -3.14 -15.88 23.75
C GLU C 394 -2.32 -17.07 24.24
N GLU C 395 -1.62 -17.78 23.34
CA GLU C 395 -0.77 -18.90 23.71
C GLU C 395 0.45 -18.45 24.52
N LEU C 396 1.13 -17.37 24.08
CA LEU C 396 2.31 -16.90 24.83
C LEU C 396 1.95 -16.36 26.20
N ARG C 397 0.80 -15.68 26.30
CA ARG C 397 0.29 -15.14 27.56
C ARG C 397 -0.06 -16.30 28.51
N ASN C 398 -0.81 -17.30 27.99
CA ASN C 398 -1.24 -18.48 28.77
C ASN C 398 -0.11 -19.38 29.22
N HIS C 399 1.02 -19.40 28.51
CA HIS C 399 2.20 -20.19 28.88
C HIS C 399 3.29 -19.37 29.60
N GLY C 400 3.02 -18.09 29.90
CA GLY C 400 3.95 -17.17 30.57
C GLY C 400 5.29 -17.03 29.91
N LEU C 401 5.26 -16.99 28.57
CA LEU C 401 6.51 -16.93 27.80
C LEU C 401 6.97 -15.52 27.42
N TYR C 402 6.33 -14.49 27.96
CA TYR C 402 6.73 -13.11 27.71
C TYR C 402 7.72 -12.61 28.71
N VAL C 403 8.50 -11.59 28.31
CA VAL C 403 9.42 -10.90 29.20
C VAL C 403 8.49 -10.19 30.20
N LYS C 404 8.89 -10.14 31.46
CA LYS C 404 8.12 -9.53 32.54
C LYS C 404 8.80 -8.27 33.03
N THR C 405 8.03 -7.47 33.79
CA THR C 405 8.58 -6.34 34.54
C THR C 405 8.87 -6.91 35.95
N ARG C 406 9.52 -6.13 36.81
CA ARG C 406 9.81 -6.54 38.20
C ARG C 406 8.57 -6.93 39.01
N ASP C 407 7.41 -6.29 38.76
CA ASP C 407 6.18 -6.65 39.48
C ASP C 407 5.55 -7.98 39.03
N GLY C 408 6.16 -8.67 38.06
CA GLY C 408 5.67 -9.95 37.57
C GLY C 408 4.62 -9.90 36.48
N SER C 409 4.28 -8.70 35.97
CA SER C 409 3.32 -8.58 34.86
C SER C 409 4.07 -8.64 33.53
N ASP C 410 3.39 -9.09 32.47
CA ASP C 410 3.99 -9.17 31.14
C ASP C 410 4.33 -7.77 30.65
N TYR C 411 5.57 -7.53 30.21
CA TYR C 411 5.98 -6.20 29.74
C TYR C 411 5.19 -5.87 28.50
N GLU C 412 4.69 -4.65 28.42
CA GLU C 412 3.98 -4.17 27.25
C GLU C 412 4.65 -2.90 26.79
N GLY C 413 5.05 -2.89 25.53
CA GLY C 413 5.64 -1.72 24.91
C GLY C 413 4.85 -1.38 23.65
N TRP C 414 5.39 -0.47 22.87
CA TRP C 414 4.76 -0.01 21.64
C TRP C 414 5.63 -0.37 20.43
N CYS C 415 5.02 -0.98 19.39
CA CYS C 415 5.72 -1.24 18.13
C CYS C 415 4.78 -1.27 16.92
N TRP C 416 5.15 -1.93 15.81
CA TRP C 416 4.27 -1.87 14.62
C TRP C 416 2.78 -2.26 14.90
N PRO C 417 2.43 -3.24 15.79
CA PRO C 417 1.01 -3.57 16.02
C PRO C 417 0.27 -2.69 17.04
N GLY C 418 0.96 -1.71 17.58
CA GLY C 418 0.46 -0.86 18.62
C GLY C 418 1.07 -1.40 19.87
N SER C 419 0.25 -1.63 20.91
CA SER C 419 0.70 -2.27 22.14
C SER C 419 1.08 -3.73 21.80
N ALA C 420 2.26 -4.14 22.29
CA ALA C 420 2.84 -5.43 21.95
C ALA C 420 3.74 -5.99 23.05
N SER C 421 3.76 -7.31 23.20
CA SER C 421 4.57 -7.96 24.21
C SER C 421 5.73 -8.65 23.56
N TYR C 422 6.77 -8.89 24.33
CA TYR C 422 8.00 -9.39 23.84
C TYR C 422 8.27 -10.77 24.35
N PRO C 423 8.22 -11.80 23.48
CA PRO C 423 8.54 -13.16 23.93
C PRO C 423 9.94 -13.23 24.53
N ASP C 424 10.11 -14.02 25.59
CA ASP C 424 11.42 -14.14 26.20
C ASP C 424 12.22 -15.18 25.45
N PHE C 425 12.90 -14.76 24.39
CA PHE C 425 13.71 -15.65 23.57
C PHE C 425 14.89 -16.25 24.33
N THR C 426 15.25 -15.72 25.54
CA THR C 426 16.33 -16.34 26.33
C THR C 426 15.83 -17.66 27.00
N ASN C 427 14.51 -17.86 27.08
CA ASN C 427 13.93 -19.06 27.65
C ASN C 427 13.95 -20.15 26.59
N PRO C 428 14.61 -21.31 26.85
CA PRO C 428 14.67 -22.37 25.83
C PRO C 428 13.32 -22.92 25.41
N ARG C 429 12.30 -22.84 26.27
CA ARG C 429 10.95 -23.28 25.94
C ARG C 429 10.27 -22.27 24.99
N MET C 430 10.61 -20.96 25.10
CA MET C 430 10.06 -19.95 24.18
C MET C 430 10.63 -20.20 22.79
N ARG C 431 11.92 -20.51 22.71
CA ARG C 431 12.57 -20.82 21.43
C ARG C 431 11.98 -22.06 20.78
N ALA C 432 11.69 -23.11 21.59
CA ALA C 432 11.06 -24.33 21.08
C ALA C 432 9.66 -24.04 20.53
N TRP C 433 8.86 -23.24 21.27
CA TRP C 433 7.51 -22.84 20.86
C TRP C 433 7.57 -22.08 19.52
N TRP C 434 8.53 -21.17 19.43
CA TRP C 434 8.75 -20.37 18.22
C TRP C 434 9.09 -21.25 17.04
N SER C 435 10.05 -22.16 17.21
CA SER C 435 10.44 -23.11 16.14
C SER C 435 9.25 -23.92 15.68
N ASN C 436 8.46 -24.42 16.62
CA ASN C 436 7.28 -25.22 16.31
C ASN C 436 6.21 -24.43 15.57
N MET C 437 6.16 -23.11 15.79
CA MET C 437 5.21 -22.21 15.10
C MET C 437 5.42 -22.14 13.59
N PHE C 438 6.64 -22.47 13.12
CA PHE C 438 6.96 -22.51 11.70
C PHE C 438 6.54 -23.80 11.00
N SER C 439 5.90 -24.77 11.70
CA SER C 439 5.41 -25.98 11.02
C SER C 439 4.37 -25.55 9.99
N PHE C 440 4.20 -26.32 8.93
CA PHE C 440 3.22 -25.95 7.91
C PHE C 440 1.78 -25.97 8.44
N ASP C 441 1.52 -26.75 9.46
CA ASP C 441 0.20 -26.82 10.10
C ASP C 441 -0.09 -25.59 10.96
N ASN C 442 0.94 -25.07 11.66
CA ASN C 442 0.80 -23.91 12.51
C ASN C 442 0.85 -22.60 11.78
N TYR C 443 1.81 -22.45 10.88
CA TYR C 443 1.93 -21.23 10.08
C TYR C 443 1.13 -21.45 8.79
N GLU C 444 -0.17 -21.29 8.89
CA GLU C 444 -1.09 -21.52 7.77
C GLU C 444 -0.77 -20.55 6.65
N GLY C 445 -0.67 -21.08 5.44
CA GLY C 445 -0.34 -20.31 4.26
C GLY C 445 1.12 -20.34 3.90
N SER C 446 1.98 -20.95 4.73
CA SER C 446 3.39 -21.10 4.42
C SER C 446 3.59 -22.39 3.59
N ALA C 447 4.72 -22.45 2.91
CA ALA C 447 5.10 -23.58 2.07
C ALA C 447 6.59 -23.66 2.03
N PRO C 448 7.18 -24.74 1.49
CA PRO C 448 8.65 -24.89 1.53
C PRO C 448 9.45 -23.82 0.83
N ASN C 449 8.85 -23.06 -0.11
CA ASN C 449 9.58 -21.97 -0.77
C ASN C 449 9.38 -20.62 -0.07
N LEU C 450 8.85 -20.62 1.19
CA LEU C 450 8.69 -19.43 2.00
C LEU C 450 9.80 -19.43 3.06
N TYR C 451 10.64 -18.41 3.08
CA TYR C 451 11.72 -18.25 4.07
C TYR C 451 11.42 -16.99 4.88
N VAL C 452 12.28 -16.64 5.84
CA VAL C 452 11.95 -15.67 6.85
C VAL C 452 12.98 -14.59 7.05
N TRP C 453 12.46 -13.40 7.48
CA TRP C 453 13.23 -12.22 7.81
C TRP C 453 12.84 -11.81 9.23
N ASN C 454 13.81 -11.74 10.15
CA ASN C 454 13.62 -11.26 11.51
C ASN C 454 14.16 -9.86 11.60
N ASP C 455 13.28 -8.90 11.79
CA ASP C 455 13.67 -7.51 11.95
C ASP C 455 13.28 -7.07 13.37
N MET C 456 13.72 -5.87 13.82
CA MET C 456 13.29 -5.27 15.10
C MET C 456 13.66 -6.12 16.26
N ASN C 457 14.69 -6.98 16.14
CA ASN C 457 15.01 -7.95 17.19
C ASN C 457 16.15 -7.52 18.12
N GLU C 458 16.32 -6.21 18.30
CA GLU C 458 17.33 -5.67 19.23
C GLU C 458 16.99 -5.97 20.70
N PRO C 459 15.74 -5.92 21.19
CA PRO C 459 14.46 -5.61 20.53
C PRO C 459 14.16 -4.11 20.39
N SER C 460 13.50 -3.73 19.30
CA SER C 460 13.05 -2.39 19.09
C SER C 460 11.75 -2.23 19.85
N VAL C 461 11.65 -1.15 20.66
CA VAL C 461 10.49 -0.83 21.51
C VAL C 461 10.31 0.68 21.31
N PHE C 462 9.27 1.11 20.61
CA PHE C 462 9.15 2.52 20.23
C PHE C 462 9.05 3.48 21.40
N ASN C 463 8.44 3.05 22.50
CA ASN C 463 8.31 3.88 23.71
C ASN C 463 9.34 3.53 24.80
N GLY C 464 10.40 2.80 24.44
CA GLY C 464 11.41 2.37 25.40
C GLY C 464 12.64 3.27 25.43
N PRO C 465 13.49 3.15 26.48
CA PRO C 465 14.70 3.99 26.52
C PRO C 465 15.62 3.62 25.40
N GLU C 466 16.07 4.59 24.60
CA GLU C 466 16.90 4.38 23.44
C GLU C 466 16.19 3.47 22.42
N VAL C 467 14.84 3.47 22.42
CA VAL C 467 14.02 2.67 21.51
C VAL C 467 14.24 1.13 21.74
N THR C 468 14.59 0.72 22.99
CA THR C 468 14.73 -0.69 23.33
C THR C 468 14.06 -0.99 24.68
N MET C 469 14.22 -2.22 25.16
CA MET C 469 13.61 -2.64 26.41
C MET C 469 14.28 -2.06 27.65
N LEU C 470 13.47 -1.96 28.74
CA LEU C 470 13.87 -1.49 30.06
C LEU C 470 15.01 -2.35 30.57
N LYS C 471 16.01 -1.75 31.20
CA LYS C 471 17.14 -2.52 31.73
C LYS C 471 16.74 -3.48 32.79
N ASP C 472 15.73 -3.13 33.58
CA ASP C 472 15.28 -3.90 34.74
C ASP C 472 14.11 -4.84 34.46
N ALA C 473 13.79 -5.09 33.17
CA ALA C 473 12.83 -6.14 32.83
C ALA C 473 13.49 -7.48 33.20
N VAL C 474 12.67 -8.51 33.43
CA VAL C 474 13.14 -9.79 33.93
C VAL C 474 12.94 -10.94 32.93
N HIS C 475 14.01 -11.70 32.76
CA HIS C 475 14.05 -12.81 31.84
C HIS C 475 14.22 -14.16 32.59
N TYR C 476 14.18 -15.23 31.81
CA TYR C 476 14.37 -16.60 32.22
C TYR C 476 15.53 -16.73 33.22
N GLY C 477 15.28 -17.41 34.35
CA GLY C 477 16.27 -17.58 35.39
C GLY C 477 16.45 -16.40 36.32
N GLY C 478 15.64 -15.36 36.15
CA GLY C 478 15.70 -14.16 36.99
C GLY C 478 16.70 -13.11 36.54
N TRP C 479 17.34 -13.34 35.39
CA TRP C 479 18.33 -12.40 34.86
C TRP C 479 17.63 -11.14 34.37
N GLU C 480 18.29 -10.00 34.56
CA GLU C 480 17.69 -8.74 34.10
C GLU C 480 17.96 -8.55 32.62
N HIS C 481 17.16 -7.72 31.95
CA HIS C 481 17.40 -7.39 30.55
C HIS C 481 18.81 -6.85 30.33
N ARG C 482 19.34 -6.06 31.29
CA ARG C 482 20.71 -5.55 31.18
C ARG C 482 21.74 -6.67 31.00
N ASP C 483 21.53 -7.82 31.64
CA ASP C 483 22.50 -8.91 31.60
C ASP C 483 22.58 -9.62 30.26
N ILE C 484 21.46 -9.67 29.54
CA ILE C 484 21.32 -10.46 28.32
C ILE C 484 21.10 -9.67 27.03
N HIS C 485 20.94 -8.34 27.09
CA HIS C 485 20.52 -7.54 25.93
C HIS C 485 21.06 -7.94 24.60
N ASN C 486 22.39 -8.04 24.48
CA ASN C 486 23.02 -8.25 23.17
C ASN C 486 22.87 -9.63 22.57
N ILE C 487 22.32 -10.63 23.30
CA ILE C 487 22.05 -11.96 22.73
C ILE C 487 20.56 -12.15 22.44
N TYR C 488 19.68 -11.21 22.77
CA TYR C 488 18.24 -11.35 22.49
C TYR C 488 17.98 -11.58 20.97
N GLY C 489 18.56 -10.73 20.13
CA GLY C 489 18.40 -10.86 18.68
C GLY C 489 18.94 -12.16 18.10
N LEU C 490 20.12 -12.59 18.58
CA LEU C 490 20.70 -13.87 18.21
C LEU C 490 19.73 -15.03 18.49
N TYR C 491 19.06 -15.00 19.65
CA TYR C 491 18.11 -16.05 20.01
C TYR C 491 16.90 -16.07 19.07
N VAL C 492 16.43 -14.91 18.64
CA VAL C 492 15.31 -14.82 17.70
C VAL C 492 15.74 -15.48 16.38
N HIS C 493 16.99 -15.17 15.96
CA HIS C 493 17.58 -15.65 14.72
C HIS C 493 17.73 -17.18 14.75
N MET C 494 18.28 -17.68 15.84
CA MET C 494 18.48 -19.10 16.13
C MET C 494 17.15 -19.84 16.12
N ALA C 495 16.16 -19.37 16.88
CA ALA C 495 14.86 -20.05 16.97
C ALA C 495 14.13 -20.10 15.61
N THR C 496 14.24 -19.02 14.82
CA THR C 496 13.64 -18.99 13.48
C THR C 496 14.34 -19.97 12.54
N ALA C 497 15.67 -19.98 12.53
CA ALA C 497 16.41 -20.92 11.72
C ALA C 497 16.05 -22.36 12.08
N ASP C 498 16.02 -22.69 13.39
CA ASP C 498 15.64 -24.02 13.84
C ASP C 498 14.18 -24.33 13.39
N GLY C 499 13.28 -23.35 13.39
CA GLY C 499 11.92 -23.54 12.90
C GLY C 499 11.84 -23.98 11.47
N LEU C 500 12.67 -23.38 10.61
CA LEU C 500 12.72 -23.73 9.19
C LEU C 500 13.35 -25.08 8.94
N ILE C 501 14.31 -25.45 9.76
CA ILE C 501 14.90 -26.77 9.70
C ILE C 501 13.85 -27.82 10.14
N GLN C 502 13.21 -27.60 11.30
CA GLN C 502 12.26 -28.57 11.88
C GLN C 502 11.03 -28.81 11.00
N ARG C 503 10.48 -27.78 10.33
CA ARG C 503 9.25 -27.94 9.54
C ARG C 503 9.44 -28.91 8.36
N SER C 504 10.71 -29.08 7.94
CA SER C 504 11.09 -29.93 6.85
C SER C 504 11.55 -31.33 7.31
N GLY C 505 11.46 -31.62 8.59
CA GLY C 505 11.93 -32.87 9.16
C GLY C 505 13.44 -32.91 9.32
N GLY C 506 14.07 -31.74 9.43
CA GLY C 506 15.52 -31.65 9.57
C GLY C 506 16.34 -31.73 8.30
N ILE C 507 15.70 -31.69 7.14
CA ILE C 507 16.36 -31.89 5.86
C ILE C 507 16.79 -30.60 5.16
N GLU C 508 15.93 -29.58 5.15
CA GLU C 508 16.18 -28.34 4.41
C GLU C 508 17.01 -27.37 5.18
N ARG C 509 18.00 -26.73 4.52
CA ARG C 509 18.81 -25.70 5.15
C ARG C 509 17.94 -24.45 5.25
N PRO C 510 18.05 -23.74 6.36
CA PRO C 510 17.24 -22.52 6.51
C PRO C 510 17.80 -21.32 5.71
N PHE C 511 16.97 -20.29 5.61
CA PHE C 511 17.42 -18.99 5.18
C PHE C 511 16.68 -18.01 6.05
N VAL C 512 17.43 -17.33 6.93
CA VAL C 512 16.90 -16.30 7.79
C VAL C 512 17.82 -15.10 7.76
N LEU C 513 17.24 -13.91 7.49
CA LEU C 513 17.95 -12.63 7.59
C LEU C 513 17.60 -12.02 8.95
N SER C 514 18.60 -11.54 9.71
CA SER C 514 18.40 -10.90 11.00
C SER C 514 19.02 -9.52 11.06
N ARG C 515 18.37 -8.57 11.77
CA ARG C 515 18.97 -7.25 11.92
C ARG C 515 19.96 -7.23 13.06
N ALA C 516 19.54 -7.72 14.23
CA ALA C 516 20.37 -7.80 15.41
C ALA C 516 21.18 -9.10 15.44
N PHE C 517 22.34 -9.02 16.08
CA PHE C 517 23.25 -10.13 16.11
C PHE C 517 24.30 -9.97 17.20
N PHE C 518 25.00 -11.05 17.46
CA PHE C 518 26.07 -11.18 18.43
C PHE C 518 27.05 -12.20 17.90
N SER C 519 28.16 -12.42 18.64
CA SER C 519 29.09 -13.53 18.39
C SER C 519 28.26 -14.82 18.29
N GLY C 520 28.51 -15.63 17.26
CA GLY C 520 27.77 -16.87 17.01
C GLY C 520 26.63 -16.71 16.02
N SER C 521 26.21 -15.46 15.71
CA SER C 521 25.09 -15.25 14.75
C SER C 521 25.34 -15.80 13.38
N GLN C 522 26.61 -15.95 12.98
CA GLN C 522 26.98 -16.56 11.71
C GLN C 522 26.39 -17.95 11.51
N ARG C 523 26.09 -18.66 12.62
CA ARG C 523 25.55 -20.02 12.57
C ARG C 523 24.09 -20.07 12.12
N PHE C 524 23.40 -18.90 12.06
CA PHE C 524 21.98 -18.90 11.79
C PHE C 524 21.52 -18.27 10.48
N GLY C 525 22.40 -17.68 9.69
CA GLY C 525 21.98 -17.10 8.43
C GLY C 525 22.70 -15.82 8.06
N ALA C 526 21.92 -14.87 7.52
CA ALA C 526 22.44 -13.60 7.04
C ALA C 526 22.12 -12.44 7.96
N VAL C 527 22.88 -11.36 7.82
CA VAL C 527 22.60 -10.09 8.51
C VAL C 527 22.73 -8.99 7.46
N TRP C 528 22.21 -7.82 7.75
CA TRP C 528 22.37 -6.66 6.87
C TRP C 528 22.55 -5.44 7.70
N THR C 529 23.05 -4.37 7.10
CA THR C 529 23.37 -3.14 7.84
C THR C 529 22.18 -2.21 8.16
N GLY C 530 20.97 -2.74 8.12
CA GLY C 530 19.79 -2.00 8.51
C GLY C 530 19.32 -0.89 7.61
N ASP C 531 18.74 0.13 8.22
CA ASP C 531 18.10 1.23 7.51
C ASP C 531 19.08 2.29 7.10
N ASN C 532 19.73 2.04 5.98
CA ASN C 532 20.71 2.96 5.40
C ASN C 532 19.93 3.98 4.53
N THR C 533 20.65 4.86 3.86
CA THR C 533 20.05 5.94 3.09
C THR C 533 20.57 5.94 1.65
N ALA C 534 19.72 6.33 0.72
CA ALA C 534 20.02 6.44 -0.70
C ALA C 534 20.95 7.63 -0.98
N GLU C 535 22.22 7.50 -0.55
CA GLU C 535 23.27 8.50 -0.73
C GLU C 535 24.59 7.82 -1.04
N TRP C 536 25.47 8.51 -1.80
CA TRP C 536 26.77 7.98 -2.23
C TRP C 536 27.69 7.57 -1.09
N ASP C 537 27.73 8.31 0.01
CA ASP C 537 28.59 7.92 1.14
C ASP C 537 28.05 6.66 1.86
N HIS C 538 26.73 6.37 1.78
CA HIS C 538 26.18 5.13 2.34
C HIS C 538 26.56 3.95 1.42
N LEU C 539 26.59 4.19 0.10
CA LEU C 539 27.07 3.18 -0.85
C LEU C 539 28.55 2.83 -0.48
N LYS C 540 29.40 3.86 -0.28
CA LYS C 540 30.79 3.62 0.08
C LYS C 540 30.94 2.84 1.38
N ILE C 541 30.15 3.16 2.39
CA ILE C 541 30.32 2.57 3.73
C ILE C 541 29.87 1.10 3.80
N SER C 542 29.15 0.60 2.80
CA SER C 542 28.77 -0.81 2.77
C SER C 542 30.03 -1.69 2.79
N ILE C 543 31.15 -1.25 2.17
CA ILE C 543 32.38 -2.04 2.16
C ILE C 543 32.97 -2.17 3.57
N PRO C 544 33.39 -1.08 4.25
CA PRO C 544 33.95 -1.24 5.62
C PRO C 544 32.98 -1.89 6.60
N MET C 545 31.67 -1.64 6.48
CA MET C 545 30.71 -2.26 7.40
C MET C 545 30.66 -3.74 7.22
N CYS C 546 30.54 -4.25 5.99
CA CYS C 546 30.54 -5.71 5.79
C CYS C 546 31.92 -6.33 6.00
N LEU C 547 33.02 -5.59 5.76
CA LEU C 547 34.35 -6.13 6.04
C LEU C 547 34.58 -6.26 7.54
N SER C 548 34.08 -5.31 8.33
CA SER C 548 34.20 -5.40 9.79
C SER C 548 33.45 -6.64 10.31
N LEU C 549 32.30 -6.96 9.69
CA LEU C 549 31.52 -8.13 10.00
C LEU C 549 32.21 -9.42 9.56
N ALA C 550 32.77 -9.45 8.35
CA ALA C 550 33.49 -10.60 7.81
C ALA C 550 34.65 -10.99 8.72
N LEU C 551 35.40 -10.00 9.21
CA LEU C 551 36.55 -10.27 10.06
C LEU C 551 36.17 -11.00 11.34
N VAL C 552 34.95 -10.76 11.85
CA VAL C 552 34.49 -11.38 13.10
C VAL C 552 33.48 -12.54 12.88
N GLY C 553 33.59 -13.19 11.72
CA GLY C 553 32.88 -14.41 11.38
C GLY C 553 31.54 -14.28 10.67
N LEU C 554 31.01 -13.07 10.53
CA LEU C 554 29.69 -12.88 9.92
C LEU C 554 29.87 -12.58 8.44
N SER C 555 30.08 -13.63 7.67
CA SER C 555 30.37 -13.54 6.24
C SER C 555 29.16 -13.20 5.37
N PHE C 556 27.95 -13.50 5.83
CA PHE C 556 26.77 -13.32 5.01
C PHE C 556 26.11 -11.99 5.33
N CYS C 557 26.75 -10.94 4.83
CA CYS C 557 26.46 -9.53 5.09
C CYS C 557 26.13 -8.78 3.80
N GLY C 558 25.36 -7.72 3.94
CA GLY C 558 25.05 -6.84 2.83
C GLY C 558 24.36 -5.59 3.32
N ALA C 559 24.12 -4.66 2.39
CA ALA C 559 23.44 -3.40 2.64
C ALA C 559 22.34 -3.24 1.63
N ASP C 560 21.26 -2.56 1.99
CA ASP C 560 20.12 -2.42 1.07
C ASP C 560 20.55 -1.74 -0.20
N VAL C 561 20.36 -2.43 -1.33
CA VAL C 561 20.71 -1.91 -2.64
C VAL C 561 19.74 -0.79 -3.00
N GLY C 562 20.30 0.38 -3.23
CA GLY C 562 19.57 1.60 -3.53
C GLY C 562 19.41 2.48 -2.32
N GLY C 563 19.65 1.94 -1.12
CA GLY C 563 19.46 2.63 0.14
C GLY C 563 18.02 2.49 0.58
N PHE C 564 17.78 2.38 1.87
CA PHE C 564 16.41 2.24 2.39
C PHE C 564 15.62 3.56 2.35
N PHE C 565 16.17 4.59 3.01
CA PHE C 565 15.53 5.90 3.02
C PHE C 565 15.85 6.68 1.77
N LYS C 566 14.86 7.46 1.30
CA LYS C 566 14.99 8.41 0.18
C LYS C 566 15.04 7.69 -1.17
N ASN C 567 15.04 8.51 -2.24
CA ASN C 567 15.02 8.05 -3.61
C ASN C 567 16.41 8.24 -4.25
N PRO C 568 17.05 7.13 -4.67
CA PRO C 568 18.36 7.26 -5.33
C PRO C 568 18.16 7.75 -6.76
N GLU C 569 19.10 8.58 -7.26
CA GLU C 569 19.11 8.96 -8.66
C GLU C 569 19.50 7.68 -9.47
N PRO C 570 19.08 7.57 -10.75
CA PRO C 570 19.35 6.35 -11.55
C PRO C 570 20.81 5.86 -11.60
N GLU C 571 21.73 6.83 -11.64
CA GLU C 571 23.15 6.54 -11.64
C GLU C 571 23.56 5.89 -10.34
N LEU C 572 23.08 6.41 -9.20
CA LEU C 572 23.41 5.82 -7.89
C LEU C 572 22.83 4.40 -7.78
N LEU C 573 21.56 4.17 -8.24
CA LEU C 573 20.97 2.86 -8.20
C LEU C 573 21.80 1.88 -8.99
N VAL C 574 22.28 2.26 -10.20
CA VAL C 574 23.16 1.41 -11.00
C VAL C 574 24.44 1.06 -10.23
N ARG C 575 25.15 2.08 -9.72
CA ARG C 575 26.36 1.79 -8.97
C ARG C 575 26.09 0.93 -7.74
N TRP C 576 24.90 1.06 -7.12
CA TRP C 576 24.57 0.23 -5.99
C TRP C 576 24.31 -1.23 -6.40
N TYR C 577 23.66 -1.47 -7.53
CA TYR C 577 23.50 -2.85 -8.01
C TYR C 577 24.89 -3.49 -8.29
N GLN C 578 25.83 -2.72 -8.80
CA GLN C 578 27.15 -3.22 -9.12
C GLN C 578 27.90 -3.58 -7.88
N MET C 579 27.83 -2.73 -6.86
CA MET C 579 28.46 -2.97 -5.54
C MET C 579 27.79 -4.20 -4.88
N GLY C 580 26.47 -4.21 -4.82
CA GLY C 580 25.70 -5.26 -4.21
C GLY C 580 25.91 -6.60 -4.88
N ALA C 581 26.10 -6.59 -6.21
CA ALA C 581 26.37 -7.80 -7.00
C ALA C 581 27.65 -8.51 -6.58
N TYR C 582 28.58 -7.79 -5.95
CA TYR C 582 29.84 -8.34 -5.47
C TYR C 582 29.93 -8.37 -3.93
N GLN C 583 28.77 -8.29 -3.23
CA GLN C 583 28.70 -8.41 -1.78
C GLN C 583 27.87 -9.64 -1.41
N PRO C 584 28.16 -10.28 -0.27
CA PRO C 584 27.54 -11.59 0.02
C PRO C 584 26.01 -11.67 0.05
N PHE C 585 25.33 -10.74 0.76
CA PHE C 585 23.86 -10.71 0.80
C PHE C 585 23.40 -9.59 -0.13
N PHE C 586 22.67 -9.95 -1.19
CA PHE C 586 22.34 -9.05 -2.27
C PHE C 586 20.87 -8.82 -2.39
N ARG C 587 20.40 -7.78 -1.67
CA ARG C 587 19.01 -7.41 -1.67
C ARG C 587 18.77 -5.93 -1.95
N ALA C 588 17.77 -5.64 -2.81
CA ALA C 588 17.28 -4.29 -3.00
C ALA C 588 16.09 -4.15 -2.04
N HIS C 589 16.06 -3.07 -1.31
CA HIS C 589 14.97 -2.81 -0.38
C HIS C 589 14.76 -1.28 -0.33
N ALA C 590 13.58 -0.85 0.09
CA ALA C 590 13.20 0.57 0.09
C ALA C 590 12.10 0.86 1.09
N HIS C 591 12.13 2.08 1.62
CA HIS C 591 11.16 2.56 2.62
C HIS C 591 9.77 2.78 2.01
N LEU C 592 8.74 2.71 2.85
CA LEU C 592 7.31 2.90 2.52
C LEU C 592 7.01 4.09 1.62
N ASP C 593 7.70 5.23 1.87
CA ASP C 593 7.42 6.52 1.18
C ASP C 593 8.22 6.72 -0.12
N THR C 594 9.07 5.76 -0.50
CA THR C 594 9.91 5.91 -1.66
C THR C 594 9.12 5.58 -2.92
N GLY C 595 9.59 6.11 -4.03
CA GLY C 595 9.04 5.72 -5.32
C GLY C 595 9.45 4.30 -5.62
N ARG C 596 8.65 3.62 -6.43
CA ARG C 596 8.96 2.26 -6.85
C ARG C 596 10.26 2.21 -7.64
N ARG C 597 11.14 1.22 -7.38
CA ARG C 597 12.41 1.16 -8.10
C ARG C 597 12.88 -0.28 -8.41
N GLU C 598 11.93 -1.05 -8.92
CA GLU C 598 12.22 -2.35 -9.53
C GLU C 598 13.09 -1.92 -10.75
N PRO C 599 14.11 -2.70 -11.11
CA PRO C 599 15.13 -2.21 -12.05
C PRO C 599 14.72 -2.00 -13.51
N TRP C 600 13.57 -2.52 -13.94
CA TRP C 600 13.05 -2.23 -15.27
C TRP C 600 12.28 -0.91 -15.35
N LEU C 601 12.14 -0.17 -14.28
CA LEU C 601 11.39 1.09 -14.32
C LEU C 601 12.28 2.25 -14.75
N LEU C 602 13.59 2.00 -14.88
CA LEU C 602 14.57 3.02 -15.28
C LEU C 602 14.66 3.04 -16.81
N ALA C 603 15.40 4.02 -17.34
CA ALA C 603 15.65 4.15 -18.78
C ALA C 603 16.63 3.07 -19.19
N SER C 604 16.52 2.62 -20.47
CA SER C 604 17.30 1.51 -21.04
C SER C 604 18.82 1.46 -20.62
N GLN C 605 19.54 2.54 -20.72
CA GLN C 605 20.96 2.62 -20.36
C GLN C 605 21.24 2.17 -18.93
N TYR C 606 20.32 2.48 -18.02
CA TYR C 606 20.45 2.13 -16.61
C TYR C 606 20.02 0.66 -16.42
N GLN C 607 18.89 0.20 -17.08
CA GLN C 607 18.43 -1.18 -17.06
C GLN C 607 19.52 -2.13 -17.51
N ASP C 608 20.21 -1.75 -18.60
CA ASP C 608 21.23 -2.58 -19.20
C ASP C 608 22.43 -2.77 -18.28
N ALA C 609 22.84 -1.70 -17.59
CA ALA C 609 23.97 -1.79 -16.66
C ALA C 609 23.58 -2.68 -15.47
N ILE C 610 22.29 -2.58 -15.01
CA ILE C 610 21.80 -3.39 -13.90
C ILE C 610 21.74 -4.85 -14.32
N ARG C 611 21.17 -5.12 -15.50
CA ARG C 611 21.09 -6.52 -15.99
C ARG C 611 22.52 -7.13 -16.06
N ASP C 612 23.50 -6.37 -16.55
CA ASP C 612 24.88 -6.81 -16.65
CA ASP C 612 24.88 -6.80 -16.66
C ASP C 612 25.39 -7.22 -15.27
N ALA C 613 25.14 -6.40 -14.26
CA ALA C 613 25.58 -6.69 -12.89
C ALA C 613 24.92 -8.00 -12.36
N LEU C 614 23.62 -8.16 -12.62
CA LEU C 614 22.88 -9.35 -12.23
C LEU C 614 23.41 -10.60 -12.91
N PHE C 615 23.67 -10.50 -14.19
CA PHE C 615 24.27 -11.60 -14.95
C PHE C 615 25.67 -11.95 -14.40
N GLN C 616 26.52 -10.95 -14.03
CA GLN C 616 27.83 -11.25 -13.44
C GLN C 616 27.69 -12.05 -12.17
N ARG C 617 26.77 -11.62 -11.28
CA ARG C 617 26.51 -12.30 -10.02
C ARG C 617 26.02 -13.74 -10.25
N TYR C 618 25.00 -13.93 -11.10
CA TYR C 618 24.46 -15.25 -11.34
C TYR C 618 25.53 -16.18 -11.94
N SER C 619 26.34 -15.68 -12.86
CA SER C 619 27.40 -16.51 -13.44
C SER C 619 28.45 -16.90 -12.43
N LEU C 620 28.70 -16.04 -11.43
CA LEU C 620 29.66 -16.36 -10.37
C LEU C 620 29.09 -17.22 -9.24
N LEU C 621 27.83 -17.67 -9.29
CA LEU C 621 27.27 -18.45 -8.18
C LEU C 621 28.09 -19.65 -7.78
N PRO C 622 28.66 -20.47 -8.72
CA PRO C 622 29.51 -21.58 -8.29
C PRO C 622 30.71 -21.11 -7.44
N PHE C 623 31.27 -19.94 -7.74
CA PHE C 623 32.41 -19.35 -7.00
C PHE C 623 31.96 -18.90 -5.63
N TRP C 624 30.84 -18.17 -5.56
CA TRP C 624 30.27 -17.72 -4.28
C TRP C 624 29.96 -18.90 -3.37
N TYR C 625 29.38 -19.96 -3.94
CA TYR C 625 28.98 -21.16 -3.21
C TYR C 625 30.20 -21.85 -2.62
N THR C 626 31.26 -21.92 -3.40
CA THR C 626 32.51 -22.52 -2.96
C THR C 626 33.13 -21.70 -1.82
N LEU C 627 33.14 -20.35 -1.92
CA LEU C 627 33.69 -19.48 -0.86
C LEU C 627 32.90 -19.66 0.43
N PHE C 628 31.56 -19.81 0.31
CA PHE C 628 30.73 -20.04 1.47
C PHE C 628 30.98 -21.40 2.07
N TYR C 629 31.21 -22.42 1.24
CA TYR C 629 31.58 -23.74 1.75
C TYR C 629 32.92 -23.63 2.54
N GLN C 630 33.90 -22.90 2.01
CA GLN C 630 35.16 -22.69 2.71
C GLN C 630 34.96 -21.91 4.01
N ALA C 631 33.98 -20.99 4.06
CA ALA C 631 33.66 -20.27 5.29
C ALA C 631 33.03 -21.20 6.30
N HIS C 632 32.13 -22.07 5.83
CA HIS C 632 31.44 -23.05 6.65
C HIS C 632 32.41 -24.08 7.23
N LYS C 633 33.37 -24.55 6.44
CA LYS C 633 34.30 -25.57 6.90
C LYS C 633 35.47 -25.04 7.70
N GLU C 634 36.03 -23.88 7.32
CA GLU C 634 37.24 -23.31 7.92
C GLU C 634 37.05 -22.09 8.77
N GLY C 635 35.94 -21.36 8.61
CA GLY C 635 35.70 -20.11 9.33
C GLY C 635 36.44 -18.92 8.72
N PHE C 636 36.83 -19.01 7.45
CA PHE C 636 37.49 -17.94 6.71
C PHE C 636 36.44 -17.05 6.07
N PRO C 637 36.71 -15.73 6.07
CA PRO C 637 35.73 -14.78 5.51
C PRO C 637 35.58 -14.85 4.01
N VAL C 638 34.36 -14.62 3.52
CA VAL C 638 34.08 -14.65 2.08
C VAL C 638 34.63 -13.35 1.45
N MET C 639 34.16 -12.21 1.95
CA MET C 639 34.58 -10.87 1.55
C MET C 639 35.75 -10.49 2.47
N ARG C 640 36.88 -10.08 1.93
CA ARG C 640 38.10 -9.85 2.69
C ARG C 640 38.78 -8.54 2.45
N PRO C 641 39.32 -7.89 3.50
CA PRO C 641 40.17 -6.74 3.26
C PRO C 641 41.46 -7.17 2.53
N LEU C 642 42.06 -6.28 1.76
CA LEU C 642 43.30 -6.63 1.04
C LEU C 642 44.43 -7.06 2.00
N TRP C 643 44.51 -6.47 3.22
CA TRP C 643 45.57 -6.82 4.18
C TRP C 643 45.51 -8.29 4.62
N VAL C 644 44.32 -8.94 4.55
CA VAL C 644 44.22 -10.36 4.84
C VAL C 644 45.04 -11.19 3.83
N GLN C 645 45.03 -10.81 2.55
CA GLN C 645 45.78 -11.51 1.51
C GLN C 645 47.20 -10.99 1.38
N TYR C 646 47.44 -9.72 1.78
CA TYR C 646 48.76 -9.06 1.69
C TYR C 646 49.14 -8.52 3.07
N PRO C 647 49.40 -9.42 4.03
CA PRO C 647 49.68 -8.97 5.40
C PRO C 647 50.93 -8.14 5.61
N GLU C 648 51.92 -8.24 4.69
CA GLU C 648 53.14 -7.46 4.82
C GLU C 648 53.09 -6.17 4.03
N ASP C 649 52.00 -5.92 3.30
CA ASP C 649 51.89 -4.70 2.53
C ASP C 649 51.17 -3.66 3.40
N MET C 650 51.97 -2.79 4.04
CA MET C 650 51.45 -1.77 4.94
C MET C 650 50.54 -0.74 4.24
N SER C 651 50.66 -0.59 2.91
CA SER C 651 49.76 0.31 2.19
C SER C 651 48.30 -0.23 2.10
N THR C 652 48.08 -1.53 2.41
CA THR C 652 46.73 -2.12 2.36
C THR C 652 45.96 -2.06 3.68
N PHE C 653 46.63 -1.70 4.78
CA PHE C 653 46.07 -1.86 6.10
C PHE C 653 44.80 -1.06 6.38
N SER C 654 44.56 0.05 5.70
CA SER C 654 43.35 0.85 5.92
C SER C 654 42.41 0.93 4.68
N ILE C 655 42.71 0.16 3.61
CA ILE C 655 41.91 0.23 2.38
C ILE C 655 40.52 -0.25 2.62
N GLU C 656 39.53 0.54 2.22
CA GLU C 656 38.10 0.19 2.36
C GLU C 656 37.24 0.64 1.19
N ASP C 657 37.86 0.94 0.03
CA ASP C 657 37.15 1.27 -1.21
C ASP C 657 37.38 0.14 -2.21
N GLN C 658 37.99 -0.97 -1.75
CA GLN C 658 38.35 -2.15 -2.50
C GLN C 658 38.29 -3.36 -1.57
N PHE C 659 38.06 -4.54 -2.13
CA PHE C 659 38.05 -5.76 -1.33
C PHE C 659 38.32 -6.94 -2.21
N MET C 660 38.56 -8.08 -1.58
CA MET C 660 38.72 -9.32 -2.31
C MET C 660 37.62 -10.30 -1.95
N LEU C 661 37.31 -11.17 -2.88
CA LEU C 661 36.41 -12.30 -2.70
C LEU C 661 37.33 -13.51 -2.74
N GLY C 662 37.52 -14.15 -1.61
CA GLY C 662 38.48 -15.23 -1.48
C GLY C 662 39.87 -14.72 -1.77
N ASP C 663 40.68 -15.55 -2.45
CA ASP C 663 42.01 -15.17 -2.89
C ASP C 663 42.02 -14.84 -4.40
N ALA C 664 40.88 -14.92 -5.10
CA ALA C 664 40.84 -14.88 -6.55
C ALA C 664 40.36 -13.58 -7.21
N LEU C 665 39.39 -12.86 -6.64
CA LEU C 665 38.88 -11.65 -7.30
C LEU C 665 39.08 -10.42 -6.45
N LEU C 666 39.54 -9.31 -7.07
CA LEU C 666 39.74 -8.02 -6.41
C LEU C 666 38.71 -7.10 -7.07
N ILE C 667 37.82 -6.48 -6.26
CA ILE C 667 36.72 -5.64 -6.73
C ILE C 667 36.95 -4.23 -6.25
N HIS C 668 36.81 -3.20 -7.13
CA HIS C 668 36.88 -1.77 -6.78
C HIS C 668 35.65 -1.15 -7.43
N PRO C 669 34.46 -1.29 -6.82
CA PRO C 669 33.25 -0.69 -7.42
C PRO C 669 33.32 0.85 -7.53
N VAL C 670 32.66 1.39 -8.54
CA VAL C 670 32.63 2.83 -8.71
C VAL C 670 31.68 3.36 -7.66
N SER C 671 32.09 4.37 -6.88
CA SER C 671 31.22 4.88 -5.84
C SER C 671 31.16 6.40 -5.76
N ASP C 672 31.26 7.08 -6.91
CA ASP C 672 31.16 8.55 -6.99
C ASP C 672 30.38 8.90 -8.24
N ALA C 673 29.46 9.87 -8.12
CA ALA C 673 28.65 10.33 -9.25
C ALA C 673 29.59 10.97 -10.29
N GLY C 674 29.34 10.71 -11.56
CA GLY C 674 30.12 11.25 -12.67
C GLY C 674 31.57 10.84 -12.76
N ALA C 675 31.95 9.70 -12.15
CA ALA C 675 33.33 9.24 -12.09
C ALA C 675 33.78 8.81 -13.48
N HIS C 676 34.94 9.30 -13.91
CA HIS C 676 35.53 8.95 -15.20
C HIS C 676 36.52 7.83 -15.04
N GLY C 677 37.05 7.67 -13.84
CA GLY C 677 37.93 6.56 -13.54
C GLY C 677 38.09 6.25 -12.07
N VAL C 678 38.78 5.14 -11.79
CA VAL C 678 39.03 4.75 -10.42
C VAL C 678 40.52 4.43 -10.26
N GLN C 679 41.06 4.70 -9.09
CA GLN C 679 42.44 4.34 -8.74
C GLN C 679 42.35 2.95 -8.08
N VAL C 680 42.82 1.91 -8.78
CA VAL C 680 42.78 0.53 -8.29
C VAL C 680 44.15 0.10 -7.80
N TYR C 681 44.29 -0.24 -6.52
CA TYR C 681 45.57 -0.73 -6.02
C TYR C 681 45.61 -2.24 -6.22
N LEU C 682 46.57 -2.71 -7.02
CA LEU C 682 46.76 -4.12 -7.33
C LEU C 682 48.05 -4.52 -6.58
N PRO C 683 47.89 -5.24 -5.47
CA PRO C 683 49.07 -5.57 -4.65
C PRO C 683 49.81 -6.81 -5.13
N GLY C 684 50.95 -7.05 -4.49
CA GLY C 684 51.70 -8.28 -4.69
C GLY C 684 52.97 -8.16 -5.49
N GLN C 685 54.12 -8.41 -4.84
CA GLN C 685 55.41 -8.47 -5.51
C GLN C 685 55.37 -9.72 -6.40
N GLU C 686 55.71 -9.59 -7.69
CA GLU C 686 55.69 -10.75 -8.63
C GLU C 686 54.29 -11.41 -8.82
N GLU C 687 53.20 -10.67 -8.53
CA GLU C 687 51.81 -11.12 -8.71
C GLU C 687 51.32 -10.49 -10.01
N VAL C 688 50.39 -11.13 -10.70
CA VAL C 688 49.78 -10.55 -11.88
C VAL C 688 48.28 -10.56 -11.67
N TRP C 689 47.61 -9.61 -12.28
CA TRP C 689 46.16 -9.43 -12.18
C TRP C 689 45.57 -9.29 -13.55
N TYR C 690 44.44 -9.93 -13.81
CA TYR C 690 43.78 -9.83 -15.12
C TYR C 690 42.48 -9.05 -15.03
N ASP C 691 42.30 -8.01 -15.83
CA ASP C 691 41.05 -7.27 -15.91
C ASP C 691 40.07 -8.29 -16.52
N ILE C 692 39.02 -8.68 -15.78
CA ILE C 692 38.15 -9.78 -16.24
C ILE C 692 37.33 -9.47 -17.48
N GLN C 693 37.23 -8.21 -17.85
CA GLN C 693 36.48 -7.81 -19.05
C GLN C 693 37.34 -7.75 -20.27
N SER C 694 38.51 -7.11 -20.15
CA SER C 694 39.43 -6.91 -21.26
C SER C 694 40.49 -7.97 -21.37
N TYR C 695 40.74 -8.71 -20.32
CA TYR C 695 41.78 -9.73 -20.22
C TYR C 695 43.19 -9.10 -20.17
N GLN C 696 43.31 -7.77 -20.00
CA GLN C 696 44.62 -7.12 -19.90
C GLN C 696 45.28 -7.54 -18.58
N LYS C 697 46.54 -7.89 -18.66
CA LYS C 697 47.33 -8.32 -17.53
C LYS C 697 48.07 -7.14 -16.97
N HIS C 698 48.07 -7.01 -15.63
CA HIS C 698 48.72 -5.96 -14.88
C HIS C 698 49.61 -6.56 -13.79
N HIS C 699 50.83 -6.09 -13.67
CA HIS C 699 51.76 -6.56 -12.67
C HIS C 699 51.64 -5.76 -11.38
N GLY C 700 51.63 -6.44 -10.26
CA GLY C 700 51.64 -5.79 -8.96
C GLY C 700 53.07 -5.51 -8.50
N PRO C 701 53.27 -4.69 -7.49
CA PRO C 701 52.29 -3.81 -6.85
C PRO C 701 52.21 -2.52 -7.65
N GLN C 702 51.00 -2.03 -7.88
CA GLN C 702 50.82 -0.75 -8.56
C GLN C 702 49.46 -0.18 -8.26
N THR C 703 49.28 1.14 -8.51
CA THR C 703 48.00 1.82 -8.48
C THR C 703 47.68 2.09 -9.93
N LEU C 704 46.63 1.47 -10.44
CA LEU C 704 46.20 1.60 -11.82
C LEU C 704 45.05 2.59 -11.95
N TYR C 705 45.16 3.60 -12.84
CA TYR C 705 44.02 4.49 -13.04
C TYR C 705 43.21 3.88 -14.17
N LEU C 706 42.08 3.27 -13.82
CA LEU C 706 41.25 2.56 -14.76
C LEU C 706 40.11 3.46 -15.24
N PRO C 707 39.95 3.66 -16.54
CA PRO C 707 38.76 4.41 -17.01
C PRO C 707 37.47 3.60 -16.84
N VAL C 708 36.36 4.28 -16.53
CA VAL C 708 35.08 3.60 -16.35
C VAL C 708 33.95 4.35 -17.03
N THR C 709 32.89 3.59 -17.38
CA THR C 709 31.61 4.04 -17.89
C THR C 709 30.51 3.56 -16.91
N LEU C 710 29.24 3.83 -17.23
CA LEU C 710 28.10 3.45 -16.40
C LEU C 710 28.01 1.92 -16.16
N SER C 711 28.37 1.11 -17.16
CA SER C 711 28.30 -0.36 -17.08
C SER C 711 29.58 -1.00 -16.51
N SER C 712 30.61 -0.22 -16.19
CA SER C 712 31.85 -0.77 -15.62
C SER C 712 31.72 -1.23 -14.15
N ILE C 713 32.27 -2.43 -13.86
CA ILE C 713 32.43 -2.96 -12.51
C ILE C 713 33.91 -3.37 -12.45
N PRO C 714 34.81 -2.53 -11.93
CA PRO C 714 36.26 -2.89 -11.92
C PRO C 714 36.54 -4.15 -11.12
N VAL C 715 36.81 -5.25 -11.81
CA VAL C 715 37.06 -6.57 -11.19
C VAL C 715 38.29 -7.16 -11.85
N PHE C 716 39.19 -7.71 -11.05
CA PHE C 716 40.43 -8.31 -11.50
C PHE C 716 40.59 -9.69 -10.93
N GLN C 717 41.04 -10.66 -11.75
CA GLN C 717 41.30 -12.02 -11.27
C GLN C 717 42.78 -12.17 -10.99
N ARG C 718 43.14 -12.74 -9.85
CA ARG C 718 44.55 -12.90 -9.47
C ARG C 718 45.17 -14.05 -10.26
N GLY C 719 46.39 -13.85 -10.76
CA GLY C 719 47.13 -14.92 -11.39
C GLY C 719 47.36 -16.02 -10.38
N GLY C 720 47.26 -17.27 -10.82
CA GLY C 720 47.40 -18.42 -9.93
C GLY C 720 46.09 -18.98 -9.44
N THR C 721 44.94 -18.49 -9.99
CA THR C 721 43.61 -18.93 -9.53
C THR C 721 42.75 -19.44 -10.66
N ILE C 722 41.75 -20.24 -10.30
CA ILE C 722 40.79 -20.83 -11.24
C ILE C 722 39.41 -20.56 -10.67
N VAL C 723 38.62 -19.79 -11.40
CA VAL C 723 37.28 -19.37 -10.97
C VAL C 723 36.22 -20.12 -11.79
N PRO C 724 35.27 -20.81 -11.14
CA PRO C 724 34.22 -21.52 -11.90
C PRO C 724 32.98 -20.63 -12.12
N ARG C 725 32.35 -20.72 -13.30
CA ARG C 725 31.19 -19.92 -13.59
C ARG C 725 30.14 -20.73 -14.30
N TRP C 726 28.87 -20.32 -14.18
CA TRP C 726 27.75 -20.86 -14.97
C TRP C 726 27.50 -19.75 -15.99
N MET C 727 27.90 -19.93 -17.24
CA MET C 727 27.77 -18.87 -18.23
C MET C 727 26.36 -18.76 -18.80
N ARG C 728 25.53 -19.80 -18.59
CA ARG C 728 24.15 -19.79 -19.08
C ARG C 728 23.27 -19.21 -18.01
N VAL C 729 23.10 -17.89 -18.02
CA VAL C 729 22.31 -17.16 -17.02
C VAL C 729 20.84 -17.39 -17.30
N ARG C 730 20.15 -17.90 -16.31
CA ARG C 730 18.71 -18.16 -16.41
C ARG C 730 17.99 -17.32 -15.37
N ARG C 731 16.65 -17.52 -15.22
CA ARG C 731 15.84 -16.60 -14.39
C ARG C 731 16.03 -16.69 -12.92
N SER C 732 16.56 -17.77 -12.44
CA SER C 732 16.81 -17.99 -11.01
C SER C 732 17.86 -19.07 -10.86
N SER C 733 18.44 -19.18 -9.69
CA SER C 733 19.50 -20.14 -9.45
C SER C 733 19.00 -21.59 -9.56
N ASP C 734 17.77 -21.88 -9.15
CA ASP C 734 17.26 -23.27 -9.29
C ASP C 734 17.34 -23.69 -10.73
N CYS C 735 17.03 -22.78 -11.66
CA CYS C 735 17.05 -23.08 -13.10
C CYS C 735 18.44 -23.47 -13.59
N MET C 736 19.50 -22.91 -12.95
CA MET C 736 20.89 -23.09 -13.31
C MET C 736 21.67 -24.17 -12.59
N LYS C 737 21.15 -24.69 -11.51
CA LYS C 737 21.93 -25.52 -10.60
C LYS C 737 22.44 -26.85 -11.17
N ASP C 738 21.90 -27.33 -12.31
CA ASP C 738 22.38 -28.56 -12.96
C ASP C 738 23.15 -28.29 -14.24
N ASP C 739 23.47 -27.02 -14.54
CA ASP C 739 24.12 -26.60 -15.77
C ASP C 739 25.61 -26.78 -15.79
N PRO C 740 26.18 -26.76 -17.03
CA PRO C 740 27.63 -26.90 -17.17
C PRO C 740 28.44 -25.71 -16.75
N ILE C 741 29.68 -26.01 -16.32
CA ILE C 741 30.61 -25.03 -15.77
C ILE C 741 31.65 -24.62 -16.79
N THR C 742 32.05 -23.32 -16.75
CA THR C 742 33.15 -22.76 -17.49
C THR C 742 34.23 -22.45 -16.45
N LEU C 743 35.44 -22.94 -16.64
CA LEU C 743 36.55 -22.64 -15.74
C LEU C 743 37.39 -21.50 -16.31
N PHE C 744 37.63 -20.45 -15.51
CA PHE C 744 38.44 -19.30 -15.89
C PHE C 744 39.80 -19.47 -15.20
N VAL C 745 40.82 -19.82 -15.96
CA VAL C 745 42.15 -20.08 -15.44
C VAL C 745 43.01 -18.85 -15.66
N ALA C 746 43.44 -18.20 -14.58
CA ALA C 746 44.32 -17.05 -14.67
C ALA C 746 45.72 -17.52 -14.32
N LEU C 747 46.61 -17.57 -15.31
CA LEU C 747 47.97 -18.08 -15.06
C LEU C 747 48.87 -17.13 -14.29
N SER C 748 49.61 -17.68 -13.32
CA SER C 748 50.62 -16.94 -12.58
C SER C 748 51.81 -16.74 -13.51
N PRO C 749 52.81 -15.91 -13.11
CA PRO C 749 54.00 -15.76 -13.96
C PRO C 749 54.78 -17.07 -14.19
N GLN C 750 54.60 -18.05 -13.29
CA GLN C 750 55.22 -19.37 -13.38
C GLN C 750 54.37 -20.35 -14.23
N GLY C 751 53.26 -19.89 -14.81
CA GLY C 751 52.39 -20.74 -15.62
C GLY C 751 51.59 -21.74 -14.81
N THR C 752 51.15 -21.34 -13.61
CA THR C 752 50.39 -22.20 -12.71
C THR C 752 49.11 -21.54 -12.24
N ALA C 753 48.18 -22.38 -11.77
CA ALA C 753 46.91 -21.91 -11.19
C ALA C 753 46.20 -23.01 -10.45
N GLN C 754 45.40 -22.65 -9.46
CA GLN C 754 44.58 -23.62 -8.74
C GLN C 754 43.30 -23.00 -8.23
N GLY C 755 42.32 -23.84 -8.03
CA GLY C 755 41.05 -23.42 -7.49
C GLY C 755 40.16 -24.59 -7.16
N GLU C 756 39.18 -24.36 -6.30
CA GLU C 756 38.26 -25.42 -5.89
C GLU C 756 36.86 -25.14 -6.37
N LEU C 757 36.03 -26.15 -6.32
CA LEU C 757 34.61 -26.06 -6.65
C LEU C 757 33.82 -27.02 -5.76
N PHE C 758 32.86 -26.47 -5.00
CA PHE C 758 31.94 -27.22 -4.16
C PHE C 758 30.59 -27.30 -4.88
N LEU C 759 29.98 -28.49 -4.90
CA LEU C 759 28.65 -28.72 -5.48
C LEU C 759 27.87 -29.66 -4.59
N ASP C 760 26.57 -29.45 -4.50
CA ASP C 760 25.67 -30.34 -3.77
C ASP C 760 24.29 -30.15 -4.36
N ASP C 761 23.23 -30.58 -3.71
CA ASP C 761 21.87 -30.40 -4.26
C ASP C 761 21.34 -28.94 -4.20
N GLY C 762 22.08 -28.04 -3.53
CA GLY C 762 21.73 -26.63 -3.44
C GLY C 762 20.90 -26.23 -2.24
N HIS C 763 20.34 -27.19 -1.45
CA HIS C 763 19.42 -26.77 -0.40
C HIS C 763 19.25 -27.67 0.84
N THR C 764 19.83 -28.90 0.89
CA THR C 764 19.61 -29.76 2.06
C THR C 764 20.87 -29.92 2.89
N PHE C 765 20.75 -30.62 4.01
CA PHE C 765 21.89 -31.01 4.82
C PHE C 765 22.49 -32.33 4.34
N ASN C 766 22.08 -32.85 3.16
CA ASN C 766 22.61 -34.13 2.64
C ASN C 766 24.13 -34.13 2.48
N TYR C 767 24.76 -32.98 2.19
CA TYR C 767 26.23 -32.89 2.12
C TYR C 767 26.88 -33.34 3.46
N GLN C 768 26.22 -33.12 4.60
CA GLN C 768 26.79 -33.52 5.88
C GLN C 768 26.22 -34.85 6.42
N THR C 769 24.92 -35.10 6.24
CA THR C 769 24.34 -36.35 6.75
C THR C 769 24.62 -37.55 5.86
N ARG C 770 24.77 -37.34 4.54
CA ARG C 770 24.98 -38.41 3.58
C ARG C 770 26.24 -38.25 2.77
N HIS C 771 27.07 -37.21 3.04
CA HIS C 771 28.28 -36.91 2.27
C HIS C 771 27.96 -36.84 0.75
N GLU C 772 26.78 -36.27 0.43
CA GLU C 772 26.33 -36.09 -0.93
C GLU C 772 26.71 -34.68 -1.38
N PHE C 773 27.94 -34.57 -1.90
CA PHE C 773 28.51 -33.35 -2.44
C PHE C 773 29.75 -33.71 -3.25
N LEU C 774 30.31 -32.72 -3.94
CA LEU C 774 31.59 -32.81 -4.64
C LEU C 774 32.43 -31.67 -4.20
N LEU C 775 33.70 -31.90 -3.95
CA LEU C 775 34.68 -30.85 -3.73
C LEU C 775 35.83 -31.17 -4.68
N ARG C 776 35.87 -30.47 -5.85
CA ARG C 776 36.90 -30.65 -6.85
C ARG C 776 38.03 -29.66 -6.65
N ARG C 777 39.25 -30.08 -6.99
CA ARG C 777 40.45 -29.22 -7.07
C ARG C 777 40.87 -29.18 -8.52
N PHE C 778 40.98 -27.98 -9.10
CA PHE C 778 41.45 -27.78 -10.46
C PHE C 778 42.86 -27.23 -10.31
N SER C 779 43.82 -27.81 -11.02
CA SER C 779 45.19 -27.35 -10.90
C SER C 779 45.84 -27.30 -12.25
N PHE C 780 46.56 -26.23 -12.54
CA PHE C 780 47.24 -26.02 -13.81
C PHE C 780 48.71 -25.87 -13.50
N SER C 781 49.54 -26.61 -14.19
CA SER C 781 50.99 -26.51 -14.05
C SER C 781 51.60 -27.18 -15.25
N GLY C 782 52.69 -26.65 -15.77
CA GLY C 782 53.37 -27.29 -16.89
C GLY C 782 52.51 -27.75 -18.05
N SER C 783 51.74 -26.81 -18.59
CA SER C 783 50.89 -27.00 -19.76
C SER C 783 49.78 -28.08 -19.62
N THR C 784 49.44 -28.45 -18.37
CA THR C 784 48.39 -29.43 -18.06
C THR C 784 47.43 -28.89 -17.02
N LEU C 785 46.13 -29.02 -17.29
CA LEU C 785 45.06 -28.68 -16.37
C LEU C 785 44.51 -30.02 -15.86
N VAL C 786 44.43 -30.19 -14.54
CA VAL C 786 43.97 -31.43 -13.92
C VAL C 786 42.81 -31.18 -12.97
N SER C 787 41.75 -31.99 -13.09
CA SER C 787 40.67 -32.06 -12.10
C SER C 787 40.97 -33.29 -11.19
N SER C 788 41.07 -33.06 -9.88
CA SER C 788 41.30 -34.09 -8.85
C SER C 788 40.26 -33.92 -7.69
N SER C 789 40.28 -34.84 -6.69
CA SER C 789 39.33 -34.74 -5.56
C SER C 789 39.95 -33.97 -4.43
N ALA C 790 39.24 -32.98 -3.94
CA ALA C 790 39.75 -32.26 -2.80
C ALA C 790 39.16 -32.86 -1.51
N ASP C 791 38.17 -33.74 -1.62
CA ASP C 791 37.59 -34.45 -0.50
C ASP C 791 36.95 -35.74 -1.00
N PRO C 792 37.68 -36.87 -0.92
CA PRO C 792 37.13 -38.13 -1.45
C PRO C 792 35.87 -38.70 -0.77
N LYS C 793 35.47 -38.17 0.39
CA LYS C 793 34.26 -38.61 1.07
C LYS C 793 33.02 -38.17 0.33
N GLY C 794 33.11 -37.09 -0.42
CA GLY C 794 31.99 -36.53 -1.13
C GLY C 794 31.74 -37.14 -2.48
N HIS C 795 30.54 -37.69 -2.68
CA HIS C 795 30.08 -38.25 -3.96
C HIS C 795 28.72 -37.64 -4.27
N LEU C 796 28.43 -37.38 -5.54
CA LEU C 796 27.17 -36.75 -5.94
C LEU C 796 26.72 -37.15 -7.30
N GLU C 797 25.40 -37.50 -7.46
CA GLU C 797 24.81 -37.83 -8.76
CA GLU C 797 24.86 -37.82 -8.76
C GLU C 797 24.49 -36.49 -9.35
N THR C 798 25.13 -36.12 -10.47
CA THR C 798 24.89 -34.83 -11.07
C THR C 798 25.13 -34.85 -12.55
N PRO C 799 24.32 -34.11 -13.32
CA PRO C 799 24.57 -34.00 -14.76
C PRO C 799 25.56 -32.88 -15.12
N ILE C 800 26.07 -32.15 -14.12
CA ILE C 800 26.97 -31.04 -14.38
C ILE C 800 28.22 -31.54 -15.08
N TRP C 801 28.60 -30.83 -16.14
CA TRP C 801 29.80 -31.13 -16.95
C TRP C 801 30.60 -29.86 -17.21
N ILE C 802 31.84 -30.00 -17.72
CA ILE C 802 32.73 -28.85 -18.07
C ILE C 802 32.50 -28.52 -19.52
N GLU C 803 31.87 -27.35 -19.81
CA GLU C 803 31.61 -27.00 -21.21
C GLU C 803 32.69 -26.18 -21.83
N ARG C 804 33.55 -25.56 -21.02
CA ARG C 804 34.52 -24.64 -21.57
C ARG C 804 35.61 -24.33 -20.57
N VAL C 805 36.82 -24.04 -21.07
CA VAL C 805 37.93 -23.59 -20.25
C VAL C 805 38.47 -22.32 -20.92
N VAL C 806 38.61 -21.22 -20.15
CA VAL C 806 39.13 -19.97 -20.64
C VAL C 806 40.45 -19.77 -19.90
N ILE C 807 41.58 -19.76 -20.62
CA ILE C 807 42.89 -19.59 -19.98
C ILE C 807 43.45 -18.23 -20.36
N MET C 808 43.72 -17.39 -19.37
CA MET C 808 44.31 -16.06 -19.53
C MET C 808 45.80 -16.16 -19.27
N GLY C 809 46.59 -15.57 -20.17
CA GLY C 809 48.04 -15.56 -20.11
C GLY C 809 48.68 -16.75 -20.80
N ALA C 810 47.95 -17.39 -21.74
CA ALA C 810 48.42 -18.57 -22.44
C ALA C 810 48.78 -18.25 -23.88
N GLY C 811 49.72 -19.04 -24.37
CA GLY C 811 50.13 -18.97 -25.76
C GLY C 811 49.19 -19.81 -26.59
N LYS C 812 49.50 -19.93 -27.88
CA LYS C 812 48.71 -20.76 -28.77
C LYS C 812 49.35 -22.15 -28.83
N PRO C 813 48.66 -23.22 -28.40
CA PRO C 813 49.24 -24.54 -28.51
C PRO C 813 49.02 -25.05 -29.94
N ALA C 814 49.64 -26.19 -30.27
CA ALA C 814 49.46 -26.90 -31.54
C ALA C 814 48.31 -27.91 -31.39
N ALA C 815 48.15 -28.49 -30.19
CA ALA C 815 47.09 -29.48 -29.96
C ALA C 815 46.66 -29.47 -28.52
N VAL C 816 45.41 -29.92 -28.28
CA VAL C 816 44.82 -29.97 -26.93
C VAL C 816 44.26 -31.35 -26.77
N VAL C 817 44.73 -32.10 -25.75
CA VAL C 817 44.25 -33.47 -25.51
C VAL C 817 43.59 -33.60 -24.16
N LEU C 818 42.45 -34.32 -24.11
CA LEU C 818 41.77 -34.63 -22.86
C LEU C 818 41.82 -36.13 -22.59
N GLN C 819 42.21 -36.47 -21.36
CA GLN C 819 42.21 -37.82 -20.87
C GLN C 819 41.34 -37.90 -19.63
N THR C 820 40.48 -38.91 -19.59
CA THR C 820 39.60 -39.20 -18.46
C THR C 820 39.41 -40.72 -18.42
N LYS C 821 39.40 -41.32 -17.21
CA LYS C 821 39.24 -42.77 -17.04
C LYS C 821 37.91 -43.23 -17.64
N GLY C 822 37.98 -44.29 -18.43
CA GLY C 822 36.78 -44.83 -19.08
C GLY C 822 36.59 -44.36 -20.49
N SER C 823 37.44 -43.47 -20.98
CA SER C 823 37.31 -42.93 -22.32
C SER C 823 38.61 -42.98 -23.04
N PRO C 824 38.59 -43.10 -24.37
CA PRO C 824 39.84 -42.98 -25.12
C PRO C 824 40.28 -41.53 -25.07
N GLU C 825 41.54 -41.27 -25.47
CA GLU C 825 42.07 -39.93 -25.54
C GLU C 825 41.27 -39.13 -26.56
N SER C 826 40.95 -37.87 -26.20
CA SER C 826 40.13 -36.97 -27.00
C SER C 826 40.99 -35.79 -27.46
N ARG C 827 40.70 -35.24 -28.64
CA ARG C 827 41.29 -33.99 -29.10
C ARG C 827 40.22 -32.93 -29.06
N LEU C 828 40.53 -31.77 -28.42
CA LEU C 828 39.62 -30.63 -28.32
C LEU C 828 40.00 -29.56 -29.30
N SER C 829 38.99 -28.90 -29.88
CA SER C 829 39.24 -27.77 -30.74
C SER C 829 39.47 -26.55 -29.77
N PHE C 830 40.14 -25.50 -30.24
CA PHE C 830 40.45 -24.37 -29.39
C PHE C 830 40.61 -23.07 -30.20
N GLN C 831 40.40 -21.90 -29.55
CA GLN C 831 40.54 -20.58 -30.18
C GLN C 831 41.53 -19.79 -29.36
N HIS C 832 42.45 -19.03 -30.02
CA HIS C 832 43.43 -18.19 -29.32
C HIS C 832 43.38 -16.80 -29.84
N ASP C 833 43.32 -15.80 -28.92
CA ASP C 833 43.36 -14.40 -29.27
C ASP C 833 44.81 -13.97 -28.96
N PRO C 834 45.63 -13.68 -30.01
CA PRO C 834 47.03 -13.28 -29.75
C PRO C 834 47.21 -11.92 -29.10
N GLU C 835 46.21 -11.03 -29.24
CA GLU C 835 46.22 -9.69 -28.66
C GLU C 835 46.20 -9.76 -27.13
N THR C 836 45.29 -10.59 -26.59
CA THR C 836 45.10 -10.78 -25.14
C THR C 836 45.73 -12.01 -24.54
N SER C 837 46.22 -12.97 -25.35
CA SER C 837 46.77 -14.19 -24.84
C SER C 837 45.68 -14.98 -24.05
N VAL C 838 44.50 -15.08 -24.67
CA VAL C 838 43.38 -15.81 -24.11
C VAL C 838 43.14 -17.03 -25.01
N LEU C 839 43.15 -18.24 -24.38
CA LEU C 839 42.95 -19.52 -25.01
C LEU C 839 41.61 -20.09 -24.53
N ILE C 840 40.72 -20.41 -25.48
CA ILE C 840 39.41 -20.96 -25.17
C ILE C 840 39.39 -22.40 -25.64
N LEU C 841 39.15 -23.35 -24.73
CA LEU C 841 39.05 -24.77 -25.05
C LEU C 841 37.60 -25.16 -25.19
N ARG C 842 37.24 -25.64 -26.37
CA ARG C 842 35.89 -26.01 -26.69
C ARG C 842 35.42 -27.31 -26.10
N LYS C 843 34.25 -27.24 -25.45
CA LYS C 843 33.47 -28.38 -25.02
C LYS C 843 34.28 -29.61 -24.54
N PRO C 844 35.03 -29.48 -23.43
CA PRO C 844 35.67 -30.68 -22.86
C PRO C 844 34.69 -31.86 -22.72
N GLY C 845 33.46 -31.58 -22.32
CA GLY C 845 32.39 -32.57 -22.28
C GLY C 845 32.39 -33.60 -21.17
N VAL C 846 33.26 -33.39 -20.17
CA VAL C 846 33.49 -34.32 -19.09
C VAL C 846 32.65 -33.97 -17.83
N SER C 847 32.23 -35.00 -17.09
CA SER C 847 31.50 -34.83 -15.87
C SER C 847 32.35 -34.13 -14.85
N VAL C 848 31.71 -33.20 -14.11
CA VAL C 848 32.39 -32.51 -13.01
C VAL C 848 32.79 -33.52 -11.88
N ALA C 849 32.09 -34.67 -11.78
CA ALA C 849 32.39 -35.70 -10.77
C ALA C 849 33.62 -36.58 -11.13
N SER C 850 34.15 -36.45 -12.35
CA SER C 850 35.27 -37.25 -12.81
C SER C 850 36.60 -36.59 -12.73
N ASP C 851 37.60 -37.45 -12.66
CA ASP C 851 39.00 -37.06 -12.72
C ASP C 851 39.32 -36.87 -14.18
N TRP C 852 40.04 -35.80 -14.52
CA TRP C 852 40.43 -35.60 -15.90
C TRP C 852 41.65 -34.72 -15.99
N SER C 853 42.29 -34.75 -17.14
CA SER C 853 43.46 -33.96 -17.43
C SER C 853 43.39 -33.45 -18.86
N ILE C 854 43.77 -32.19 -19.08
CA ILE C 854 43.83 -31.58 -20.40
C ILE C 854 45.27 -31.16 -20.60
N HIS C 855 45.90 -31.60 -21.68
CA HIS C 855 47.30 -31.24 -21.96
C HIS C 855 47.37 -30.35 -23.18
N LEU C 856 48.11 -29.23 -23.05
CA LEU C 856 48.32 -28.30 -24.16
C LEU C 856 49.68 -28.61 -24.79
N ARG C 857 49.68 -29.01 -26.06
CA ARG C 857 50.90 -29.31 -26.85
C ARG C 857 51.22 -30.82 -26.69
N LYS D 1 27.46 -31.04 -47.03
CA LYS D 1 27.85 -29.63 -46.93
C LYS D 1 27.69 -29.11 -45.48
N PRO D 2 28.49 -28.09 -45.07
CA PRO D 2 28.42 -27.61 -43.69
C PRO D 2 27.27 -26.68 -43.37
N PHE D 3 27.07 -26.47 -42.06
CA PHE D 3 26.10 -25.50 -41.54
C PHE D 3 26.76 -24.12 -41.57
N THR D 4 26.04 -23.11 -42.08
CA THR D 4 26.53 -21.73 -42.10
C THR D 4 25.69 -20.91 -41.13
N CYS D 5 26.35 -20.23 -40.18
CA CYS D 5 25.71 -19.30 -39.23
C CYS D 5 24.75 -18.37 -40.02
N LEU D 6 23.57 -18.11 -39.53
CA LEU D 6 22.60 -17.26 -40.24
C LEU D 6 23.11 -15.84 -40.51
N ASP D 7 24.13 -15.38 -39.73
CA ASP D 7 24.77 -14.09 -39.95
C ASP D 7 25.84 -14.09 -41.05
N GLY D 8 26.17 -15.27 -41.61
CA GLY D 8 27.18 -15.39 -42.64
C GLY D 8 28.62 -15.13 -42.21
N THR D 9 28.91 -15.18 -40.89
CA THR D 9 30.26 -14.93 -40.37
C THR D 9 31.14 -16.20 -40.26
N ALA D 10 30.51 -17.41 -40.20
CA ALA D 10 31.27 -18.64 -40.08
C ALA D 10 30.53 -19.84 -40.62
N THR D 11 31.28 -20.91 -40.79
CA THR D 11 30.79 -22.17 -41.31
C THR D 11 31.37 -23.25 -40.43
N ILE D 12 30.51 -24.16 -39.95
CA ILE D 12 30.89 -25.25 -39.06
C ILE D 12 30.23 -26.54 -39.55
N PRO D 13 30.71 -27.73 -39.16
CA PRO D 13 29.99 -28.95 -39.58
C PRO D 13 28.64 -29.06 -38.89
N PHE D 14 27.72 -29.86 -39.46
CA PHE D 14 26.43 -30.06 -38.82
C PHE D 14 26.56 -30.84 -37.50
N ASP D 15 27.69 -31.56 -37.24
CA ASP D 15 27.82 -32.26 -35.97
C ASP D 15 28.11 -31.27 -34.82
N GLN D 16 28.29 -29.93 -35.14
CA GLN D 16 28.36 -28.82 -34.17
C GLN D 16 27.03 -28.02 -34.09
N VAL D 17 25.93 -28.48 -34.73
CA VAL D 17 24.58 -27.90 -34.63
C VAL D 17 23.80 -28.72 -33.59
N ASN D 18 23.24 -28.02 -32.54
CA ASN D 18 22.44 -28.66 -31.49
C ASN D 18 23.26 -29.61 -30.65
N ASP D 19 24.51 -29.26 -30.48
CA ASP D 19 25.42 -30.10 -29.73
C ASP D 19 25.64 -29.54 -28.33
N ASP D 20 24.84 -28.53 -27.94
CA ASP D 20 24.89 -27.93 -26.60
C ASP D 20 26.20 -27.22 -26.27
N TYR D 21 26.82 -26.64 -27.29
CA TYR D 21 27.99 -25.78 -27.17
C TYR D 21 27.81 -24.67 -28.21
N CYS D 22 27.90 -23.42 -27.77
CA CYS D 22 27.73 -22.29 -28.66
C CYS D 22 28.88 -22.14 -29.66
N ASP D 23 28.61 -22.27 -30.97
CA ASP D 23 29.68 -22.07 -31.94
C ASP D 23 29.53 -20.77 -32.76
N CYS D 24 28.29 -20.33 -33.05
CA CYS D 24 28.03 -19.11 -33.79
C CYS D 24 27.91 -17.93 -32.84
N LYS D 25 28.45 -16.73 -33.22
CA LYS D 25 28.33 -15.54 -32.39
C LYS D 25 26.88 -15.10 -32.28
N ASP D 26 26.04 -15.40 -33.30
CA ASP D 26 24.61 -15.04 -33.31
C ASP D 26 23.65 -16.09 -32.65
N GLY D 27 24.19 -17.23 -32.20
CA GLY D 27 23.40 -18.28 -31.56
C GLY D 27 22.57 -19.19 -32.45
N SER D 28 22.69 -19.04 -33.77
CA SER D 28 21.94 -19.81 -34.80
C SER D 28 22.31 -21.30 -34.90
N ASP D 29 23.46 -21.72 -34.27
CA ASP D 29 23.84 -23.13 -34.26
C ASP D 29 23.25 -23.91 -33.14
N GLU D 30 22.54 -23.29 -32.17
CA GLU D 30 21.95 -23.99 -31.04
C GLU D 30 20.45 -23.70 -30.92
N PRO D 31 19.67 -23.78 -32.04
CA PRO D 31 18.22 -23.45 -31.97
C PRO D 31 17.33 -24.28 -31.00
N GLY D 32 17.78 -25.51 -30.71
CA GLY D 32 17.08 -26.46 -29.86
C GLY D 32 17.63 -26.62 -28.45
N THR D 33 18.77 -25.99 -28.12
CA THR D 33 19.35 -26.05 -26.76
C THR D 33 19.41 -24.68 -26.01
N ALA D 34 20.00 -24.66 -24.79
CA ALA D 34 20.19 -23.45 -24.00
C ALA D 34 21.65 -22.99 -24.02
N ALA D 35 22.36 -23.45 -25.02
CA ALA D 35 23.80 -23.25 -25.17
C ALA D 35 24.20 -21.86 -25.52
N CYS D 36 23.44 -21.16 -26.39
CA CYS D 36 23.84 -19.81 -26.80
C CYS D 36 23.16 -18.73 -25.98
N PRO D 37 23.96 -17.70 -25.56
CA PRO D 37 23.40 -16.62 -24.72
C PRO D 37 22.49 -15.66 -25.48
N ASN D 38 22.59 -15.63 -26.83
CA ASN D 38 21.79 -14.76 -27.67
C ASN D 38 21.02 -15.58 -28.73
N GLY D 39 20.78 -16.86 -28.42
CA GLY D 39 20.01 -17.72 -29.31
C GLY D 39 18.54 -17.72 -28.93
N SER D 40 17.72 -18.37 -29.74
CA SER D 40 16.29 -18.45 -29.46
C SER D 40 15.73 -19.79 -29.81
N PHE D 41 14.63 -20.12 -29.13
CA PHE D 41 13.93 -21.35 -29.29
C PHE D 41 12.55 -21.00 -29.79
N HIS D 42 12.12 -21.68 -30.84
CA HIS D 42 10.82 -21.43 -31.46
C HIS D 42 9.82 -22.44 -30.94
N CYS D 43 8.74 -21.93 -30.32
CA CYS D 43 7.59 -22.70 -29.91
C CYS D 43 6.70 -22.59 -31.16
N THR D 44 6.42 -23.67 -31.85
CA THR D 44 5.54 -23.57 -33.02
C THR D 44 4.07 -23.30 -32.58
N ASN D 45 3.64 -23.99 -31.49
CA ASN D 45 2.32 -23.88 -30.89
C ASN D 45 1.22 -24.26 -31.90
N THR D 46 1.34 -25.49 -32.49
CA THR D 46 0.46 -26.04 -33.53
C THR D 46 -1.00 -25.74 -33.21
N GLY D 47 -1.67 -25.00 -34.09
CA GLY D 47 -3.06 -24.60 -33.91
C GLY D 47 -3.26 -23.26 -33.24
N TYR D 48 -2.17 -22.56 -32.84
CA TYR D 48 -2.22 -21.26 -32.15
C TYR D 48 -1.06 -20.37 -32.64
N LYS D 49 -0.93 -19.15 -32.09
CA LYS D 49 0.16 -18.25 -32.49
C LYS D 49 1.55 -18.75 -32.05
N PRO D 50 2.51 -18.85 -32.98
CA PRO D 50 3.87 -19.28 -32.58
C PRO D 50 4.61 -18.18 -31.84
N LEU D 51 5.67 -18.56 -31.13
CA LEU D 51 6.45 -17.66 -30.31
C LEU D 51 7.91 -18.08 -30.31
N TYR D 52 8.78 -17.10 -30.16
CA TYR D 52 10.19 -17.32 -30.03
C TYR D 52 10.54 -16.99 -28.59
N ILE D 53 11.29 -17.87 -27.87
CA ILE D 53 11.72 -17.63 -26.48
C ILE D 53 13.23 -17.55 -26.40
N LEU D 54 13.74 -17.11 -25.26
CA LEU D 54 15.18 -17.07 -25.04
C LEU D 54 15.72 -18.52 -24.93
N SER D 55 16.93 -18.75 -25.41
CA SER D 55 17.59 -20.03 -25.27
C SER D 55 17.71 -20.46 -23.79
N SER D 56 17.96 -19.48 -22.90
CA SER D 56 18.11 -19.76 -21.48
C SER D 56 16.84 -20.31 -20.86
N ARG D 57 15.71 -20.28 -21.58
CA ARG D 57 14.45 -20.80 -21.12
C ARG D 57 14.13 -22.17 -21.67
N VAL D 58 15.14 -22.78 -22.35
CA VAL D 58 15.02 -24.14 -22.88
C VAL D 58 15.49 -25.03 -21.78
N ASN D 59 14.61 -25.84 -21.23
CA ASN D 59 14.91 -26.77 -20.13
C ASN D 59 15.36 -26.09 -18.81
N ASP D 60 14.63 -25.03 -18.46
CA ASP D 60 14.86 -24.32 -17.22
C ASP D 60 13.90 -24.80 -16.14
N GLY D 61 13.02 -25.75 -16.47
CA GLY D 61 12.01 -26.28 -15.57
C GLY D 61 10.74 -25.47 -15.48
N VAL D 62 10.64 -24.39 -16.27
CA VAL D 62 9.50 -23.49 -16.33
C VAL D 62 8.82 -23.67 -17.70
N CYS D 63 7.50 -23.75 -17.73
CA CYS D 63 6.76 -23.90 -18.98
C CYS D 63 6.61 -22.55 -19.68
N ASP D 64 7.39 -22.32 -20.75
CA ASP D 64 7.33 -21.06 -21.51
C ASP D 64 6.45 -21.12 -22.76
N CYS D 65 6.42 -22.26 -23.46
CA CYS D 65 5.63 -22.45 -24.68
C CYS D 65 4.30 -23.01 -24.26
N CYS D 66 3.21 -22.57 -24.89
CA CYS D 66 1.92 -23.19 -24.58
C CYS D 66 1.91 -24.69 -25.00
N ASP D 67 2.72 -25.12 -26.02
CA ASP D 67 2.81 -26.57 -26.40
C ASP D 67 3.77 -27.38 -25.50
N GLY D 68 4.53 -26.70 -24.66
CA GLY D 68 5.45 -27.32 -23.71
C GLY D 68 6.73 -27.87 -24.30
N THR D 69 7.05 -27.55 -25.62
CA THR D 69 8.25 -28.11 -26.26
C THR D 69 9.58 -27.55 -25.76
N ASP D 70 9.52 -26.43 -25.02
CA ASP D 70 10.72 -25.80 -24.46
C ASP D 70 11.29 -26.62 -23.32
N GLU D 71 10.46 -27.54 -22.73
CA GLU D 71 10.84 -28.43 -21.63
C GLU D 71 10.79 -29.83 -22.15
N TYR D 72 11.93 -30.34 -22.62
CA TYR D 72 12.00 -31.71 -23.13
C TYR D 72 12.95 -32.61 -22.34
N ASN D 73 13.82 -32.07 -21.48
CA ASN D 73 14.76 -32.87 -20.66
C ASN D 73 15.05 -32.22 -19.29
N SER D 74 14.05 -31.57 -18.68
CA SER D 74 14.25 -30.86 -17.40
C SER D 74 13.64 -31.55 -16.18
N GLY D 75 12.72 -32.47 -16.37
CA GLY D 75 11.99 -33.02 -15.26
C GLY D 75 10.62 -32.37 -15.08
N THR D 76 10.43 -31.17 -15.62
CA THR D 76 9.13 -30.52 -15.62
C THR D 76 8.42 -31.04 -16.86
N VAL D 77 7.23 -31.61 -16.69
CA VAL D 77 6.43 -32.08 -17.81
C VAL D 77 5.35 -31.04 -17.97
N CYS D 78 5.40 -30.33 -19.10
CA CYS D 78 4.48 -29.26 -19.42
C CYS D 78 3.31 -29.79 -20.21
N GLU D 79 2.11 -29.37 -19.86
CA GLU D 79 0.91 -29.79 -20.59
C GLU D 79 0.65 -28.79 -21.69
N ASN D 80 -0.05 -29.21 -22.74
CA ASN D 80 -0.40 -28.30 -23.83
C ASN D 80 -1.55 -27.41 -23.34
N THR D 81 -1.33 -26.09 -23.29
CA THR D 81 -2.30 -25.11 -22.83
C THR D 81 -2.61 -24.09 -23.91
N CYS D 82 -2.41 -24.42 -25.20
CA CYS D 82 -2.63 -23.44 -26.26
C CYS D 82 -4.09 -23.04 -26.48
N ARG D 83 -5.06 -23.94 -26.20
CA ARG D 83 -6.50 -23.73 -26.38
C ARG D 83 -6.86 -23.46 -27.87
#